data_4N0Z
# 
_entry.id   4N0Z 
# 
_audit_conform.dict_name       mmcif_pdbx.dic 
_audit_conform.dict_version    5.398 
_audit_conform.dict_location   http://mmcif.pdb.org/dictionaries/ascii/mmcif_pdbx.dic 
# 
loop_
_database_2.database_id 
_database_2.database_code 
_database_2.pdbx_database_accession 
_database_2.pdbx_DOI 
PDB   4N0Z         pdb_00004n0z 10.2210/pdb4n0z/pdb 
RCSB  RCSB082614   ?            ?                   
WWPDB D_1000082614 ?            ?                   
# 
loop_
_pdbx_audit_revision_history.ordinal 
_pdbx_audit_revision_history.data_content_type 
_pdbx_audit_revision_history.major_revision 
_pdbx_audit_revision_history.minor_revision 
_pdbx_audit_revision_history.revision_date 
1 'Structure model' 1 0 2014-10-08 
2 'Structure model' 1 1 2017-11-15 
3 'Structure model' 1 2 2024-11-06 
# 
_pdbx_audit_revision_details.ordinal             1 
_pdbx_audit_revision_details.revision_ordinal    1 
_pdbx_audit_revision_details.data_content_type   'Structure model' 
_pdbx_audit_revision_details.provider            repository 
_pdbx_audit_revision_details.type                'Initial release' 
_pdbx_audit_revision_details.description         ? 
_pdbx_audit_revision_details.details             ? 
# 
loop_
_pdbx_audit_revision_group.ordinal 
_pdbx_audit_revision_group.revision_ordinal 
_pdbx_audit_revision_group.data_content_type 
_pdbx_audit_revision_group.group 
1 2 'Structure model' 'Refinement description' 
2 3 'Structure model' 'Data collection'        
3 3 'Structure model' 'Database references'    
4 3 'Structure model' 'Derived calculations'   
5 3 'Structure model' 'Structure summary'      
# 
loop_
_pdbx_audit_revision_category.ordinal 
_pdbx_audit_revision_category.revision_ordinal 
_pdbx_audit_revision_category.data_content_type 
_pdbx_audit_revision_category.category 
1 2 'Structure model' software                  
2 3 'Structure model' chem_comp_atom            
3 3 'Structure model' chem_comp_bond            
4 3 'Structure model' database_2                
5 3 'Structure model' pdbx_entry_details        
6 3 'Structure model' pdbx_modification_feature 
7 3 'Structure model' struct_site               
# 
loop_
_pdbx_audit_revision_item.ordinal 
_pdbx_audit_revision_item.revision_ordinal 
_pdbx_audit_revision_item.data_content_type 
_pdbx_audit_revision_item.item 
1 3 'Structure model' '_database_2.pdbx_DOI'                
2 3 'Structure model' '_database_2.pdbx_database_accession' 
3 3 'Structure model' '_struct_site.pdbx_auth_asym_id'      
4 3 'Structure model' '_struct_site.pdbx_auth_comp_id'      
5 3 'Structure model' '_struct_site.pdbx_auth_seq_id'       
# 
_pdbx_database_status.entry_id                        4N0Z 
_pdbx_database_status.status_code                     REL 
_pdbx_database_status.methods_development_category    ? 
_pdbx_database_status.deposit_site                    RCSB 
_pdbx_database_status.process_site                    PDBJ 
_pdbx_database_status.recvd_initial_deposition_date   2013-10-03 
_pdbx_database_status.status_code_sf                  REL 
_pdbx_database_status.status_code_mr                  ? 
_pdbx_database_status.SG_entry                        ? 
_pdbx_database_status.status_code_cs                  ? 
_pdbx_database_status.pdb_format_compatible           Y 
_pdbx_database_status.status_code_nmr_data            ? 
# 
loop_
_pdbx_database_related.db_name 
_pdbx_database_related.db_id 
_pdbx_database_related.details 
_pdbx_database_related.content_type 
PDB 4HJM . unspecified 
PDB 4MZB . unspecified 
PDB 4MZC . unspecified 
PDB 1KTE . unspecified 
PDB 3C1R . unspecified 
PDB 3CTG . unspecified 
PDB 4N10 . unspecified 
PDB 4N11 . unspecified 
# 
loop_
_audit_author.name 
_audit_author.pdbx_ordinal 
'Yogavel, M.' 1 
'Sharma, A.'  2 
# 
_citation.id                        primary 
_citation.title                     'Interaction of Cisplatin with plasmodium falciparum Glutaredoxin 1' 
_citation.journal_abbrev            'To be Published' 
_citation.journal_volume            ? 
_citation.page_first                ? 
_citation.page_last                 ? 
_citation.year                      ? 
_citation.journal_id_ASTM           ? 
_citation.country                   ? 
_citation.journal_id_ISSN           ? 
_citation.journal_id_CSD            0353 
_citation.book_publisher            ? 
_citation.pdbx_database_id_PubMed   ? 
_citation.pdbx_database_id_DOI      ? 
# 
loop_
_citation_author.citation_id 
_citation_author.name 
_citation_author.ordinal 
_citation_author.identifier_ORCID 
primary 'Yogavel, M.'  1 ? 
primary 'Tripathi, T.' 2 ? 
primary 'Rahlfs, S.'   3 ? 
primary 'Becker, K.'   4 ? 
primary 'Sharma, A.'   5 ? 
# 
loop_
_entity.id 
_entity.type 
_entity.src_method 
_entity.pdbx_description 
_entity.formula_weight 
_entity.pdbx_number_of_molecules 
_entity.pdbx_ec 
_entity.pdbx_mutation 
_entity.pdbx_fragment 
_entity.details 
1 polymer     man Glutaredoxin                           12436.457 1   1.20.4.1 ? ? ? 
2 non-polymer syn '3[N-MORPHOLINO]PROPANE SULFONIC ACID' 209.263   1   ?        ? ? ? 
3 non-polymer syn '(4S)-2-METHYL-2,4-PENTANEDIOL'        118.174   1   ?        ? ? ? 
4 non-polymer syn Cisplatin                              300.045   1   ?        ? ? ? 
5 water       nat water                                  18.015    107 ?        ? ? ? 
# 
_entity_name_com.entity_id   1 
_entity_name_com.name        'Glutaredoxin 1' 
# 
_entity_poly.entity_id                      1 
_entity_poly.type                           'polypeptide(L)' 
_entity_poly.nstd_linkage                   no 
_entity_poly.nstd_monomer                   no 
_entity_poly.pdbx_seq_one_letter_code       
;MAGTSEAVKKWVNKIIEENIIAVFAKTECPYCIKAISILKGYNLNSHMHVENIEKNPDMANIQAYLKELTGKSSVPRIFI
NKDVVGGCDDLVKENDEGKLKERLQKLGLVN
;
_entity_poly.pdbx_seq_one_letter_code_can   
;MAGTSEAVKKWVNKIIEENIIAVFAKTECPYCIKAISILKGYNLNSHMHVENIEKNPDMANIQAYLKELTGKSSVPRIFI
NKDVVGGCDDLVKENDEGKLKERLQKLGLVN
;
_entity_poly.pdbx_strand_id                 A 
_entity_poly.pdbx_target_identifier         ? 
# 
loop_
_pdbx_entity_nonpoly.entity_id 
_pdbx_entity_nonpoly.name 
_pdbx_entity_nonpoly.comp_id 
2 '3[N-MORPHOLINO]PROPANE SULFONIC ACID' MPO 
3 '(4S)-2-METHYL-2,4-PENTANEDIOL'        MPD 
4 Cisplatin                              CPT 
5 water                                  HOH 
# 
loop_
_entity_poly_seq.entity_id 
_entity_poly_seq.num 
_entity_poly_seq.mon_id 
_entity_poly_seq.hetero 
1 1   MET n 
1 2   ALA n 
1 3   GLY n 
1 4   THR n 
1 5   SER n 
1 6   GLU n 
1 7   ALA n 
1 8   VAL n 
1 9   LYS n 
1 10  LYS n 
1 11  TRP n 
1 12  VAL n 
1 13  ASN n 
1 14  LYS n 
1 15  ILE n 
1 16  ILE n 
1 17  GLU n 
1 18  GLU n 
1 19  ASN n 
1 20  ILE n 
1 21  ILE n 
1 22  ALA n 
1 23  VAL n 
1 24  PHE n 
1 25  ALA n 
1 26  LYS n 
1 27  THR n 
1 28  GLU n 
1 29  CYS n 
1 30  PRO n 
1 31  TYR n 
1 32  CYS n 
1 33  ILE n 
1 34  LYS n 
1 35  ALA n 
1 36  ILE n 
1 37  SER n 
1 38  ILE n 
1 39  LEU n 
1 40  LYS n 
1 41  GLY n 
1 42  TYR n 
1 43  ASN n 
1 44  LEU n 
1 45  ASN n 
1 46  SER n 
1 47  HIS n 
1 48  MET n 
1 49  HIS n 
1 50  VAL n 
1 51  GLU n 
1 52  ASN n 
1 53  ILE n 
1 54  GLU n 
1 55  LYS n 
1 56  ASN n 
1 57  PRO n 
1 58  ASP n 
1 59  MET n 
1 60  ALA n 
1 61  ASN n 
1 62  ILE n 
1 63  GLN n 
1 64  ALA n 
1 65  TYR n 
1 66  LEU n 
1 67  LYS n 
1 68  GLU n 
1 69  LEU n 
1 70  THR n 
1 71  GLY n 
1 72  LYS n 
1 73  SER n 
1 74  SER n 
1 75  VAL n 
1 76  PRO n 
1 77  ARG n 
1 78  ILE n 
1 79  PHE n 
1 80  ILE n 
1 81  ASN n 
1 82  LYS n 
1 83  ASP n 
1 84  VAL n 
1 85  VAL n 
1 86  GLY n 
1 87  GLY n 
1 88  CYS n 
1 89  ASP n 
1 90  ASP n 
1 91  LEU n 
1 92  VAL n 
1 93  LYS n 
1 94  GLU n 
1 95  ASN n 
1 96  ASP n 
1 97  GLU n 
1 98  GLY n 
1 99  LYS n 
1 100 LEU n 
1 101 LYS n 
1 102 GLU n 
1 103 ARG n 
1 104 LEU n 
1 105 GLN n 
1 106 LYS n 
1 107 LEU n 
1 108 GLY n 
1 109 LEU n 
1 110 VAL n 
1 111 ASN n 
# 
_entity_src_gen.entity_id                          1 
_entity_src_gen.pdbx_src_id                        1 
_entity_src_gen.pdbx_alt_source_flag               sample 
_entity_src_gen.pdbx_seq_type                      ? 
_entity_src_gen.pdbx_beg_seq_num                   ? 
_entity_src_gen.pdbx_end_seq_num                   ? 
_entity_src_gen.gene_src_common_name               ? 
_entity_src_gen.gene_src_genus                     ? 
_entity_src_gen.pdbx_gene_src_gene                 GRX1 
_entity_src_gen.gene_src_species                   ? 
_entity_src_gen.gene_src_strain                    3D7 
_entity_src_gen.gene_src_tissue                    ? 
_entity_src_gen.gene_src_tissue_fraction           ? 
_entity_src_gen.gene_src_details                   ? 
_entity_src_gen.pdbx_gene_src_fragment             ? 
_entity_src_gen.pdbx_gene_src_scientific_name      'Plasmodium falciparum' 
_entity_src_gen.pdbx_gene_src_ncbi_taxonomy_id     36329 
_entity_src_gen.pdbx_gene_src_variant              ? 
_entity_src_gen.pdbx_gene_src_cell_line            ? 
_entity_src_gen.pdbx_gene_src_atcc                 ? 
_entity_src_gen.pdbx_gene_src_organ                ? 
_entity_src_gen.pdbx_gene_src_organelle            ? 
_entity_src_gen.pdbx_gene_src_cell                 ? 
_entity_src_gen.pdbx_gene_src_cellular_location    ? 
_entity_src_gen.host_org_common_name               ? 
_entity_src_gen.pdbx_host_org_scientific_name      'Escherichia coli' 
_entity_src_gen.pdbx_host_org_ncbi_taxonomy_id     562 
_entity_src_gen.host_org_genus                     ? 
_entity_src_gen.pdbx_host_org_gene                 ? 
_entity_src_gen.pdbx_host_org_organ                ? 
_entity_src_gen.host_org_species                   ? 
_entity_src_gen.pdbx_host_org_tissue               ? 
_entity_src_gen.pdbx_host_org_tissue_fraction      ? 
_entity_src_gen.pdbx_host_org_strain               M15 
_entity_src_gen.pdbx_host_org_variant              ? 
_entity_src_gen.pdbx_host_org_cell_line            ? 
_entity_src_gen.pdbx_host_org_atcc                 ? 
_entity_src_gen.pdbx_host_org_culture_collection   ? 
_entity_src_gen.pdbx_host_org_cell                 ? 
_entity_src_gen.pdbx_host_org_organelle            ? 
_entity_src_gen.pdbx_host_org_cellular_location    ? 
_entity_src_gen.pdbx_host_org_vector_type          Plasmid 
_entity_src_gen.pdbx_host_org_vector               ? 
_entity_src_gen.host_org_details                   ? 
_entity_src_gen.expression_system_id               ? 
_entity_src_gen.plasmid_name                       pQE30 
_entity_src_gen.plasmid_details                    ? 
_entity_src_gen.pdbx_description                   ? 
# 
loop_
_chem_comp.id 
_chem_comp.type 
_chem_comp.mon_nstd_flag 
_chem_comp.name 
_chem_comp.pdbx_synonyms 
_chem_comp.formula 
_chem_comp.formula_weight 
ALA 'L-peptide linking' y ALANINE                                ?                            'C3 H7 N O2'     89.093  
ARG 'L-peptide linking' y ARGININE                               ?                            'C6 H15 N4 O2 1' 175.209 
ASN 'L-peptide linking' y ASPARAGINE                             ?                            'C4 H8 N2 O3'    132.118 
ASP 'L-peptide linking' y 'ASPARTIC ACID'                        ?                            'C4 H7 N O4'     133.103 
CPT non-polymer         . Cisplatin                              'diammine(dichloro)platinum' 'Cl2 H6 N2 Pt'   300.045 
CYS 'L-peptide linking' y CYSTEINE                               ?                            'C3 H7 N O2 S'   121.158 
GLN 'L-peptide linking' y GLUTAMINE                              ?                            'C5 H10 N2 O3'   146.144 
GLU 'L-peptide linking' y 'GLUTAMIC ACID'                        ?                            'C5 H9 N O4'     147.129 
GLY 'peptide linking'   y GLYCINE                                ?                            'C2 H5 N O2'     75.067  
HIS 'L-peptide linking' y HISTIDINE                              ?                            'C6 H10 N3 O2 1' 156.162 
HOH non-polymer         . WATER                                  ?                            'H2 O'           18.015  
ILE 'L-peptide linking' y ISOLEUCINE                             ?                            'C6 H13 N O2'    131.173 
LEU 'L-peptide linking' y LEUCINE                                ?                            'C6 H13 N O2'    131.173 
LYS 'L-peptide linking' y LYSINE                                 ?                            'C6 H15 N2 O2 1' 147.195 
MET 'L-peptide linking' y METHIONINE                             ?                            'C5 H11 N O2 S'  149.211 
MPD non-polymer         . '(4S)-2-METHYL-2,4-PENTANEDIOL'        ?                            'C6 H14 O2'      118.174 
MPO non-polymer         . '3[N-MORPHOLINO]PROPANE SULFONIC ACID' ?                            'C7 H15 N O4 S'  209.263 
PHE 'L-peptide linking' y PHENYLALANINE                          ?                            'C9 H11 N O2'    165.189 
PRO 'L-peptide linking' y PROLINE                                ?                            'C5 H9 N O2'     115.130 
SER 'L-peptide linking' y SERINE                                 ?                            'C3 H7 N O3'     105.093 
THR 'L-peptide linking' y THREONINE                              ?                            'C4 H9 N O3'     119.119 
TRP 'L-peptide linking' y TRYPTOPHAN                             ?                            'C11 H12 N2 O2'  204.225 
TYR 'L-peptide linking' y TYROSINE                               ?                            'C9 H11 N O3'    181.189 
VAL 'L-peptide linking' y VALINE                                 ?                            'C5 H11 N O2'    117.146 
# 
loop_
_pdbx_poly_seq_scheme.asym_id 
_pdbx_poly_seq_scheme.entity_id 
_pdbx_poly_seq_scheme.seq_id 
_pdbx_poly_seq_scheme.mon_id 
_pdbx_poly_seq_scheme.ndb_seq_num 
_pdbx_poly_seq_scheme.pdb_seq_num 
_pdbx_poly_seq_scheme.auth_seq_num 
_pdbx_poly_seq_scheme.pdb_mon_id 
_pdbx_poly_seq_scheme.auth_mon_id 
_pdbx_poly_seq_scheme.pdb_strand_id 
_pdbx_poly_seq_scheme.pdb_ins_code 
_pdbx_poly_seq_scheme.hetero 
A 1 1   MET 1   1   ?   ?   ?   A . n 
A 1 2   ALA 2   2   ?   ?   ?   A . n 
A 1 3   GLY 3   3   ?   ?   ?   A . n 
A 1 4   THR 4   4   ?   ?   ?   A . n 
A 1 5   SER 5   5   5   SER SER A . n 
A 1 6   GLU 6   6   6   GLU GLU A . n 
A 1 7   ALA 7   7   7   ALA ALA A . n 
A 1 8   VAL 8   8   8   VAL VAL A . n 
A 1 9   LYS 9   9   9   LYS LYS A . n 
A 1 10  LYS 10  10  10  LYS LYS A . n 
A 1 11  TRP 11  11  11  TRP TRP A . n 
A 1 12  VAL 12  12  12  VAL VAL A . n 
A 1 13  ASN 13  13  13  ASN ASN A . n 
A 1 14  LYS 14  14  14  LYS LYS A . n 
A 1 15  ILE 15  15  15  ILE ILE A . n 
A 1 16  ILE 16  16  16  ILE ILE A . n 
A 1 17  GLU 17  17  17  GLU GLU A . n 
A 1 18  GLU 18  18  18  GLU GLU A . n 
A 1 19  ASN 19  19  19  ASN ASN A . n 
A 1 20  ILE 20  20  20  ILE ILE A . n 
A 1 21  ILE 21  21  21  ILE ILE A . n 
A 1 22  ALA 22  22  22  ALA ALA A . n 
A 1 23  VAL 23  23  23  VAL VAL A . n 
A 1 24  PHE 24  24  24  PHE PHE A . n 
A 1 25  ALA 25  25  25  ALA ALA A . n 
A 1 26  LYS 26  26  26  LYS LYS A . n 
A 1 27  THR 27  27  27  THR THR A . n 
A 1 28  GLU 28  28  28  GLU GLU A . n 
A 1 29  CYS 29  29  29  CYS CYS A . n 
A 1 30  PRO 30  30  30  PRO PRO A . n 
A 1 31  TYR 31  31  31  TYR TYR A . n 
A 1 32  CYS 32  32  32  CYS CYS A . n 
A 1 33  ILE 33  33  33  ILE ILE A . n 
A 1 34  LYS 34  34  34  LYS LYS A . n 
A 1 35  ALA 35  35  35  ALA ALA A . n 
A 1 36  ILE 36  36  36  ILE ILE A . n 
A 1 37  SER 37  37  37  SER SER A . n 
A 1 38  ILE 38  38  38  ILE ILE A . n 
A 1 39  LEU 39  39  39  LEU LEU A . n 
A 1 40  LYS 40  40  40  LYS LYS A . n 
A 1 41  GLY 41  41  41  GLY GLY A . n 
A 1 42  TYR 42  42  42  TYR TYR A . n 
A 1 43  ASN 43  43  43  ASN ASN A . n 
A 1 44  LEU 44  44  44  LEU LEU A . n 
A 1 45  ASN 45  45  45  ASN ASN A . n 
A 1 46  SER 46  46  46  SER SER A . n 
A 1 47  HIS 47  47  47  HIS HIS A . n 
A 1 48  MET 48  48  48  MET MET A . n 
A 1 49  HIS 49  49  49  HIS HIS A . n 
A 1 50  VAL 50  50  50  VAL VAL A . n 
A 1 51  GLU 51  51  51  GLU GLU A . n 
A 1 52  ASN 52  52  52  ASN ASN A . n 
A 1 53  ILE 53  53  53  ILE ILE A . n 
A 1 54  GLU 54  54  54  GLU GLU A . n 
A 1 55  LYS 55  55  55  LYS LYS A . n 
A 1 56  ASN 56  56  56  ASN ASN A . n 
A 1 57  PRO 57  57  57  PRO PRO A . n 
A 1 58  ASP 58  58  58  ASP ASP A . n 
A 1 59  MET 59  59  59  MET MET A . n 
A 1 60  ALA 60  60  60  ALA ALA A . n 
A 1 61  ASN 61  61  61  ASN ASN A . n 
A 1 62  ILE 62  62  62  ILE ILE A . n 
A 1 63  GLN 63  63  63  GLN GLN A . n 
A 1 64  ALA 64  64  64  ALA ALA A . n 
A 1 65  TYR 65  65  65  TYR TYR A . n 
A 1 66  LEU 66  66  66  LEU LEU A . n 
A 1 67  LYS 67  67  67  LYS LYS A . n 
A 1 68  GLU 68  68  68  GLU GLU A . n 
A 1 69  LEU 69  69  69  LEU LEU A . n 
A 1 70  THR 70  70  70  THR THR A . n 
A 1 71  GLY 71  71  71  GLY GLY A . n 
A 1 72  LYS 72  72  72  LYS LYS A . n 
A 1 73  SER 73  73  73  SER SER A . n 
A 1 74  SER 74  74  74  SER SER A . n 
A 1 75  VAL 75  75  75  VAL VAL A . n 
A 1 76  PRO 76  76  76  PRO PRO A . n 
A 1 77  ARG 77  77  77  ARG ARG A . n 
A 1 78  ILE 78  78  78  ILE ILE A . n 
A 1 79  PHE 79  79  79  PHE PHE A . n 
A 1 80  ILE 80  80  80  ILE ILE A . n 
A 1 81  ASN 81  81  81  ASN ASN A . n 
A 1 82  LYS 82  82  82  LYS LYS A . n 
A 1 83  ASP 83  83  83  ASP ASP A . n 
A 1 84  VAL 84  84  84  VAL VAL A . n 
A 1 85  VAL 85  85  85  VAL VAL A . n 
A 1 86  GLY 86  86  86  GLY GLY A . n 
A 1 87  GLY 87  87  87  GLY GLY A . n 
A 1 88  CYS 88  88  88  CYS CYS A . n 
A 1 89  ASP 89  89  89  ASP ASP A . n 
A 1 90  ASP 90  90  90  ASP ASP A . n 
A 1 91  LEU 91  91  91  LEU LEU A . n 
A 1 92  VAL 92  92  92  VAL VAL A . n 
A 1 93  LYS 93  93  93  LYS LYS A . n 
A 1 94  GLU 94  94  94  GLU GLU A . n 
A 1 95  ASN 95  95  95  ASN ASN A . n 
A 1 96  ASP 96  96  96  ASP ASP A . n 
A 1 97  GLU 97  97  97  GLU GLU A . n 
A 1 98  GLY 98  98  98  GLY GLY A . n 
A 1 99  LYS 99  99  99  LYS LYS A . n 
A 1 100 LEU 100 100 100 LEU LEU A . n 
A 1 101 LYS 101 101 101 LYS LYS A . n 
A 1 102 GLU 102 102 102 GLU GLU A . n 
A 1 103 ARG 103 103 103 ARG ARG A . n 
A 1 104 LEU 104 104 104 LEU LEU A . n 
A 1 105 GLN 105 105 105 GLN GLN A . n 
A 1 106 LYS 106 106 106 LYS LYS A . n 
A 1 107 LEU 107 107 107 LEU LEU A . n 
A 1 108 GLY 108 108 108 GLY GLY A . n 
A 1 109 LEU 109 109 109 LEU LEU A . n 
A 1 110 VAL 110 110 110 VAL VAL A . n 
A 1 111 ASN 111 111 111 ASN ASN A . n 
# 
loop_
_pdbx_nonpoly_scheme.asym_id 
_pdbx_nonpoly_scheme.entity_id 
_pdbx_nonpoly_scheme.mon_id 
_pdbx_nonpoly_scheme.ndb_seq_num 
_pdbx_nonpoly_scheme.pdb_seq_num 
_pdbx_nonpoly_scheme.auth_seq_num 
_pdbx_nonpoly_scheme.pdb_mon_id 
_pdbx_nonpoly_scheme.auth_mon_id 
_pdbx_nonpoly_scheme.pdb_strand_id 
_pdbx_nonpoly_scheme.pdb_ins_code 
B 2 MPO 1   201 1   MPO MPO A . 
C 3 MPD 1   202 1   MPD MPD A . 
D 4 CPT 1   203 1   CPT CPT A . 
E 5 HOH 1   301 1   HOH HOH A . 
E 5 HOH 2   302 2   HOH HOH A . 
E 5 HOH 3   303 3   HOH HOH A . 
E 5 HOH 4   304 4   HOH HOH A . 
E 5 HOH 5   305 5   HOH HOH A . 
E 5 HOH 6   306 6   HOH HOH A . 
E 5 HOH 7   307 7   HOH HOH A . 
E 5 HOH 8   308 8   HOH HOH A . 
E 5 HOH 9   309 9   HOH HOH A . 
E 5 HOH 10  310 10  HOH HOH A . 
E 5 HOH 11  311 11  HOH HOH A . 
E 5 HOH 12  312 12  HOH HOH A . 
E 5 HOH 13  313 13  HOH HOH A . 
E 5 HOH 14  314 14  HOH HOH A . 
E 5 HOH 15  315 15  HOH HOH A . 
E 5 HOH 16  316 16  HOH HOH A . 
E 5 HOH 17  317 17  HOH HOH A . 
E 5 HOH 18  318 18  HOH HOH A . 
E 5 HOH 19  319 19  HOH HOH A . 
E 5 HOH 20  320 20  HOH HOH A . 
E 5 HOH 21  321 21  HOH HOH A . 
E 5 HOH 22  322 22  HOH HOH A . 
E 5 HOH 23  323 23  HOH HOH A . 
E 5 HOH 24  324 24  HOH HOH A . 
E 5 HOH 25  325 25  HOH HOH A . 
E 5 HOH 26  326 26  HOH HOH A . 
E 5 HOH 27  327 27  HOH HOH A . 
E 5 HOH 28  328 28  HOH HOH A . 
E 5 HOH 29  329 29  HOH HOH A . 
E 5 HOH 30  330 30  HOH HOH A . 
E 5 HOH 31  331 31  HOH HOH A . 
E 5 HOH 32  332 32  HOH HOH A . 
E 5 HOH 33  333 33  HOH HOH A . 
E 5 HOH 34  334 34  HOH HOH A . 
E 5 HOH 35  335 35  HOH HOH A . 
E 5 HOH 36  336 36  HOH HOH A . 
E 5 HOH 37  337 37  HOH HOH A . 
E 5 HOH 38  338 38  HOH HOH A . 
E 5 HOH 39  339 39  HOH HOH A . 
E 5 HOH 40  340 40  HOH HOH A . 
E 5 HOH 41  341 41  HOH HOH A . 
E 5 HOH 42  342 42  HOH HOH A . 
E 5 HOH 43  343 43  HOH HOH A . 
E 5 HOH 44  344 44  HOH HOH A . 
E 5 HOH 45  345 45  HOH HOH A . 
E 5 HOH 46  346 46  HOH HOH A . 
E 5 HOH 47  347 47  HOH HOH A . 
E 5 HOH 48  348 48  HOH HOH A . 
E 5 HOH 49  349 49  HOH HOH A . 
E 5 HOH 50  350 50  HOH HOH A . 
E 5 HOH 51  351 51  HOH HOH A . 
E 5 HOH 52  352 52  HOH HOH A . 
E 5 HOH 53  353 53  HOH HOH A . 
E 5 HOH 54  354 54  HOH HOH A . 
E 5 HOH 55  355 55  HOH HOH A . 
E 5 HOH 56  356 56  HOH HOH A . 
E 5 HOH 57  357 57  HOH HOH A . 
E 5 HOH 58  358 58  HOH HOH A . 
E 5 HOH 59  359 59  HOH HOH A . 
E 5 HOH 60  360 60  HOH HOH A . 
E 5 HOH 61  361 61  HOH HOH A . 
E 5 HOH 62  362 62  HOH HOH A . 
E 5 HOH 63  363 63  HOH HOH A . 
E 5 HOH 64  364 64  HOH HOH A . 
E 5 HOH 65  365 65  HOH HOH A . 
E 5 HOH 66  366 66  HOH HOH A . 
E 5 HOH 67  367 67  HOH HOH A . 
E 5 HOH 68  368 68  HOH HOH A . 
E 5 HOH 69  369 69  HOH HOH A . 
E 5 HOH 70  370 70  HOH HOH A . 
E 5 HOH 71  371 71  HOH HOH A . 
E 5 HOH 72  372 72  HOH HOH A . 
E 5 HOH 73  373 73  HOH HOH A . 
E 5 HOH 74  374 74  HOH HOH A . 
E 5 HOH 75  375 75  HOH HOH A . 
E 5 HOH 76  376 76  HOH HOH A . 
E 5 HOH 77  377 77  HOH HOH A . 
E 5 HOH 78  378 78  HOH HOH A . 
E 5 HOH 79  379 79  HOH HOH A . 
E 5 HOH 80  380 80  HOH HOH A . 
E 5 HOH 81  381 81  HOH HOH A . 
E 5 HOH 82  382 82  HOH HOH A . 
E 5 HOH 83  383 83  HOH HOH A . 
E 5 HOH 84  384 84  HOH HOH A . 
E 5 HOH 85  385 85  HOH HOH A . 
E 5 HOH 86  386 86  HOH HOH A . 
E 5 HOH 87  387 87  HOH HOH A . 
E 5 HOH 88  388 88  HOH HOH A . 
E 5 HOH 89  389 89  HOH HOH A . 
E 5 HOH 90  390 90  HOH HOH A . 
E 5 HOH 91  391 91  HOH HOH A . 
E 5 HOH 92  392 92  HOH HOH A . 
E 5 HOH 93  393 93  HOH HOH A . 
E 5 HOH 94  394 94  HOH HOH A . 
E 5 HOH 95  395 95  HOH HOH A . 
E 5 HOH 96  396 96  HOH HOH A . 
E 5 HOH 97  397 97  HOH HOH A . 
E 5 HOH 98  398 98  HOH HOH A . 
E 5 HOH 99  399 99  HOH HOH A . 
E 5 HOH 100 400 100 HOH HOH A . 
E 5 HOH 101 401 101 HOH HOH A . 
E 5 HOH 102 402 102 HOH HOH A . 
E 5 HOH 103 403 103 HOH HOH A . 
E 5 HOH 104 404 104 HOH HOH A . 
E 5 HOH 105 405 105 HOH HOH A . 
E 5 HOH 106 406 106 HOH HOH A . 
E 5 HOH 107 407 107 HOH HOH A . 
# 
loop_
_pdbx_unobs_or_zero_occ_atoms.id 
_pdbx_unobs_or_zero_occ_atoms.PDB_model_num 
_pdbx_unobs_or_zero_occ_atoms.polymer_flag 
_pdbx_unobs_or_zero_occ_atoms.occupancy_flag 
_pdbx_unobs_or_zero_occ_atoms.auth_asym_id 
_pdbx_unobs_or_zero_occ_atoms.auth_comp_id 
_pdbx_unobs_or_zero_occ_atoms.auth_seq_id 
_pdbx_unobs_or_zero_occ_atoms.PDB_ins_code 
_pdbx_unobs_or_zero_occ_atoms.auth_atom_id 
_pdbx_unobs_or_zero_occ_atoms.label_alt_id 
_pdbx_unobs_or_zero_occ_atoms.label_asym_id 
_pdbx_unobs_or_zero_occ_atoms.label_comp_id 
_pdbx_unobs_or_zero_occ_atoms.label_seq_id 
_pdbx_unobs_or_zero_occ_atoms.label_atom_id 
1 1 Y 1 A GLU 6   ? CG  ? A GLU 6   CG  
2 1 Y 1 A GLU 6   ? CD  ? A GLU 6   CD  
3 1 Y 1 A GLU 6   ? OE1 ? A GLU 6   OE1 
4 1 Y 1 A GLU 6   ? OE2 ? A GLU 6   OE2 
5 1 Y 1 A ASN 111 ? CG  ? A ASN 111 CG  
6 1 Y 1 A ASN 111 ? OD1 ? A ASN 111 OD1 
7 1 Y 1 A ASN 111 ? ND2 ? A ASN 111 ND2 
# 
loop_
_software.pdbx_ordinal 
_software.name 
_software.version 
_software.date 
_software.type 
_software.contact_author 
_software.contact_author_email 
_software.classification 
_software.location 
_software.language 
_software.citation_id 
1 DENZO       .          ?                package 'Zbyszek Otwinowski' hkl@hkl-xray.com         'data reduction'  
http://www.hkl-xray.com/                  ?   ? 
2 SCALEPACK   .          ?                package 'Zbyszek Otwinowski' hkl@hkl-xray.com         'data scaling'    
http://www.hkl-xray.com/                  ?   ? 
3 PHENIX      1.8.1_1168 ?                package 'Paul D. Adams'      PDAdams@lbl.gov          refinement        
http://www.phenix-online.org/             C++ ? 
4 PDB_EXTRACT 3.11       'April 22, 2011' package PDB                  deposit@deposit.rcsb.org 'data extraction' 
http://sw-tools.pdb.org/apps/PDB_EXTRACT/ C++ ? 
5 MAR345dtb   .          ?                ?       ?                    ?                        'data collection' ? ?   ? 
6 HKL-2000    .          ?                ?       ?                    ?                        'data reduction'  ? ?   ? 
7 HKL-2000    .          ?                ?       ?                    ?                        'data scaling'    ? ?   ? 
8 AutoSol     .          ?                ?       ?                    ?                        phasing           ? ?   ? 
# 
_cell.length_a           48.400 
_cell.length_b           48.400 
_cell.length_c           82.612 
_cell.angle_alpha        90.000 
_cell.angle_beta         90.000 
_cell.angle_gamma        120.000 
_cell.entry_id           4N0Z 
_cell.pdbx_unique_axis   ? 
_cell.Z_PDB              6 
_cell.length_a_esd       ? 
_cell.length_b_esd       ? 
_cell.length_c_esd       ? 
_cell.angle_alpha_esd    ? 
_cell.angle_beta_esd     ? 
_cell.angle_gamma_esd    ? 
# 
_symmetry.space_group_name_H-M             'P 32 2 1' 
_symmetry.entry_id                         4N0Z 
_symmetry.Int_Tables_number                154 
_symmetry.pdbx_full_space_group_name_H-M   ? 
_symmetry.cell_setting                     ? 
_symmetry.space_group_name_Hall            ? 
# 
_exptl.crystals_number   1 
_exptl.entry_id          4N0Z 
_exptl.method            'X-RAY DIFFRACTION' 
# 
_exptl_crystal.id                    1 
_exptl_crystal.pdbx_mosaicity        0.582 
_exptl_crystal.pdbx_mosaicity_esd    ? 
_exptl_crystal.density_Matthews      2.25 
_exptl_crystal.density_diffrn        ? 
_exptl_crystal.density_meas          ? 
_exptl_crystal.density_meas_temp     ? 
_exptl_crystal.density_percent_sol   45.24 
_exptl_crystal.size_max              ? 
_exptl_crystal.size_mid              ? 
_exptl_crystal.size_min              ? 
_exptl_crystal.size_rad              ? 
_exptl_crystal.description           ? 
_exptl_crystal.F_000                 ? 
_exptl_crystal.preparation           ? 
# 
_exptl_crystal_grow.crystal_id      1 
_exptl_crystal_grow.method          'VAPOR DIFFUSION, HANGING DROP' 
_exptl_crystal_grow.pH              7.5 
_exptl_crystal_grow.temp            293 
_exptl_crystal_grow.pdbx_details    
;12.5%(W/V) PEG1000, 12.5%(W/V) PEG3350, 12.5%(V/V) MPD, 0.02M AMINO ACIDS, 0.1M MOPS/HEPES SODIUM,, pH 7.5, VAPOR DIFFUSION, HANGING DROP, temperature 293K
;
_exptl_crystal_grow.temp_details    ? 
_exptl_crystal_grow.pdbx_pH_range   . 
# 
_diffrn.id                     1 
_diffrn.ambient_temp           100 
_diffrn.ambient_temp_details   ? 
_diffrn.crystal_id             1 
# 
_diffrn_detector.diffrn_id              1 
_diffrn_detector.detector               'IMAGE PLATE' 
_diffrn_detector.type                   'MAR scanner 345 mm plate' 
_diffrn_detector.pdbx_collection_date   2012-06-26 
_diffrn_detector.details                mirrors 
# 
_diffrn_radiation.diffrn_id                        1 
_diffrn_radiation.pdbx_diffrn_protocol             'SINGLE WAVELENGTH' 
_diffrn_radiation.monochromator                    'SAGITALLY FOCUSED Si(111)' 
_diffrn_radiation.wavelength_id                    1 
_diffrn_radiation.pdbx_monochromatic_or_laue_m_l   M 
_diffrn_radiation.pdbx_scattering_type             x-ray 
# 
_diffrn_radiation_wavelength.id           1 
_diffrn_radiation_wavelength.wavelength   1.5418 
_diffrn_radiation_wavelength.wt           1.0 
# 
_diffrn_source.diffrn_id                   1 
_diffrn_source.source                      'ROTATING ANODE' 
_diffrn_source.type                        'RIGAKU MICROMAX-007' 
_diffrn_source.pdbx_wavelength_list        1.5418 
_diffrn_source.pdbx_wavelength             ? 
_diffrn_source.pdbx_synchrotron_site       ? 
_diffrn_source.pdbx_synchrotron_beamline   ? 
# 
_reflns.entry_id                     4N0Z 
_reflns.d_resolution_high            1.700 
_reflns.d_resolution_low             50.000 
_reflns.number_obs                   12755 
_reflns.pdbx_Rmerge_I_obs            0.046 
_reflns.pdbx_netI_over_sigmaI        18.200 
_reflns.pdbx_chi_squared             1.463 
_reflns.pdbx_redundancy              22.300 
_reflns.percent_possible_obs         99.000 
_reflns.B_iso_Wilson_estimate        22.370 
_reflns.observed_criterion_sigma_F   2.0 
_reflns.observed_criterion_sigma_I   2.0 
_reflns.number_all                   12884 
_reflns.pdbx_Rsym_value              ? 
_reflns.R_free_details               ? 
_reflns.limit_h_max                  ? 
_reflns.limit_h_min                  ? 
_reflns.limit_k_max                  ? 
_reflns.limit_k_min                  ? 
_reflns.limit_l_max                  ? 
_reflns.limit_l_min                  ? 
_reflns.observed_criterion_F_max     ? 
_reflns.observed_criterion_F_min     ? 
_reflns.pdbx_scaling_rejects         ? 
_reflns.pdbx_ordinal                 1 
_reflns.pdbx_diffrn_id               1 
# 
loop_
_reflns_shell.d_res_high 
_reflns_shell.d_res_low 
_reflns_shell.number_measured_obs 
_reflns_shell.number_measured_all 
_reflns_shell.number_unique_obs 
_reflns_shell.pdbx_rejects 
_reflns_shell.Rmerge_I_obs 
_reflns_shell.meanI_over_sigI_obs 
_reflns_shell.pdbx_Rsym_value 
_reflns_shell.pdbx_chi_squared 
_reflns_shell.pdbx_redundancy 
_reflns_shell.percent_possible_obs 
_reflns_shell.pdbx_netI_over_sigmaI_obs 
_reflns_shell.number_possible 
_reflns_shell.number_unique_all 
_reflns_shell.Rmerge_F_all 
_reflns_shell.Rmerge_F_obs 
_reflns_shell.Rmerge_I_all 
_reflns_shell.meanI_over_sigI_all 
_reflns_shell.percent_possible_all 
_reflns_shell.pdbx_Rrim_I_all 
_reflns_shell.pdbx_Rpim_I_all 
_reflns_shell.pdbx_ordinal 
_reflns_shell.pdbx_diffrn_id 
1.700 1.730  ? ? ? ? 0.392 ? ? 1.121 22.200 ? ? ? 644 ? ? ? ? 97.600  ? ? 1  1 
1.730 1.760  ? ? ? ? 0.338 ? ? 1.187 21.900 ? ? ? 580 ? ? ? ? 97.500  ? ? 2  1 
1.760 1.790  ? ? ? ? 0.286 ? ? 1.227 22.400 ? ? ? 624 ? ? ? ? 97.800  ? ? 3  1 
1.790 1.830  ? ? ? ? 0.258 ? ? 1.266 22.100 ? ? ? 617 ? ? ? ? 98.200  ? ? 4  1 
1.830 1.870  ? ? ? ? 0.205 ? ? 1.293 22.300 ? ? ? 630 ? ? ? ? 98.600  ? ? 5  1 
1.870 1.910  ? ? ? ? 0.175 ? ? 1.402 22.300 ? ? ? 610 ? ? ? ? 98.400  ? ? 6  1 
1.910 1.960  ? ? ? ? 0.152 ? ? 1.494 22.400 ? ? ? 624 ? ? ? ? 98.600  ? ? 7  1 
1.960 2.020  ? ? ? ? 0.125 ? ? 1.499 22.300 ? ? ? 636 ? ? ? ? 98.600  ? ? 8  1 
2.020 2.070  ? ? ? ? 0.108 ? ? 1.524 22.400 ? ? ? 615 ? ? ? ? 99.000  ? ? 9  1 
2.070 2.140  ? ? ? ? 0.091 ? ? 1.588 22.500 ? ? ? 630 ? ? ? ? 99.200  ? ? 10 1 
2.140 2.220  ? ? ? ? 0.079 ? ? 1.603 22.200 ? ? ? 633 ? ? ? ? 99.500  ? ? 11 1 
2.220 2.310  ? ? ? ? 0.071 ? ? 1.567 22.600 ? ? ? 638 ? ? ? ? 99.100  ? ? 12 1 
2.310 2.410  ? ? ? ? 0.061 ? ? 1.563 22.700 ? ? ? 640 ? ? ? ? 99.700  ? ? 13 1 
2.410 2.540  ? ? ? ? 0.055 ? ? 1.487 22.400 ? ? ? 641 ? ? ? ? 99.700  ? ? 14 1 
2.540 2.700  ? ? ? ? 0.050 ? ? 1.542 22.500 ? ? ? 632 ? ? ? ? 99.700  ? ? 15 1 
2.700 2.910  ? ? ? ? 0.041 ? ? 1.496 22.500 ? ? ? 654 ? ? ? ? 100.000 ? ? 16 1 
2.910 3.200  ? ? ? ? 0.037 ? ? 1.514 22.500 ? ? ? 658 ? ? ? ? 100.000 ? ? 17 1 
3.200 3.660  ? ? ? ? 0.033 ? ? 1.564 22.500 ? ? ? 654 ? ? ? ? 100.000 ? ? 18 1 
3.660 4.610  ? ? ? ? 0.029 ? ? 1.581 22.100 ? ? ? 669 ? ? ? ? 100.000 ? ? 19 1 
4.610 50.000 ? ? ? ? 0.031 ? ? 1.678 20.600 ? ? ? 726 ? ? ? ? 99.000  ? ? 20 1 
# 
_refine.entry_id                                 4N0Z 
_refine.ls_d_res_high                            1.7000 
_refine.ls_d_res_low                             24.2000 
_refine.pdbx_ls_sigma_F                          1.360 
_refine.pdbx_data_cutoff_high_absF               ? 
_refine.pdbx_data_cutoff_low_absF                ? 
_refine.ls_percent_reflns_obs                    99.1400 
_refine.ls_number_reflns_obs                     12733 
_refine.ls_number_reflns_all                     12884 
_refine.pdbx_ls_cross_valid_method               ? 
_refine.pdbx_R_Free_selection_details            RANDOM 
_refine.details                                  ? 
_refine.ls_R_factor_all                          0.1558 
_refine.ls_R_factor_obs                          0.1558 
_refine.ls_R_factor_R_work                       0.1549 
_refine.ls_wR_factor_R_work                      ? 
_refine.ls_R_factor_R_free                       0.1715 
_refine.ls_wR_factor_R_free                      ? 
_refine.ls_percent_reflns_R_free                 4.8800 
_refine.ls_number_reflns_R_free                  621 
_refine.ls_R_factor_R_free_error                 ? 
_refine.B_iso_mean                               25.4990 
_refine.solvent_model_param_bsol                 ? 
_refine.solvent_model_param_ksol                 ? 
_refine.pdbx_isotropic_thermal_model             ? 
_refine.aniso_B[1][1]                            ? 
_refine.aniso_B[2][2]                            ? 
_refine.aniso_B[3][3]                            ? 
_refine.aniso_B[1][2]                            ? 
_refine.aniso_B[1][3]                            ? 
_refine.aniso_B[2][3]                            ? 
_refine.correlation_coeff_Fo_to_Fc               ? 
_refine.correlation_coeff_Fo_to_Fc_free          ? 
_refine.overall_SU_R_Cruickshank_DPI             ? 
_refine.overall_SU_R_free                        ? 
_refine.pdbx_overall_ESU_R                       ? 
_refine.pdbx_overall_ESU_R_Free                  ? 
_refine.overall_SU_ML                            0.1500 
_refine.overall_SU_B                             ? 
_refine.solvent_model_details                    'FLAT BULK SOLVENT MODEL' 
_refine.pdbx_solvent_vdw_probe_radii             1.1100 
_refine.pdbx_solvent_ion_probe_radii             ? 
_refine.pdbx_solvent_shrinkage_radii             0.9000 
_refine.ls_number_parameters                     ? 
_refine.ls_number_restraints                     ? 
_refine.pdbx_starting_model                      ? 
_refine.pdbx_method_to_determine_struct          SAD 
_refine.pdbx_stereochemistry_target_values       ML 
_refine.pdbx_stereochem_target_val_spec_case     ? 
_refine.overall_FOM_work_R_set                   0.8827 
_refine.B_iso_max                                89.730 
_refine.B_iso_min                                12.960 
_refine.pdbx_overall_phase_error                 17.5900 
_refine.occupancy_max                            1.000 
_refine.occupancy_min                            0.260 
_refine.pdbx_ls_sigma_I                          ? 
_refine.ls_redundancy_reflns_obs                 ? 
_refine.ls_R_factor_R_free_error_details         ? 
_refine.pdbx_data_cutoff_high_rms_absF           ? 
_refine.overall_FOM_free_R_set                   ? 
_refine.pdbx_diffrn_id                           1 
_refine.pdbx_refine_id                           'X-RAY DIFFRACTION' 
_refine.pdbx_TLS_residual_ADP_flag               ? 
_refine.pdbx_overall_SU_R_free_Cruickshank_DPI   ? 
_refine.pdbx_overall_SU_R_Blow_DPI               ? 
_refine.pdbx_overall_SU_R_free_Blow_DPI          ? 
# 
_refine_hist.pdbx_refine_id                   'X-RAY DIFFRACTION' 
_refine_hist.cycle_id                         LAST 
_refine_hist.pdbx_number_atoms_protein        838 
_refine_hist.pdbx_number_atoms_nucleic_acid   0 
_refine_hist.pdbx_number_atoms_ligand         24 
_refine_hist.number_atoms_solvent             107 
_refine_hist.number_atoms_total               969 
_refine_hist.d_res_high                       1.7000 
_refine_hist.d_res_low                        24.2000 
# 
loop_
_refine_ls_restr.type 
_refine_ls_restr.number 
_refine_ls_restr.dev_ideal 
_refine_ls_restr.dev_ideal_target 
_refine_ls_restr.weight 
_refine_ls_restr.pdbx_restraint_function 
_refine_ls_restr.pdbx_refine_id 
f_bond_d           942  0.008  ? ? ? 'X-RAY DIFFRACTION' 
f_angle_d          1277 1.162  ? ? ? 'X-RAY DIFFRACTION' 
f_chiral_restr     142  0.076  ? ? ? 'X-RAY DIFFRACTION' 
f_plane_restr      165  0.004  ? ? ? 'X-RAY DIFFRACTION' 
f_dihedral_angle_d 382  12.963 ? ? ? 'X-RAY DIFFRACTION' 
# 
loop_
_refine_ls_shell.d_res_high 
_refine_ls_shell.d_res_low 
_refine_ls_shell.pdbx_total_number_of_bins_used 
_refine_ls_shell.percent_reflns_obs 
_refine_ls_shell.number_reflns_R_work 
_refine_ls_shell.R_factor_all 
_refine_ls_shell.R_factor_R_work 
_refine_ls_shell.R_factor_R_free 
_refine_ls_shell.percent_reflns_R_free 
_refine_ls_shell.number_reflns_R_free 
_refine_ls_shell.R_factor_R_free_error 
_refine_ls_shell.number_reflns_all 
_refine_ls_shell.number_reflns_obs 
_refine_ls_shell.pdbx_refine_id 
_refine_ls_shell.redundancy_reflns_obs 
1.7001 1.8711  4 98.0000  2928 . 0.1570 0.2035 . 171 . 3099 . 'X-RAY DIFFRACTION' . 
1.8711 2.1417  4 99.0000  2967 . 0.1489 0.2147 . 141 . 3108 . 'X-RAY DIFFRACTION' . 
2.1417 2.6977  4 100.0000 3034 . 0.1677 0.1402 . 149 . 3183 . 'X-RAY DIFFRACTION' . 
2.6977 24.2024 4 100.0000 3183 . 0.1505 0.1705 . 160 . 3343 . 'X-RAY DIFFRACTION' . 
# 
_struct.entry_id                  4N0Z 
_struct.title                     'Crystal structure of cisplatin bound to a plasmodium falciparum glutaredoxin 1 (PfGrx1)' 
_struct.pdbx_model_details        ? 
_struct.pdbx_CASP_flag            ? 
_struct.pdbx_model_type_details   ? 
# 
_struct_keywords.entry_id        4N0Z 
_struct_keywords.text            'Glutathione, Active site, TRX FOLD, Redox Enzyme, Pt-SAD, cisplatin, OXIDOREDUCTASE' 
_struct_keywords.pdbx_keywords   OXIDOREDUCTASE 
# 
loop_
_struct_asym.id 
_struct_asym.pdbx_blank_PDB_chainid_flag 
_struct_asym.pdbx_modified 
_struct_asym.entity_id 
_struct_asym.details 
A N N 1 ? 
B N N 2 ? 
C N N 3 ? 
D N N 4 ? 
E N N 5 ? 
# 
_struct_ref.id                         1 
_struct_ref.db_name                    UNP 
_struct_ref.db_code                    Q9NLB2_PLAF7 
_struct_ref.pdbx_db_accession          Q9NLB2 
_struct_ref.entity_id                  1 
_struct_ref.pdbx_seq_one_letter_code   
;MAGTSEAVKKWVNKIIEENIIAVFAKTECPYCIKAISILKGYNLNSHMHVENIEKNPDMANIQAYLKELTGKSSVPRIFI
NKDVVGGCDDLVKENDEGKLKERLQKLGLVN
;
_struct_ref.pdbx_align_begin           1 
_struct_ref.pdbx_db_isoform            ? 
# 
_struct_ref_seq.align_id                      1 
_struct_ref_seq.ref_id                        1 
_struct_ref_seq.pdbx_PDB_id_code              4N0Z 
_struct_ref_seq.pdbx_strand_id                A 
_struct_ref_seq.seq_align_beg                 1 
_struct_ref_seq.pdbx_seq_align_beg_ins_code   ? 
_struct_ref_seq.seq_align_end                 111 
_struct_ref_seq.pdbx_seq_align_end_ins_code   ? 
_struct_ref_seq.pdbx_db_accession             Q9NLB2 
_struct_ref_seq.db_align_beg                  1 
_struct_ref_seq.pdbx_db_align_beg_ins_code    ? 
_struct_ref_seq.db_align_end                  111 
_struct_ref_seq.pdbx_db_align_end_ins_code    ? 
_struct_ref_seq.pdbx_auth_seq_align_beg       1 
_struct_ref_seq.pdbx_auth_seq_align_end       111 
# 
_pdbx_struct_assembly.id                   1 
_pdbx_struct_assembly.details              author_and_software_defined_assembly 
_pdbx_struct_assembly.method_details       PISA 
_pdbx_struct_assembly.oligomeric_details   monomeric 
_pdbx_struct_assembly.oligomeric_count     1 
# 
_pdbx_struct_assembly_gen.assembly_id       1 
_pdbx_struct_assembly_gen.oper_expression   1 
_pdbx_struct_assembly_gen.asym_id_list      A,B,C,D,E 
# 
_pdbx_struct_oper_list.id                   1 
_pdbx_struct_oper_list.type                 'identity operation' 
_pdbx_struct_oper_list.name                 1_555 
_pdbx_struct_oper_list.symmetry_operation   x,y,z 
_pdbx_struct_oper_list.matrix[1][1]         1.0000000000 
_pdbx_struct_oper_list.matrix[1][2]         0.0000000000 
_pdbx_struct_oper_list.matrix[1][3]         0.0000000000 
_pdbx_struct_oper_list.vector[1]            0.0000000000 
_pdbx_struct_oper_list.matrix[2][1]         0.0000000000 
_pdbx_struct_oper_list.matrix[2][2]         1.0000000000 
_pdbx_struct_oper_list.matrix[2][3]         0.0000000000 
_pdbx_struct_oper_list.vector[2]            0.0000000000 
_pdbx_struct_oper_list.matrix[3][1]         0.0000000000 
_pdbx_struct_oper_list.matrix[3][2]         0.0000000000 
_pdbx_struct_oper_list.matrix[3][3]         1.0000000000 
_pdbx_struct_oper_list.vector[3]            0.0000000000 
# 
_struct_biol.id        1 
_struct_biol.details   ? 
# 
loop_
_struct_conf.conf_type_id 
_struct_conf.id 
_struct_conf.pdbx_PDB_helix_id 
_struct_conf.beg_label_comp_id 
_struct_conf.beg_label_asym_id 
_struct_conf.beg_label_seq_id 
_struct_conf.pdbx_beg_PDB_ins_code 
_struct_conf.end_label_comp_id 
_struct_conf.end_label_asym_id 
_struct_conf.end_label_seq_id 
_struct_conf.pdbx_end_PDB_ins_code 
_struct_conf.beg_auth_comp_id 
_struct_conf.beg_auth_asym_id 
_struct_conf.beg_auth_seq_id 
_struct_conf.end_auth_comp_id 
_struct_conf.end_auth_asym_id 
_struct_conf.end_auth_seq_id 
_struct_conf.pdbx_PDB_helix_class 
_struct_conf.details 
_struct_conf.pdbx_PDB_helix_length 
HELX_P HELX_P1 1 SER A 5  ? ASN A 19  ? SER A 5  ASN A 19  1 ? 15 
HELX_P HELX_P2 2 CYS A 29 ? GLY A 41  ? CYS A 29 GLY A 41  1 ? 13 
HELX_P HELX_P3 3 TYR A 42 ? ASN A 43  ? TYR A 42 ASN A 43  5 ? 2  
HELX_P HELX_P4 4 LEU A 44 ? SER A 46  ? LEU A 44 SER A 46  5 ? 3  
HELX_P HELX_P5 5 ASP A 58 ? GLY A 71  ? ASP A 58 GLY A 71  1 ? 14 
HELX_P HELX_P6 6 GLY A 87 ? GLU A 97  ? GLY A 87 GLU A 97  1 ? 11 
HELX_P HELX_P7 7 GLY A 98 ? LEU A 107 ? GLY A 98 LEU A 107 1 ? 10 
# 
_struct_conf_type.id          HELX_P 
_struct_conf_type.criteria    ? 
_struct_conf_type.reference   ? 
# 
loop_
_struct_conn.id 
_struct_conn.conn_type_id 
_struct_conn.pdbx_leaving_atom_flag 
_struct_conn.pdbx_PDB_id 
_struct_conn.ptnr1_label_asym_id 
_struct_conn.ptnr1_label_comp_id 
_struct_conn.ptnr1_label_seq_id 
_struct_conn.ptnr1_label_atom_id 
_struct_conn.pdbx_ptnr1_label_alt_id 
_struct_conn.pdbx_ptnr1_PDB_ins_code 
_struct_conn.pdbx_ptnr1_standard_comp_id 
_struct_conn.ptnr1_symmetry 
_struct_conn.ptnr2_label_asym_id 
_struct_conn.ptnr2_label_comp_id 
_struct_conn.ptnr2_label_seq_id 
_struct_conn.ptnr2_label_atom_id 
_struct_conn.pdbx_ptnr2_label_alt_id 
_struct_conn.pdbx_ptnr2_PDB_ins_code 
_struct_conn.ptnr1_auth_asym_id 
_struct_conn.ptnr1_auth_comp_id 
_struct_conn.ptnr1_auth_seq_id 
_struct_conn.ptnr2_auth_asym_id 
_struct_conn.ptnr2_auth_comp_id 
_struct_conn.ptnr2_auth_seq_id 
_struct_conn.ptnr2_symmetry 
_struct_conn.pdbx_ptnr3_label_atom_id 
_struct_conn.pdbx_ptnr3_label_seq_id 
_struct_conn.pdbx_ptnr3_label_comp_id 
_struct_conn.pdbx_ptnr3_label_asym_id 
_struct_conn.pdbx_ptnr3_label_alt_id 
_struct_conn.pdbx_ptnr3_PDB_ins_code 
_struct_conn.details 
_struct_conn.pdbx_dist_value 
_struct_conn.pdbx_value_order 
_struct_conn.pdbx_role 
disulf1 disulf ? ? A CYS 29 SG  ? ? ? 1_555 A CYS 32 SG  ? ? A CYS 29 A CYS 32  1_555 ? ? ? ? ? ? ? 2.057 ? ? 
metalc1 metalc ? ? A HIS 49 ND1 ? ? ? 1_555 D CPT .  PT1 ? ? A HIS 49 A CPT 203 1_555 ? ? ? ? ? ? ? 2.640 ? ? 
# 
loop_
_struct_conn_type.id 
_struct_conn_type.criteria 
_struct_conn_type.reference 
disulf ? ? 
metalc ? ? 
# 
loop_
_pdbx_struct_conn_angle.id 
_pdbx_struct_conn_angle.ptnr1_label_atom_id 
_pdbx_struct_conn_angle.ptnr1_label_alt_id 
_pdbx_struct_conn_angle.ptnr1_label_asym_id 
_pdbx_struct_conn_angle.ptnr1_label_comp_id 
_pdbx_struct_conn_angle.ptnr1_label_seq_id 
_pdbx_struct_conn_angle.ptnr1_auth_atom_id 
_pdbx_struct_conn_angle.ptnr1_auth_asym_id 
_pdbx_struct_conn_angle.ptnr1_auth_comp_id 
_pdbx_struct_conn_angle.ptnr1_auth_seq_id 
_pdbx_struct_conn_angle.ptnr1_PDB_ins_code 
_pdbx_struct_conn_angle.ptnr1_symmetry 
_pdbx_struct_conn_angle.ptnr2_label_atom_id 
_pdbx_struct_conn_angle.ptnr2_label_alt_id 
_pdbx_struct_conn_angle.ptnr2_label_asym_id 
_pdbx_struct_conn_angle.ptnr2_label_comp_id 
_pdbx_struct_conn_angle.ptnr2_label_seq_id 
_pdbx_struct_conn_angle.ptnr2_auth_atom_id 
_pdbx_struct_conn_angle.ptnr2_auth_asym_id 
_pdbx_struct_conn_angle.ptnr2_auth_comp_id 
_pdbx_struct_conn_angle.ptnr2_auth_seq_id 
_pdbx_struct_conn_angle.ptnr2_PDB_ins_code 
_pdbx_struct_conn_angle.ptnr2_symmetry 
_pdbx_struct_conn_angle.ptnr3_label_atom_id 
_pdbx_struct_conn_angle.ptnr3_label_alt_id 
_pdbx_struct_conn_angle.ptnr3_label_asym_id 
_pdbx_struct_conn_angle.ptnr3_label_comp_id 
_pdbx_struct_conn_angle.ptnr3_label_seq_id 
_pdbx_struct_conn_angle.ptnr3_auth_atom_id 
_pdbx_struct_conn_angle.ptnr3_auth_asym_id 
_pdbx_struct_conn_angle.ptnr3_auth_comp_id 
_pdbx_struct_conn_angle.ptnr3_auth_seq_id 
_pdbx_struct_conn_angle.ptnr3_PDB_ins_code 
_pdbx_struct_conn_angle.ptnr3_symmetry 
_pdbx_struct_conn_angle.value 
_pdbx_struct_conn_angle.value_esd 
1 ND1 ? A HIS 49 ? A HIS 49  ? 1_555 PT1 ? D CPT . ? A CPT 203 ? 1_555 N1  ? D CPT . ? A CPT 203 ? 1_555 178.3 ? 
2 ND1 ? A HIS 49 ? A HIS 49  ? 1_555 PT1 ? D CPT . ? A CPT 203 ? 1_555 CL1 ? D CPT . ? A CPT 203 ? 1_555 75.9  ? 
3 N1  ? D CPT .  ? A CPT 203 ? 1_555 PT1 ? D CPT . ? A CPT 203 ? 1_555 CL1 ? D CPT . ? A CPT 203 ? 1_555 102.7 ? 
# 
_pdbx_modification_feature.ordinal                            1 
_pdbx_modification_feature.label_comp_id                      CYS 
_pdbx_modification_feature.label_asym_id                      A 
_pdbx_modification_feature.label_seq_id                       29 
_pdbx_modification_feature.label_alt_id                       ? 
_pdbx_modification_feature.modified_residue_label_comp_id     CYS 
_pdbx_modification_feature.modified_residue_label_asym_id     A 
_pdbx_modification_feature.modified_residue_label_seq_id      32 
_pdbx_modification_feature.modified_residue_label_alt_id      ? 
_pdbx_modification_feature.auth_comp_id                       CYS 
_pdbx_modification_feature.auth_asym_id                       A 
_pdbx_modification_feature.auth_seq_id                        29 
_pdbx_modification_feature.PDB_ins_code                       ? 
_pdbx_modification_feature.symmetry                           1_555 
_pdbx_modification_feature.modified_residue_auth_comp_id      CYS 
_pdbx_modification_feature.modified_residue_auth_asym_id      A 
_pdbx_modification_feature.modified_residue_auth_seq_id       32 
_pdbx_modification_feature.modified_residue_PDB_ins_code      ? 
_pdbx_modification_feature.modified_residue_symmetry          1_555 
_pdbx_modification_feature.comp_id_linking_atom               SG 
_pdbx_modification_feature.modified_residue_id_linking_atom   SG 
_pdbx_modification_feature.modified_residue_id                . 
_pdbx_modification_feature.ref_pcm_id                         . 
_pdbx_modification_feature.ref_comp_id                        . 
_pdbx_modification_feature.type                               None 
_pdbx_modification_feature.category                           'Disulfide bridge' 
# 
_struct_mon_prot_cis.pdbx_id                1 
_struct_mon_prot_cis.label_comp_id          VAL 
_struct_mon_prot_cis.label_seq_id           75 
_struct_mon_prot_cis.label_asym_id          A 
_struct_mon_prot_cis.label_alt_id           . 
_struct_mon_prot_cis.pdbx_PDB_ins_code      ? 
_struct_mon_prot_cis.auth_comp_id           VAL 
_struct_mon_prot_cis.auth_seq_id            75 
_struct_mon_prot_cis.auth_asym_id           A 
_struct_mon_prot_cis.pdbx_label_comp_id_2   PRO 
_struct_mon_prot_cis.pdbx_label_seq_id_2    76 
_struct_mon_prot_cis.pdbx_label_asym_id_2   A 
_struct_mon_prot_cis.pdbx_PDB_ins_code_2    ? 
_struct_mon_prot_cis.pdbx_auth_comp_id_2    PRO 
_struct_mon_prot_cis.pdbx_auth_seq_id_2     76 
_struct_mon_prot_cis.pdbx_auth_asym_id_2    A 
_struct_mon_prot_cis.pdbx_PDB_model_num     1 
_struct_mon_prot_cis.pdbx_omega_angle       3.15 
# 
_struct_sheet.id               A 
_struct_sheet.type             ? 
_struct_sheet.number_strands   4 
_struct_sheet.details          ? 
# 
loop_
_struct_sheet_order.sheet_id 
_struct_sheet_order.range_id_1 
_struct_sheet_order.range_id_2 
_struct_sheet_order.offset 
_struct_sheet_order.sense 
A 1 2 ? parallel      
A 2 3 ? anti-parallel 
A 3 4 ? anti-parallel 
# 
loop_
_struct_sheet_range.sheet_id 
_struct_sheet_range.id 
_struct_sheet_range.beg_label_comp_id 
_struct_sheet_range.beg_label_asym_id 
_struct_sheet_range.beg_label_seq_id 
_struct_sheet_range.pdbx_beg_PDB_ins_code 
_struct_sheet_range.end_label_comp_id 
_struct_sheet_range.end_label_asym_id 
_struct_sheet_range.end_label_seq_id 
_struct_sheet_range.pdbx_end_PDB_ins_code 
_struct_sheet_range.beg_auth_comp_id 
_struct_sheet_range.beg_auth_asym_id 
_struct_sheet_range.beg_auth_seq_id 
_struct_sheet_range.end_auth_comp_id 
_struct_sheet_range.end_auth_asym_id 
_struct_sheet_range.end_auth_seq_id 
A 1 MET A 48 ? ASN A 52 ? MET A 48 ASN A 52 
A 2 ILE A 21 ? ALA A 25 ? ILE A 21 ALA A 25 
A 3 ARG A 77 ? ILE A 80 ? ARG A 77 ILE A 80 
A 4 ASP A 83 ? GLY A 86 ? ASP A 83 GLY A 86 
# 
loop_
_pdbx_struct_sheet_hbond.sheet_id 
_pdbx_struct_sheet_hbond.range_id_1 
_pdbx_struct_sheet_hbond.range_id_2 
_pdbx_struct_sheet_hbond.range_1_label_atom_id 
_pdbx_struct_sheet_hbond.range_1_label_comp_id 
_pdbx_struct_sheet_hbond.range_1_label_asym_id 
_pdbx_struct_sheet_hbond.range_1_label_seq_id 
_pdbx_struct_sheet_hbond.range_1_PDB_ins_code 
_pdbx_struct_sheet_hbond.range_1_auth_atom_id 
_pdbx_struct_sheet_hbond.range_1_auth_comp_id 
_pdbx_struct_sheet_hbond.range_1_auth_asym_id 
_pdbx_struct_sheet_hbond.range_1_auth_seq_id 
_pdbx_struct_sheet_hbond.range_2_label_atom_id 
_pdbx_struct_sheet_hbond.range_2_label_comp_id 
_pdbx_struct_sheet_hbond.range_2_label_asym_id 
_pdbx_struct_sheet_hbond.range_2_label_seq_id 
_pdbx_struct_sheet_hbond.range_2_PDB_ins_code 
_pdbx_struct_sheet_hbond.range_2_auth_atom_id 
_pdbx_struct_sheet_hbond.range_2_auth_comp_id 
_pdbx_struct_sheet_hbond.range_2_auth_asym_id 
_pdbx_struct_sheet_hbond.range_2_auth_seq_id 
A 1 2 O GLU A 51 ? O GLU A 51 N ALA A 25 ? N ALA A 25 
A 2 3 N ALA A 22 ? N ALA A 22 O PHE A 79 ? O PHE A 79 
A 3 4 N ILE A 78 ? N ILE A 78 O VAL A 85 ? O VAL A 85 
# 
loop_
_struct_site.id 
_struct_site.pdbx_evidence_code 
_struct_site.pdbx_auth_asym_id 
_struct_site.pdbx_auth_comp_id 
_struct_site.pdbx_auth_seq_id 
_struct_site.pdbx_auth_ins_code 
_struct_site.pdbx_num_residues 
_struct_site.details 
AC1 Software A MPO 201 ? 12 'BINDING SITE FOR RESIDUE MPO A 201' 
AC2 Software A MPD 202 ? 2  'BINDING SITE FOR RESIDUE MPD A 202' 
AC3 Software A CPT 203 ? 7  'BINDING SITE FOR RESIDUE CPT A 203' 
# 
loop_
_struct_site_gen.id 
_struct_site_gen.site_id 
_struct_site_gen.pdbx_num_res 
_struct_site_gen.label_comp_id 
_struct_site_gen.label_asym_id 
_struct_site_gen.label_seq_id 
_struct_site_gen.pdbx_auth_ins_code 
_struct_site_gen.auth_comp_id 
_struct_site_gen.auth_asym_id 
_struct_site_gen.auth_seq_id 
_struct_site_gen.label_atom_id 
_struct_site_gen.label_alt_id 
_struct_site_gen.symmetry 
_struct_site_gen.details 
1  AC1 12 SER A 5  ? SER A 5   . ? 4_655 ? 
2  AC1 12 LYS A 9  ? LYS A 9   . ? 4_655 ? 
3  AC1 12 TYR A 31 ? TYR A 31  . ? 1_555 ? 
4  AC1 12 TYR A 65 ? TYR A 65  . ? 4_655 ? 
5  AC1 12 GLU A 68 ? GLU A 68  . ? 4_655 ? 
6  AC1 12 PRO A 76 ? PRO A 76  . ? 1_555 ? 
7  AC1 12 GLY A 87 ? GLY A 87  . ? 1_555 ? 
8  AC1 12 CYS A 88 ? CYS A 88  . ? 1_555 ? 
9  AC1 12 ASP A 89 ? ASP A 89  . ? 1_555 ? 
10 AC1 12 HOH E .  ? HOH A 301 . ? 1_555 ? 
11 AC1 12 HOH E .  ? HOH A 311 . ? 1_555 ? 
12 AC1 12 HOH E .  ? HOH A 346 . ? 1_555 ? 
13 AC2 2  ASN A 13 ? ASN A 13  . ? 1_555 ? 
14 AC2 2  LYS A 82 ? LYS A 82  . ? 1_555 ? 
15 AC3 7  ASN A 19 ? ASN A 19  . ? 1_555 ? 
16 AC3 7  MET A 48 ? MET A 48  . ? 1_555 ? 
17 AC3 7  HIS A 49 ? HIS A 49  . ? 1_555 ? 
18 AC3 7  LYS A 67 ? LYS A 67  . ? 2_544 ? 
19 AC3 7  GLU A 68 ? GLU A 68  . ? 2_544 ? 
20 AC3 7  HOH E .  ? HOH A 381 . ? 1_555 ? 
21 AC3 7  HOH E .  ? HOH A 406 . ? 1_555 ? 
# 
_pdbx_entry_details.entry_id                   4N0Z 
_pdbx_entry_details.compound_details           ? 
_pdbx_entry_details.source_details             ? 
_pdbx_entry_details.nonpolymer_details         ? 
_pdbx_entry_details.sequence_details           ? 
_pdbx_entry_details.has_ligand_of_interest     ? 
_pdbx_entry_details.has_protein_modification   Y 
# 
loop_
_pdbx_validate_torsion.id 
_pdbx_validate_torsion.PDB_model_num 
_pdbx_validate_torsion.auth_comp_id 
_pdbx_validate_torsion.auth_asym_id 
_pdbx_validate_torsion.auth_seq_id 
_pdbx_validate_torsion.PDB_ins_code 
_pdbx_validate_torsion.label_alt_id 
_pdbx_validate_torsion.phi 
_pdbx_validate_torsion.psi 
1 1 LYS A 82 ? ? 69.63 -7.10 
2 1 LYS A 82 ? ? 69.60 -7.10 
# 
loop_
_pdbx_unobs_or_zero_occ_residues.id 
_pdbx_unobs_or_zero_occ_residues.PDB_model_num 
_pdbx_unobs_or_zero_occ_residues.polymer_flag 
_pdbx_unobs_or_zero_occ_residues.occupancy_flag 
_pdbx_unobs_or_zero_occ_residues.auth_asym_id 
_pdbx_unobs_or_zero_occ_residues.auth_comp_id 
_pdbx_unobs_or_zero_occ_residues.auth_seq_id 
_pdbx_unobs_or_zero_occ_residues.PDB_ins_code 
_pdbx_unobs_or_zero_occ_residues.label_asym_id 
_pdbx_unobs_or_zero_occ_residues.label_comp_id 
_pdbx_unobs_or_zero_occ_residues.label_seq_id 
1 1 Y 1 A MET 1 ? A MET 1 
2 1 Y 1 A ALA 2 ? A ALA 2 
3 1 Y 1 A GLY 3 ? A GLY 3 
4 1 Y 1 A THR 4 ? A THR 4 
# 
loop_
_chem_comp_atom.comp_id 
_chem_comp_atom.atom_id 
_chem_comp_atom.type_symbol 
_chem_comp_atom.pdbx_aromatic_flag 
_chem_comp_atom.pdbx_stereo_config 
_chem_comp_atom.pdbx_ordinal 
ALA N    N  N N 1   
ALA CA   C  N S 2   
ALA C    C  N N 3   
ALA O    O  N N 4   
ALA CB   C  N N 5   
ALA OXT  O  N N 6   
ALA H    H  N N 7   
ALA H2   H  N N 8   
ALA HA   H  N N 9   
ALA HB1  H  N N 10  
ALA HB2  H  N N 11  
ALA HB3  H  N N 12  
ALA HXT  H  N N 13  
ARG N    N  N N 14  
ARG CA   C  N S 15  
ARG C    C  N N 16  
ARG O    O  N N 17  
ARG CB   C  N N 18  
ARG CG   C  N N 19  
ARG CD   C  N N 20  
ARG NE   N  N N 21  
ARG CZ   C  N N 22  
ARG NH1  N  N N 23  
ARG NH2  N  N N 24  
ARG OXT  O  N N 25  
ARG H    H  N N 26  
ARG H2   H  N N 27  
ARG HA   H  N N 28  
ARG HB2  H  N N 29  
ARG HB3  H  N N 30  
ARG HG2  H  N N 31  
ARG HG3  H  N N 32  
ARG HD2  H  N N 33  
ARG HD3  H  N N 34  
ARG HE   H  N N 35  
ARG HH11 H  N N 36  
ARG HH12 H  N N 37  
ARG HH21 H  N N 38  
ARG HH22 H  N N 39  
ARG HXT  H  N N 40  
ASN N    N  N N 41  
ASN CA   C  N S 42  
ASN C    C  N N 43  
ASN O    O  N N 44  
ASN CB   C  N N 45  
ASN CG   C  N N 46  
ASN OD1  O  N N 47  
ASN ND2  N  N N 48  
ASN OXT  O  N N 49  
ASN H    H  N N 50  
ASN H2   H  N N 51  
ASN HA   H  N N 52  
ASN HB2  H  N N 53  
ASN HB3  H  N N 54  
ASN HD21 H  N N 55  
ASN HD22 H  N N 56  
ASN HXT  H  N N 57  
ASP N    N  N N 58  
ASP CA   C  N S 59  
ASP C    C  N N 60  
ASP O    O  N N 61  
ASP CB   C  N N 62  
ASP CG   C  N N 63  
ASP OD1  O  N N 64  
ASP OD2  O  N N 65  
ASP OXT  O  N N 66  
ASP H    H  N N 67  
ASP H2   H  N N 68  
ASP HA   H  N N 69  
ASP HB2  H  N N 70  
ASP HB3  H  N N 71  
ASP HD2  H  N N 72  
ASP HXT  H  N N 73  
CPT PT1  PT N N 74  
CPT N1   N  N N 75  
CPT N2   N  N N 76  
CPT H11  H  N N 77  
CPT H12  H  N N 78  
CPT H21  H  N N 79  
CPT H22  H  N N 80  
CPT CL2  CL N N 81  
CPT CL1  CL N N 82  
CPT H13  H  N N 83  
CPT H23  H  N N 84  
CYS N    N  N N 85  
CYS CA   C  N R 86  
CYS C    C  N N 87  
CYS O    O  N N 88  
CYS CB   C  N N 89  
CYS SG   S  N N 90  
CYS OXT  O  N N 91  
CYS H    H  N N 92  
CYS H2   H  N N 93  
CYS HA   H  N N 94  
CYS HB2  H  N N 95  
CYS HB3  H  N N 96  
CYS HG   H  N N 97  
CYS HXT  H  N N 98  
GLN N    N  N N 99  
GLN CA   C  N S 100 
GLN C    C  N N 101 
GLN O    O  N N 102 
GLN CB   C  N N 103 
GLN CG   C  N N 104 
GLN CD   C  N N 105 
GLN OE1  O  N N 106 
GLN NE2  N  N N 107 
GLN OXT  O  N N 108 
GLN H    H  N N 109 
GLN H2   H  N N 110 
GLN HA   H  N N 111 
GLN HB2  H  N N 112 
GLN HB3  H  N N 113 
GLN HG2  H  N N 114 
GLN HG3  H  N N 115 
GLN HE21 H  N N 116 
GLN HE22 H  N N 117 
GLN HXT  H  N N 118 
GLU N    N  N N 119 
GLU CA   C  N S 120 
GLU C    C  N N 121 
GLU O    O  N N 122 
GLU CB   C  N N 123 
GLU CG   C  N N 124 
GLU CD   C  N N 125 
GLU OE1  O  N N 126 
GLU OE2  O  N N 127 
GLU OXT  O  N N 128 
GLU H    H  N N 129 
GLU H2   H  N N 130 
GLU HA   H  N N 131 
GLU HB2  H  N N 132 
GLU HB3  H  N N 133 
GLU HG2  H  N N 134 
GLU HG3  H  N N 135 
GLU HE2  H  N N 136 
GLU HXT  H  N N 137 
GLY N    N  N N 138 
GLY CA   C  N N 139 
GLY C    C  N N 140 
GLY O    O  N N 141 
GLY OXT  O  N N 142 
GLY H    H  N N 143 
GLY H2   H  N N 144 
GLY HA2  H  N N 145 
GLY HA3  H  N N 146 
GLY HXT  H  N N 147 
HIS N    N  N N 148 
HIS CA   C  N S 149 
HIS C    C  N N 150 
HIS O    O  N N 151 
HIS CB   C  N N 152 
HIS CG   C  Y N 153 
HIS ND1  N  Y N 154 
HIS CD2  C  Y N 155 
HIS CE1  C  Y N 156 
HIS NE2  N  Y N 157 
HIS OXT  O  N N 158 
HIS H    H  N N 159 
HIS H2   H  N N 160 
HIS HA   H  N N 161 
HIS HB2  H  N N 162 
HIS HB3  H  N N 163 
HIS HD1  H  N N 164 
HIS HD2  H  N N 165 
HIS HE1  H  N N 166 
HIS HE2  H  N N 167 
HIS HXT  H  N N 168 
HOH O    O  N N 169 
HOH H1   H  N N 170 
HOH H2   H  N N 171 
ILE N    N  N N 172 
ILE CA   C  N S 173 
ILE C    C  N N 174 
ILE O    O  N N 175 
ILE CB   C  N S 176 
ILE CG1  C  N N 177 
ILE CG2  C  N N 178 
ILE CD1  C  N N 179 
ILE OXT  O  N N 180 
ILE H    H  N N 181 
ILE H2   H  N N 182 
ILE HA   H  N N 183 
ILE HB   H  N N 184 
ILE HG12 H  N N 185 
ILE HG13 H  N N 186 
ILE HG21 H  N N 187 
ILE HG22 H  N N 188 
ILE HG23 H  N N 189 
ILE HD11 H  N N 190 
ILE HD12 H  N N 191 
ILE HD13 H  N N 192 
ILE HXT  H  N N 193 
LEU N    N  N N 194 
LEU CA   C  N S 195 
LEU C    C  N N 196 
LEU O    O  N N 197 
LEU CB   C  N N 198 
LEU CG   C  N N 199 
LEU CD1  C  N N 200 
LEU CD2  C  N N 201 
LEU OXT  O  N N 202 
LEU H    H  N N 203 
LEU H2   H  N N 204 
LEU HA   H  N N 205 
LEU HB2  H  N N 206 
LEU HB3  H  N N 207 
LEU HG   H  N N 208 
LEU HD11 H  N N 209 
LEU HD12 H  N N 210 
LEU HD13 H  N N 211 
LEU HD21 H  N N 212 
LEU HD22 H  N N 213 
LEU HD23 H  N N 214 
LEU HXT  H  N N 215 
LYS N    N  N N 216 
LYS CA   C  N S 217 
LYS C    C  N N 218 
LYS O    O  N N 219 
LYS CB   C  N N 220 
LYS CG   C  N N 221 
LYS CD   C  N N 222 
LYS CE   C  N N 223 
LYS NZ   N  N N 224 
LYS OXT  O  N N 225 
LYS H    H  N N 226 
LYS H2   H  N N 227 
LYS HA   H  N N 228 
LYS HB2  H  N N 229 
LYS HB3  H  N N 230 
LYS HG2  H  N N 231 
LYS HG3  H  N N 232 
LYS HD2  H  N N 233 
LYS HD3  H  N N 234 
LYS HE2  H  N N 235 
LYS HE3  H  N N 236 
LYS HZ1  H  N N 237 
LYS HZ2  H  N N 238 
LYS HZ3  H  N N 239 
LYS HXT  H  N N 240 
MET N    N  N N 241 
MET CA   C  N S 242 
MET C    C  N N 243 
MET O    O  N N 244 
MET CB   C  N N 245 
MET CG   C  N N 246 
MET SD   S  N N 247 
MET CE   C  N N 248 
MET OXT  O  N N 249 
MET H    H  N N 250 
MET H2   H  N N 251 
MET HA   H  N N 252 
MET HB2  H  N N 253 
MET HB3  H  N N 254 
MET HG2  H  N N 255 
MET HG3  H  N N 256 
MET HE1  H  N N 257 
MET HE2  H  N N 258 
MET HE3  H  N N 259 
MET HXT  H  N N 260 
MPD C1   C  N N 261 
MPD C2   C  N N 262 
MPD O2   O  N N 263 
MPD CM   C  N N 264 
MPD C3   C  N N 265 
MPD C4   C  N S 266 
MPD O4   O  N N 267 
MPD C5   C  N N 268 
MPD H11  H  N N 269 
MPD H12  H  N N 270 
MPD H13  H  N N 271 
MPD HO2  H  N N 272 
MPD HM1  H  N N 273 
MPD HM2  H  N N 274 
MPD HM3  H  N N 275 
MPD H31  H  N N 276 
MPD H32  H  N N 277 
MPD H4   H  N N 278 
MPD HO4  H  N N 279 
MPD H51  H  N N 280 
MPD H52  H  N N 281 
MPD H53  H  N N 282 
MPO S1   S  N N 283 
MPO O1   O  N N 284 
MPO O2   O  N N 285 
MPO O4   O  N N 286 
MPO N1   N  N N 287 
MPO C1   C  N N 288 
MPO O3   O  N N 289 
MPO C2   C  N N 290 
MPO C3   C  N N 291 
MPO C4   C  N N 292 
MPO C5   C  N N 293 
MPO C6   C  N N 294 
MPO C7   C  N N 295 
MPO H11  H  N N 296 
MPO H12  H  N N 297 
MPO HO3  H  N N 298 
MPO H21  H  N N 299 
MPO H22  H  N N 300 
MPO H31  H  N N 301 
MPO H32  H  N N 302 
MPO H41  H  N N 303 
MPO H42  H  N N 304 
MPO H51  H  N N 305 
MPO H52  H  N N 306 
MPO H61  H  N N 307 
MPO H62  H  N N 308 
MPO H71  H  N N 309 
MPO H72  H  N N 310 
PHE N    N  N N 311 
PHE CA   C  N S 312 
PHE C    C  N N 313 
PHE O    O  N N 314 
PHE CB   C  N N 315 
PHE CG   C  Y N 316 
PHE CD1  C  Y N 317 
PHE CD2  C  Y N 318 
PHE CE1  C  Y N 319 
PHE CE2  C  Y N 320 
PHE CZ   C  Y N 321 
PHE OXT  O  N N 322 
PHE H    H  N N 323 
PHE H2   H  N N 324 
PHE HA   H  N N 325 
PHE HB2  H  N N 326 
PHE HB3  H  N N 327 
PHE HD1  H  N N 328 
PHE HD2  H  N N 329 
PHE HE1  H  N N 330 
PHE HE2  H  N N 331 
PHE HZ   H  N N 332 
PHE HXT  H  N N 333 
PRO N    N  N N 334 
PRO CA   C  N S 335 
PRO C    C  N N 336 
PRO O    O  N N 337 
PRO CB   C  N N 338 
PRO CG   C  N N 339 
PRO CD   C  N N 340 
PRO OXT  O  N N 341 
PRO H    H  N N 342 
PRO HA   H  N N 343 
PRO HB2  H  N N 344 
PRO HB3  H  N N 345 
PRO HG2  H  N N 346 
PRO HG3  H  N N 347 
PRO HD2  H  N N 348 
PRO HD3  H  N N 349 
PRO HXT  H  N N 350 
SER N    N  N N 351 
SER CA   C  N S 352 
SER C    C  N N 353 
SER O    O  N N 354 
SER CB   C  N N 355 
SER OG   O  N N 356 
SER OXT  O  N N 357 
SER H    H  N N 358 
SER H2   H  N N 359 
SER HA   H  N N 360 
SER HB2  H  N N 361 
SER HB3  H  N N 362 
SER HG   H  N N 363 
SER HXT  H  N N 364 
THR N    N  N N 365 
THR CA   C  N S 366 
THR C    C  N N 367 
THR O    O  N N 368 
THR CB   C  N R 369 
THR OG1  O  N N 370 
THR CG2  C  N N 371 
THR OXT  O  N N 372 
THR H    H  N N 373 
THR H2   H  N N 374 
THR HA   H  N N 375 
THR HB   H  N N 376 
THR HG1  H  N N 377 
THR HG21 H  N N 378 
THR HG22 H  N N 379 
THR HG23 H  N N 380 
THR HXT  H  N N 381 
TRP N    N  N N 382 
TRP CA   C  N S 383 
TRP C    C  N N 384 
TRP O    O  N N 385 
TRP CB   C  N N 386 
TRP CG   C  Y N 387 
TRP CD1  C  Y N 388 
TRP CD2  C  Y N 389 
TRP NE1  N  Y N 390 
TRP CE2  C  Y N 391 
TRP CE3  C  Y N 392 
TRP CZ2  C  Y N 393 
TRP CZ3  C  Y N 394 
TRP CH2  C  Y N 395 
TRP OXT  O  N N 396 
TRP H    H  N N 397 
TRP H2   H  N N 398 
TRP HA   H  N N 399 
TRP HB2  H  N N 400 
TRP HB3  H  N N 401 
TRP HD1  H  N N 402 
TRP HE1  H  N N 403 
TRP HE3  H  N N 404 
TRP HZ2  H  N N 405 
TRP HZ3  H  N N 406 
TRP HH2  H  N N 407 
TRP HXT  H  N N 408 
TYR N    N  N N 409 
TYR CA   C  N S 410 
TYR C    C  N N 411 
TYR O    O  N N 412 
TYR CB   C  N N 413 
TYR CG   C  Y N 414 
TYR CD1  C  Y N 415 
TYR CD2  C  Y N 416 
TYR CE1  C  Y N 417 
TYR CE2  C  Y N 418 
TYR CZ   C  Y N 419 
TYR OH   O  N N 420 
TYR OXT  O  N N 421 
TYR H    H  N N 422 
TYR H2   H  N N 423 
TYR HA   H  N N 424 
TYR HB2  H  N N 425 
TYR HB3  H  N N 426 
TYR HD1  H  N N 427 
TYR HD2  H  N N 428 
TYR HE1  H  N N 429 
TYR HE2  H  N N 430 
TYR HH   H  N N 431 
TYR HXT  H  N N 432 
VAL N    N  N N 433 
VAL CA   C  N S 434 
VAL C    C  N N 435 
VAL O    O  N N 436 
VAL CB   C  N N 437 
VAL CG1  C  N N 438 
VAL CG2  C  N N 439 
VAL OXT  O  N N 440 
VAL H    H  N N 441 
VAL H2   H  N N 442 
VAL HA   H  N N 443 
VAL HB   H  N N 444 
VAL HG11 H  N N 445 
VAL HG12 H  N N 446 
VAL HG13 H  N N 447 
VAL HG21 H  N N 448 
VAL HG22 H  N N 449 
VAL HG23 H  N N 450 
VAL HXT  H  N N 451 
# 
loop_
_chem_comp_bond.comp_id 
_chem_comp_bond.atom_id_1 
_chem_comp_bond.atom_id_2 
_chem_comp_bond.value_order 
_chem_comp_bond.pdbx_aromatic_flag 
_chem_comp_bond.pdbx_stereo_config 
_chem_comp_bond.pdbx_ordinal 
ALA N   CA   sing N N 1   
ALA N   H    sing N N 2   
ALA N   H2   sing N N 3   
ALA CA  C    sing N N 4   
ALA CA  CB   sing N N 5   
ALA CA  HA   sing N N 6   
ALA C   O    doub N N 7   
ALA C   OXT  sing N N 8   
ALA CB  HB1  sing N N 9   
ALA CB  HB2  sing N N 10  
ALA CB  HB3  sing N N 11  
ALA OXT HXT  sing N N 12  
ARG N   CA   sing N N 13  
ARG N   H    sing N N 14  
ARG N   H2   sing N N 15  
ARG CA  C    sing N N 16  
ARG CA  CB   sing N N 17  
ARG CA  HA   sing N N 18  
ARG C   O    doub N N 19  
ARG C   OXT  sing N N 20  
ARG CB  CG   sing N N 21  
ARG CB  HB2  sing N N 22  
ARG CB  HB3  sing N N 23  
ARG CG  CD   sing N N 24  
ARG CG  HG2  sing N N 25  
ARG CG  HG3  sing N N 26  
ARG CD  NE   sing N N 27  
ARG CD  HD2  sing N N 28  
ARG CD  HD3  sing N N 29  
ARG NE  CZ   sing N N 30  
ARG NE  HE   sing N N 31  
ARG CZ  NH1  sing N N 32  
ARG CZ  NH2  doub N N 33  
ARG NH1 HH11 sing N N 34  
ARG NH1 HH12 sing N N 35  
ARG NH2 HH21 sing N N 36  
ARG NH2 HH22 sing N N 37  
ARG OXT HXT  sing N N 38  
ASN N   CA   sing N N 39  
ASN N   H    sing N N 40  
ASN N   H2   sing N N 41  
ASN CA  C    sing N N 42  
ASN CA  CB   sing N N 43  
ASN CA  HA   sing N N 44  
ASN C   O    doub N N 45  
ASN C   OXT  sing N N 46  
ASN CB  CG   sing N N 47  
ASN CB  HB2  sing N N 48  
ASN CB  HB3  sing N N 49  
ASN CG  OD1  doub N N 50  
ASN CG  ND2  sing N N 51  
ASN ND2 HD21 sing N N 52  
ASN ND2 HD22 sing N N 53  
ASN OXT HXT  sing N N 54  
ASP N   CA   sing N N 55  
ASP N   H    sing N N 56  
ASP N   H2   sing N N 57  
ASP CA  C    sing N N 58  
ASP CA  CB   sing N N 59  
ASP CA  HA   sing N N 60  
ASP C   O    doub N N 61  
ASP C   OXT  sing N N 62  
ASP CB  CG   sing N N 63  
ASP CB  HB2  sing N N 64  
ASP CB  HB3  sing N N 65  
ASP CG  OD1  doub N N 66  
ASP CG  OD2  sing N N 67  
ASP OD2 HD2  sing N N 68  
ASP OXT HXT  sing N N 69  
CPT PT1 N1   sing N N 70  
CPT PT1 N2   sing N N 71  
CPT N1  H11  sing N N 72  
CPT N1  H12  sing N N 73  
CPT N1  H13  sing N N 74  
CPT N2  H21  sing N N 75  
CPT N2  H22  sing N N 76  
CPT N2  H23  sing N N 77  
CPT CL2 PT1  sing N N 78  
CPT CL1 PT1  sing N N 79  
CYS N   CA   sing N N 80  
CYS N   H    sing N N 81  
CYS N   H2   sing N N 82  
CYS CA  C    sing N N 83  
CYS CA  CB   sing N N 84  
CYS CA  HA   sing N N 85  
CYS C   O    doub N N 86  
CYS C   OXT  sing N N 87  
CYS CB  SG   sing N N 88  
CYS CB  HB2  sing N N 89  
CYS CB  HB3  sing N N 90  
CYS SG  HG   sing N N 91  
CYS OXT HXT  sing N N 92  
GLN N   CA   sing N N 93  
GLN N   H    sing N N 94  
GLN N   H2   sing N N 95  
GLN CA  C    sing N N 96  
GLN CA  CB   sing N N 97  
GLN CA  HA   sing N N 98  
GLN C   O    doub N N 99  
GLN C   OXT  sing N N 100 
GLN CB  CG   sing N N 101 
GLN CB  HB2  sing N N 102 
GLN CB  HB3  sing N N 103 
GLN CG  CD   sing N N 104 
GLN CG  HG2  sing N N 105 
GLN CG  HG3  sing N N 106 
GLN CD  OE1  doub N N 107 
GLN CD  NE2  sing N N 108 
GLN NE2 HE21 sing N N 109 
GLN NE2 HE22 sing N N 110 
GLN OXT HXT  sing N N 111 
GLU N   CA   sing N N 112 
GLU N   H    sing N N 113 
GLU N   H2   sing N N 114 
GLU CA  C    sing N N 115 
GLU CA  CB   sing N N 116 
GLU CA  HA   sing N N 117 
GLU C   O    doub N N 118 
GLU C   OXT  sing N N 119 
GLU CB  CG   sing N N 120 
GLU CB  HB2  sing N N 121 
GLU CB  HB3  sing N N 122 
GLU CG  CD   sing N N 123 
GLU CG  HG2  sing N N 124 
GLU CG  HG3  sing N N 125 
GLU CD  OE1  doub N N 126 
GLU CD  OE2  sing N N 127 
GLU OE2 HE2  sing N N 128 
GLU OXT HXT  sing N N 129 
GLY N   CA   sing N N 130 
GLY N   H    sing N N 131 
GLY N   H2   sing N N 132 
GLY CA  C    sing N N 133 
GLY CA  HA2  sing N N 134 
GLY CA  HA3  sing N N 135 
GLY C   O    doub N N 136 
GLY C   OXT  sing N N 137 
GLY OXT HXT  sing N N 138 
HIS N   CA   sing N N 139 
HIS N   H    sing N N 140 
HIS N   H2   sing N N 141 
HIS CA  C    sing N N 142 
HIS CA  CB   sing N N 143 
HIS CA  HA   sing N N 144 
HIS C   O    doub N N 145 
HIS C   OXT  sing N N 146 
HIS CB  CG   sing N N 147 
HIS CB  HB2  sing N N 148 
HIS CB  HB3  sing N N 149 
HIS CG  ND1  sing Y N 150 
HIS CG  CD2  doub Y N 151 
HIS ND1 CE1  doub Y N 152 
HIS ND1 HD1  sing N N 153 
HIS CD2 NE2  sing Y N 154 
HIS CD2 HD2  sing N N 155 
HIS CE1 NE2  sing Y N 156 
HIS CE1 HE1  sing N N 157 
HIS NE2 HE2  sing N N 158 
HIS OXT HXT  sing N N 159 
HOH O   H1   sing N N 160 
HOH O   H2   sing N N 161 
ILE N   CA   sing N N 162 
ILE N   H    sing N N 163 
ILE N   H2   sing N N 164 
ILE CA  C    sing N N 165 
ILE CA  CB   sing N N 166 
ILE CA  HA   sing N N 167 
ILE C   O    doub N N 168 
ILE C   OXT  sing N N 169 
ILE CB  CG1  sing N N 170 
ILE CB  CG2  sing N N 171 
ILE CB  HB   sing N N 172 
ILE CG1 CD1  sing N N 173 
ILE CG1 HG12 sing N N 174 
ILE CG1 HG13 sing N N 175 
ILE CG2 HG21 sing N N 176 
ILE CG2 HG22 sing N N 177 
ILE CG2 HG23 sing N N 178 
ILE CD1 HD11 sing N N 179 
ILE CD1 HD12 sing N N 180 
ILE CD1 HD13 sing N N 181 
ILE OXT HXT  sing N N 182 
LEU N   CA   sing N N 183 
LEU N   H    sing N N 184 
LEU N   H2   sing N N 185 
LEU CA  C    sing N N 186 
LEU CA  CB   sing N N 187 
LEU CA  HA   sing N N 188 
LEU C   O    doub N N 189 
LEU C   OXT  sing N N 190 
LEU CB  CG   sing N N 191 
LEU CB  HB2  sing N N 192 
LEU CB  HB3  sing N N 193 
LEU CG  CD1  sing N N 194 
LEU CG  CD2  sing N N 195 
LEU CG  HG   sing N N 196 
LEU CD1 HD11 sing N N 197 
LEU CD1 HD12 sing N N 198 
LEU CD1 HD13 sing N N 199 
LEU CD2 HD21 sing N N 200 
LEU CD2 HD22 sing N N 201 
LEU CD2 HD23 sing N N 202 
LEU OXT HXT  sing N N 203 
LYS N   CA   sing N N 204 
LYS N   H    sing N N 205 
LYS N   H2   sing N N 206 
LYS CA  C    sing N N 207 
LYS CA  CB   sing N N 208 
LYS CA  HA   sing N N 209 
LYS C   O    doub N N 210 
LYS C   OXT  sing N N 211 
LYS CB  CG   sing N N 212 
LYS CB  HB2  sing N N 213 
LYS CB  HB3  sing N N 214 
LYS CG  CD   sing N N 215 
LYS CG  HG2  sing N N 216 
LYS CG  HG3  sing N N 217 
LYS CD  CE   sing N N 218 
LYS CD  HD2  sing N N 219 
LYS CD  HD3  sing N N 220 
LYS CE  NZ   sing N N 221 
LYS CE  HE2  sing N N 222 
LYS CE  HE3  sing N N 223 
LYS NZ  HZ1  sing N N 224 
LYS NZ  HZ2  sing N N 225 
LYS NZ  HZ3  sing N N 226 
LYS OXT HXT  sing N N 227 
MET N   CA   sing N N 228 
MET N   H    sing N N 229 
MET N   H2   sing N N 230 
MET CA  C    sing N N 231 
MET CA  CB   sing N N 232 
MET CA  HA   sing N N 233 
MET C   O    doub N N 234 
MET C   OXT  sing N N 235 
MET CB  CG   sing N N 236 
MET CB  HB2  sing N N 237 
MET CB  HB3  sing N N 238 
MET CG  SD   sing N N 239 
MET CG  HG2  sing N N 240 
MET CG  HG3  sing N N 241 
MET SD  CE   sing N N 242 
MET CE  HE1  sing N N 243 
MET CE  HE2  sing N N 244 
MET CE  HE3  sing N N 245 
MET OXT HXT  sing N N 246 
MPD C1  C2   sing N N 247 
MPD C1  H11  sing N N 248 
MPD C1  H12  sing N N 249 
MPD C1  H13  sing N N 250 
MPD C2  O2   sing N N 251 
MPD C2  CM   sing N N 252 
MPD C2  C3   sing N N 253 
MPD O2  HO2  sing N N 254 
MPD CM  HM1  sing N N 255 
MPD CM  HM2  sing N N 256 
MPD CM  HM3  sing N N 257 
MPD C3  C4   sing N N 258 
MPD C3  H31  sing N N 259 
MPD C3  H32  sing N N 260 
MPD C4  O4   sing N N 261 
MPD C4  C5   sing N N 262 
MPD C4  H4   sing N N 263 
MPD O4  HO4  sing N N 264 
MPD C5  H51  sing N N 265 
MPD C5  H52  sing N N 266 
MPD C5  H53  sing N N 267 
MPO S1  O1   doub N N 268 
MPO S1  O2   doub N N 269 
MPO S1  C1   sing N N 270 
MPO S1  O3   sing N N 271 
MPO O4  C5   sing N N 272 
MPO O4  C6   sing N N 273 
MPO N1  C3   sing N N 274 
MPO N1  C4   sing N N 275 
MPO N1  C7   sing N N 276 
MPO C1  C2   sing N N 277 
MPO C1  H11  sing N N 278 
MPO C1  H12  sing N N 279 
MPO O3  HO3  sing N N 280 
MPO C2  C3   sing N N 281 
MPO C2  H21  sing N N 282 
MPO C2  H22  sing N N 283 
MPO C3  H31  sing N N 284 
MPO C3  H32  sing N N 285 
MPO C4  C5   sing N N 286 
MPO C4  H41  sing N N 287 
MPO C4  H42  sing N N 288 
MPO C5  H51  sing N N 289 
MPO C5  H52  sing N N 290 
MPO C6  C7   sing N N 291 
MPO C6  H61  sing N N 292 
MPO C6  H62  sing N N 293 
MPO C7  H71  sing N N 294 
MPO C7  H72  sing N N 295 
PHE N   CA   sing N N 296 
PHE N   H    sing N N 297 
PHE N   H2   sing N N 298 
PHE CA  C    sing N N 299 
PHE CA  CB   sing N N 300 
PHE CA  HA   sing N N 301 
PHE C   O    doub N N 302 
PHE C   OXT  sing N N 303 
PHE CB  CG   sing N N 304 
PHE CB  HB2  sing N N 305 
PHE CB  HB3  sing N N 306 
PHE CG  CD1  doub Y N 307 
PHE CG  CD2  sing Y N 308 
PHE CD1 CE1  sing Y N 309 
PHE CD1 HD1  sing N N 310 
PHE CD2 CE2  doub Y N 311 
PHE CD2 HD2  sing N N 312 
PHE CE1 CZ   doub Y N 313 
PHE CE1 HE1  sing N N 314 
PHE CE2 CZ   sing Y N 315 
PHE CE2 HE2  sing N N 316 
PHE CZ  HZ   sing N N 317 
PHE OXT HXT  sing N N 318 
PRO N   CA   sing N N 319 
PRO N   CD   sing N N 320 
PRO N   H    sing N N 321 
PRO CA  C    sing N N 322 
PRO CA  CB   sing N N 323 
PRO CA  HA   sing N N 324 
PRO C   O    doub N N 325 
PRO C   OXT  sing N N 326 
PRO CB  CG   sing N N 327 
PRO CB  HB2  sing N N 328 
PRO CB  HB3  sing N N 329 
PRO CG  CD   sing N N 330 
PRO CG  HG2  sing N N 331 
PRO CG  HG3  sing N N 332 
PRO CD  HD2  sing N N 333 
PRO CD  HD3  sing N N 334 
PRO OXT HXT  sing N N 335 
SER N   CA   sing N N 336 
SER N   H    sing N N 337 
SER N   H2   sing N N 338 
SER CA  C    sing N N 339 
SER CA  CB   sing N N 340 
SER CA  HA   sing N N 341 
SER C   O    doub N N 342 
SER C   OXT  sing N N 343 
SER CB  OG   sing N N 344 
SER CB  HB2  sing N N 345 
SER CB  HB3  sing N N 346 
SER OG  HG   sing N N 347 
SER OXT HXT  sing N N 348 
THR N   CA   sing N N 349 
THR N   H    sing N N 350 
THR N   H2   sing N N 351 
THR CA  C    sing N N 352 
THR CA  CB   sing N N 353 
THR CA  HA   sing N N 354 
THR C   O    doub N N 355 
THR C   OXT  sing N N 356 
THR CB  OG1  sing N N 357 
THR CB  CG2  sing N N 358 
THR CB  HB   sing N N 359 
THR OG1 HG1  sing N N 360 
THR CG2 HG21 sing N N 361 
THR CG2 HG22 sing N N 362 
THR CG2 HG23 sing N N 363 
THR OXT HXT  sing N N 364 
TRP N   CA   sing N N 365 
TRP N   H    sing N N 366 
TRP N   H2   sing N N 367 
TRP CA  C    sing N N 368 
TRP CA  CB   sing N N 369 
TRP CA  HA   sing N N 370 
TRP C   O    doub N N 371 
TRP C   OXT  sing N N 372 
TRP CB  CG   sing N N 373 
TRP CB  HB2  sing N N 374 
TRP CB  HB3  sing N N 375 
TRP CG  CD1  doub Y N 376 
TRP CG  CD2  sing Y N 377 
TRP CD1 NE1  sing Y N 378 
TRP CD1 HD1  sing N N 379 
TRP CD2 CE2  doub Y N 380 
TRP CD2 CE3  sing Y N 381 
TRP NE1 CE2  sing Y N 382 
TRP NE1 HE1  sing N N 383 
TRP CE2 CZ2  sing Y N 384 
TRP CE3 CZ3  doub Y N 385 
TRP CE3 HE3  sing N N 386 
TRP CZ2 CH2  doub Y N 387 
TRP CZ2 HZ2  sing N N 388 
TRP CZ3 CH2  sing Y N 389 
TRP CZ3 HZ3  sing N N 390 
TRP CH2 HH2  sing N N 391 
TRP OXT HXT  sing N N 392 
TYR N   CA   sing N N 393 
TYR N   H    sing N N 394 
TYR N   H2   sing N N 395 
TYR CA  C    sing N N 396 
TYR CA  CB   sing N N 397 
TYR CA  HA   sing N N 398 
TYR C   O    doub N N 399 
TYR C   OXT  sing N N 400 
TYR CB  CG   sing N N 401 
TYR CB  HB2  sing N N 402 
TYR CB  HB3  sing N N 403 
TYR CG  CD1  doub Y N 404 
TYR CG  CD2  sing Y N 405 
TYR CD1 CE1  sing Y N 406 
TYR CD1 HD1  sing N N 407 
TYR CD2 CE2  doub Y N 408 
TYR CD2 HD2  sing N N 409 
TYR CE1 CZ   doub Y N 410 
TYR CE1 HE1  sing N N 411 
TYR CE2 CZ   sing Y N 412 
TYR CE2 HE2  sing N N 413 
TYR CZ  OH   sing N N 414 
TYR OH  HH   sing N N 415 
TYR OXT HXT  sing N N 416 
VAL N   CA   sing N N 417 
VAL N   H    sing N N 418 
VAL N   H2   sing N N 419 
VAL CA  C    sing N N 420 
VAL CA  CB   sing N N 421 
VAL CA  HA   sing N N 422 
VAL C   O    doub N N 423 
VAL C   OXT  sing N N 424 
VAL CB  CG1  sing N N 425 
VAL CB  CG2  sing N N 426 
VAL CB  HB   sing N N 427 
VAL CG1 HG11 sing N N 428 
VAL CG1 HG12 sing N N 429 
VAL CG1 HG13 sing N N 430 
VAL CG2 HG21 sing N N 431 
VAL CG2 HG22 sing N N 432 
VAL CG2 HG23 sing N N 433 
VAL OXT HXT  sing N N 434 
# 
_atom_sites.entry_id                    4N0Z 
_atom_sites.fract_transf_matrix[1][1]   -0.02364157 
_atom_sites.fract_transf_matrix[1][2]   0.00014473 
_atom_sites.fract_transf_matrix[1][3]   0.00319893 
_atom_sites.fract_transf_matrix[2][1]   -0.00994689 
_atom_sites.fract_transf_matrix[2][2]   -0.01451626 
_atom_sites.fract_transf_matrix[2][3]   0.01610882 
_atom_sites.fract_transf_matrix[3][1]   0.00119765 
_atom_sites.fract_transf_matrix[3][2]   0.00857129 
_atom_sites.fract_transf_matrix[3][3]   0.00846343 
_atom_sites.fract_transf_vector[1]      0.415740 
_atom_sites.fract_transf_vector[2]      -0.241070 
_atom_sites.fract_transf_vector[3]      -0.109630 
# 
loop_
_atom_type.symbol 
C  
CL 
N  
O  
PT 
S  
# 
loop_
_atom_site.group_PDB 
_atom_site.id 
_atom_site.type_symbol 
_atom_site.label_atom_id 
_atom_site.label_alt_id 
_atom_site.label_comp_id 
_atom_site.label_asym_id 
_atom_site.label_entity_id 
_atom_site.label_seq_id 
_atom_site.pdbx_PDB_ins_code 
_atom_site.Cartn_x 
_atom_site.Cartn_y 
_atom_site.Cartn_z 
_atom_site.occupancy 
_atom_site.B_iso_or_equiv 
_atom_site.pdbx_formal_charge 
_atom_site.auth_seq_id 
_atom_site.auth_comp_id 
_atom_site.auth_asym_id 
_atom_site.auth_atom_id 
_atom_site.pdbx_PDB_model_num 
ATOM   1    N  N   . SER A 1 5   ? 16.997  12.758  -4.129  1.00 55.68 ? 5   SER A N   1 
ATOM   2    C  CA  . SER A 1 5   ? 16.812  12.027  -5.383  1.00 49.50 ? 5   SER A CA  1 
ATOM   3    C  C   . SER A 1 5   ? 15.400  12.176  -5.954  1.00 59.98 ? 5   SER A C   1 
ATOM   4    O  O   . SER A 1 5   ? 14.427  11.623  -5.413  1.00 46.58 ? 5   SER A O   1 
ATOM   5    C  CB  . SER A 1 5   ? 17.150  10.541  -5.205  1.00 57.84 ? 5   SER A CB  1 
ATOM   6    O  OG  . SER A 1 5   ? 16.804  9.796   -6.364  1.00 57.01 ? 5   SER A OG  1 
ATOM   7    N  N   . GLU A 1 6   ? 15.294  12.926  -7.050  1.00 55.81 ? 6   GLU A N   1 
ATOM   8    C  CA  . GLU A 1 6   ? 14.031  13.049  -7.759  1.00 41.36 ? 6   GLU A CA  1 
ATOM   9    C  C   . GLU A 1 6   ? 13.656  11.688  -8.339  1.00 35.94 ? 6   GLU A C   1 
ATOM   10   O  O   . GLU A 1 6   ? 12.485  11.351  -8.407  1.00 36.66 ? 6   GLU A O   1 
ATOM   11   C  CB  . GLU A 1 6   ? 14.118  14.100  -8.873  1.00 47.12 ? 6   GLU A CB  1 
ATOM   12   N  N   . ALA A 1 7   ? 14.657  10.903  -8.740  1.00 32.81 ? 7   ALA A N   1 
ATOM   13   C  CA  . ALA A 1 7   ? 14.405  9.595   -9.352  1.00 37.63 ? 7   ALA A CA  1 
ATOM   14   C  C   . ALA A 1 7   ? 13.631  8.638   -8.436  1.00 28.04 ? 7   ALA A C   1 
ATOM   15   O  O   . ALA A 1 7   ? 12.619  8.041   -8.846  1.00 30.82 ? 7   ALA A O   1 
ATOM   16   C  CB  . ALA A 1 7   ? 15.708  8.961   -9.796  1.00 37.38 ? 7   ALA A CB  1 
ATOM   17   N  N   . VAL A 1 8   ? 14.108  8.489   -7.202  1.00 27.97 ? 8   VAL A N   1 
ATOM   18   C  CA  . VAL A 1 8   ? 13.424  7.640   -6.228  1.00 23.84 ? 8   VAL A CA  1 
ATOM   19   C  C   . VAL A 1 8   ? 11.979  8.096   -6.016  1.00 21.49 ? 8   VAL A C   1 
ATOM   20   O  O   . VAL A 1 8   ? 11.037  7.281   -6.051  1.00 23.27 ? 8   VAL A O   1 
ATOM   21   C  CB  . VAL A 1 8   ? 14.182  7.602   -4.882  1.00 25.39 ? 8   VAL A CB  1 
ATOM   22   C  CG1 . VAL A 1 8   ? 13.299  7.022   -3.781  1.00 25.55 ? 8   VAL A CG1 1 
ATOM   23   C  CG2 . VAL A 1 8   ? 15.466  6.801   -5.028  1.00 33.81 ? 8   VAL A CG2 1 
ATOM   24   N  N   . LYS A 1 9   ? 11.798  9.400   -5.825  1.00 22.94 ? 9   LYS A N   1 
ATOM   25   C  CA  . LYS A 1 9   ? 10.458  9.940   -5.599  1.00 23.80 ? 9   LYS A CA  1 
ATOM   26   C  C   . LYS A 1 9   ? 9.542   9.671   -6.792  1.00 26.76 ? 9   LYS A C   1 
ATOM   27   O  O   . LYS A 1 9   ? 8.394   9.267   -6.620  1.00 24.91 ? 9   LYS A O   1 
ATOM   28   C  CB  . LYS A 1 9   ? 10.496  11.438  -5.258  1.00 21.50 ? 9   LYS A CB  1 
ATOM   29   C  CG  . LYS A 1 9   ? 11.062  11.736  -3.871  1.00 24.21 ? 9   LYS A CG  1 
ATOM   30   C  CD  . LYS A 1 9   ? 10.862  13.197  -3.435  1.00 26.51 ? 9   LYS A CD  1 
ATOM   31   C  CE  . LYS A 1 9   ? 11.373  13.390  -1.991  1.00 30.77 ? 9   LYS A CE  1 
ATOM   32   N  NZ  . LYS A 1 9   ? 11.105  14.741  -1.373  1.00 32.19 ? 9   LYS A NZ  1 
ATOM   33   N  N   . LYS A 1 10  ? 10.051  9.879   -8.004  1.00 25.87 ? 10  LYS A N   1 
ATOM   34   C  CA  . LYS A 1 10  ? 9.257   9.610   -9.205  1.00 21.96 ? 10  LYS A CA  1 
ATOM   35   C  C   . LYS A 1 10  ? 8.868   8.140   -9.321  1.00 25.65 ? 10  LYS A C   1 
ATOM   36   O  O   . LYS A 1 10  ? 7.756   7.816   -9.745  1.00 27.89 ? 10  LYS A O   1 
ATOM   37   C  CB  . LYS A 1 10  ? 10.020  10.051  -10.452 1.00 28.81 ? 10  LYS A CB  1 
ATOM   38   C  CG  . LYS A 1 10  ? 10.194  11.555  -10.544 1.00 37.56 ? 10  LYS A CG  1 
ATOM   39   C  CD  . LYS A 1 10  ? 11.333  11.895  -11.487 1.00 45.80 ? 10  LYS A CD  1 
ATOM   40   C  CE  . LYS A 1 10  ? 11.452  13.389  -11.691 1.00 58.71 ? 10  LYS A CE  1 
ATOM   41   N  NZ  . LYS A 1 10  ? 12.482  13.707  -12.724 1.00 72.26 ? 10  LYS A NZ  1 
ATOM   42   N  N   . TRP A 1 11  ? 9.786   7.254   -8.948  1.00 24.47 ? 11  TRP A N   1 
ATOM   43   C  CA  . TRP A 1 11  ? 9.540   5.812   -9.021  1.00 24.04 ? 11  TRP A CA  1 
ATOM   44   C  C   . TRP A 1 11  ? 8.437   5.373   -8.026  1.00 23.76 ? 11  TRP A C   1 
ATOM   45   O  O   . TRP A 1 11  ? 7.464   4.640   -8.382  1.00 24.29 ? 11  TRP A O   1 
ATOM   46   C  CB  . TRP A 1 11  ? 10.865  5.116   -8.746  1.00 24.04 ? 11  TRP A CB  1 
ATOM   47   C  CG  . TRP A 1 11  ? 10.860  3.633   -8.749  1.00 28.91 ? 11  TRP A CG  1 
ATOM   48   C  CD1 . TRP A 1 11  ? 11.033  2.807   -9.825  1.00 34.44 ? 11  TRP A CD1 1 
ATOM   49   C  CD2 . TRP A 1 11  ? 10.737  2.785   -7.604  1.00 25.21 ? 11  TRP A CD2 1 
ATOM   50   N  NE1 . TRP A 1 11  ? 11.003  1.487   -9.415  1.00 34.74 ? 11  TRP A NE1 1 
ATOM   51   C  CE2 . TRP A 1 11  ? 10.824  1.451   -8.055  1.00 25.88 ? 11  TRP A CE2 1 
ATOM   52   C  CE3 . TRP A 1 11  ? 10.552  3.027   -6.240  1.00 25.08 ? 11  TRP A CE3 1 
ATOM   53   C  CZ2 . TRP A 1 11  ? 10.733  0.363   -7.185  1.00 24.45 ? 11  TRP A CZ2 1 
ATOM   54   C  CZ3 . TRP A 1 11  ? 10.456  1.951   -5.384  1.00 20.57 ? 11  TRP A CZ3 1 
ATOM   55   C  CH2 . TRP A 1 11  ? 10.556  0.635   -5.854  1.00 25.77 ? 11  TRP A CH2 1 
ATOM   56   N  N   . VAL A 1 12  ? 8.571   5.849   -6.787  1.00 21.41 ? 12  VAL A N   1 
ATOM   57   C  CA  . VAL A 1 12  ? 7.536   5.595   -5.777  1.00 19.36 ? 12  VAL A CA  1 
ATOM   58   C  C   . VAL A 1 12  ? 6.179   6.163   -6.220  1.00 20.69 ? 12  VAL A C   1 
ATOM   59   O  O   . VAL A 1 12  ? 5.131   5.485   -6.143  1.00 21.38 ? 12  VAL A O   1 
ATOM   60   C  CB  . VAL A 1 12  ? 7.939   6.189   -4.415  1.00 19.41 ? 12  VAL A CB  1 
ATOM   61   C  CG1 . VAL A 1 12  ? 6.787   6.106   -3.425  1.00 18.72 ? 12  VAL A CG1 1 
ATOM   62   C  CG2 . VAL A 1 12  ? 9.177   5.461   -3.880  1.00 17.89 ? 12  VAL A CG2 1 
ATOM   63   N  N   . ASN A 1 13  ? 6.202   7.404   -6.702  1.00 21.05 ? 13  ASN A N   1 
ATOM   64   C  CA  . ASN A 1 13  ? 4.987   8.032   -7.191  1.00 21.83 ? 13  ASN A CA  1 
ATOM   65   C  C   . ASN A 1 13  ? 4.334   7.218   -8.282  1.00 20.44 ? 13  ASN A C   1 
ATOM   66   O  O   . ASN A 1 13  ? 3.121   7.065   -8.269  1.00 21.97 ? 13  ASN A O   1 
ATOM   67   C  CB  . ASN A 1 13  ? 5.256   9.437   -7.726  1.00 22.93 ? 13  ASN A CB  1 
ATOM   68   C  CG  . ASN A 1 13  ? 5.580   10.425  -6.633  1.00 24.64 ? 13  ASN A CG  1 
ATOM   69   O  OD1 . ASN A 1 13  ? 5.396   10.150  -5.437  1.00 21.66 ? 13  ASN A OD1 1 
ATOM   70   N  ND2 . ASN A 1 13  ? 6.054   11.602  -7.036  1.00 26.43 ? 13  ASN A ND2 1 
ATOM   71   N  N   . LYS A 1 14  ? 5.123   6.722   -9.236  1.00 19.82 ? 14  LYS A N   1 
ATOM   72   C  CA  . LYS A 1 14  ? 4.574   5.919   -10.331 1.00 20.31 ? 14  LYS A CA  1 
ATOM   73   C  C   . LYS A 1 14  ? 3.891   4.685   -9.776  1.00 22.59 ? 14  LYS A C   1 
ATOM   74   O  O   . LYS A 1 14  ? 2.791   4.326   -10.230 1.00 22.03 ? 14  LYS A O   1 
ATOM   75   C  CB  . LYS A 1 14  ? 5.658   5.510   -11.342 1.00 27.55 ? 14  LYS A CB  1 
ATOM   76   C  CG  . LYS A 1 14  ? 6.107   6.622   -12.297 1.00 42.26 ? 14  LYS A CG  1 
ATOM   77   C  CD  . LYS A 1 14  ? 4.973   7.135   -13.195 1.00 43.24 ? 14  LYS A CD  1 
ATOM   78   C  CE  . LYS A 1 14  ? 5.494   8.098   -14.284 1.00 44.39 ? 14  LYS A CE  1 
ATOM   79   N  NZ  . LYS A 1 14  ? 4.558   9.243   -14.577 1.00 38.37 ? 14  LYS A NZ  1 
ATOM   80   N  N   . ILE A 1 15  ? 4.518   4.047   -8.781  1.00 20.23 ? 15  ILE A N   1 
ATOM   81   C  CA  . ILE A 1 15  ? 3.851   2.885   -8.178  1.00 19.52 ? 15  ILE A CA  1 
ATOM   82   C  C   . ILE A 1 15  ? 2.502   3.253   -7.526  1.00 19.07 ? 15  ILE A C   1 
ATOM   83   O  O   . ILE A 1 15  ? 1.498   2.535   -7.688  1.00 21.89 ? 15  ILE A O   1 
ATOM   84   C  CB  . ILE A 1 15  ? 4.763   2.159   -7.165  1.00 18.20 ? 15  ILE A CB  1 
ATOM   85   C  CG1 . ILE A 1 15  ? 5.886   1.433   -7.910  1.00 22.50 ? 15  ILE A CG1 1 
ATOM   86   C  CG2 . ILE A 1 15  ? 3.959   1.154   -6.325  1.00 19.85 ? 15  ILE A CG2 1 
ATOM   87   C  CD1 . ILE A 1 15  ? 7.080   1.090   -7.023  1.00 25.64 ? 15  ILE A CD1 1 
ATOM   88   N  N   . ILE A 1 16  ? 2.471   4.367   -6.805  1.00 18.08 ? 16  ILE A N   1 
ATOM   89   C  CA  . ILE A 1 16  ? 1.237   4.786   -6.131  1.00 17.39 ? 16  ILE A CA  1 
ATOM   90   C  C   . ILE A 1 16  ? 0.140   5.223   -7.131  1.00 20.48 ? 16  ILE A C   1 
ATOM   91   O  O   . ILE A 1 16  ? -1.052  4.977   -6.919  1.00 21.83 ? 16  ILE A O   1 
ATOM   92   C  CB  . ILE A 1 16  ? 1.534   5.913   -5.095  1.00 17.69 ? 16  ILE A CB  1 
ATOM   93   C  CG1 . ILE A 1 16  ? 2.492   5.392   -4.015  1.00 19.92 ? 16  ILE A CG1 1 
ATOM   94   C  CG2 . ILE A 1 16  ? 0.255   6.445   -4.441  1.00 20.22 ? 16  ILE A CG2 1 
ATOM   95   C  CD1 . ILE A 1 16  ? 3.011   6.482   -3.085  1.00 17.12 ? 16  ILE A CD1 1 
ATOM   96   N  N   A GLU A 1 17  ? 0.553   5.861   -8.214  0.47 20.38 ? 17  GLU A N   1 
ATOM   97   N  N   B GLU A 1 17  ? 0.554   5.839   -8.237  0.53 20.39 ? 17  GLU A N   1 
ATOM   98   C  CA  A GLU A 1 17  ? -0.404  6.479   -9.118  0.47 21.99 ? 17  GLU A CA  1 
ATOM   99   C  CA  B GLU A 1 17  ? -0.375  6.379   -9.240  0.53 21.84 ? 17  GLU A CA  1 
ATOM   100  C  C   A GLU A 1 17  ? -0.912  5.512   -10.175 0.47 23.36 ? 17  GLU A C   1 
ATOM   101  C  C   B GLU A 1 17  ? -0.942  5.323   -10.184 0.53 23.52 ? 17  GLU A C   1 
ATOM   102  O  O   A GLU A 1 17  ? -2.013  5.689   -10.697 0.47 25.91 ? 17  GLU A O   1 
ATOM   103  O  O   B GLU A 1 17  ? -2.117  5.384   -10.564 0.53 24.87 ? 17  GLU A O   1 
ATOM   104  C  CB  A GLU A 1 17  ? 0.201   7.747   -9.741  0.47 21.92 ? 17  GLU A CB  1 
ATOM   105  C  CB  B GLU A 1 17  ? 0.319   7.471   -10.072 0.53 21.49 ? 17  GLU A CB  1 
ATOM   106  C  CG  A GLU A 1 17  ? 0.526   8.810   -8.690  0.47 21.93 ? 17  GLU A CG  1 
ATOM   107  C  CG  B GLU A 1 17  ? 0.633   8.744   -9.311  0.53 23.04 ? 17  GLU A CG  1 
ATOM   108  C  CD  A GLU A 1 17  ? 1.124   10.080  -9.268  0.47 23.45 ? 17  GLU A CD  1 
ATOM   109  C  CD  B GLU A 1 17  ? 1.809   9.497   -9.899  0.53 25.97 ? 17  GLU A CD  1 
ATOM   110  O  OE1 A GLU A 1 17  ? 2.324   10.072  -9.638  0.47 25.43 ? 17  GLU A OE1 1 
ATOM   111  O  OE1 B GLU A 1 17  ? 2.222   10.512  -9.287  0.53 23.86 ? 17  GLU A OE1 1 
ATOM   112  O  OE2 A GLU A 1 17  ? 0.392   11.094  -9.335  0.47 25.43 ? 17  GLU A OE2 1 
ATOM   113  O  OE2 B GLU A 1 17  ? 2.326   9.069   -10.965 0.53 22.50 ? 17  GLU A OE2 1 
ATOM   114  N  N   A GLU A 1 18  ? -0.142  4.471   -10.475 0.47 19.33 ? 18  GLU A N   1 
ATOM   115  N  N   B GLU A 1 18  ? -0.106  4.367   -10.582 0.53 19.34 ? 18  GLU A N   1 
ATOM   116  C  CA  A GLU A 1 18  ? -0.565  3.550   -11.529 0.47 22.34 ? 18  GLU A CA  1 
ATOM   117  C  CA  B GLU A 1 18  ? -0.518  3.372   -11.572 0.53 22.34 ? 18  GLU A CA  1 
ATOM   118  C  C   A GLU A 1 18  ? -1.264  2.275   -11.001 0.47 20.02 ? 18  GLU A C   1 
ATOM   119  C  C   B GLU A 1 18  ? -1.440  2.325   -10.979 0.53 19.76 ? 18  GLU A C   1 
ATOM   120  O  O   A GLU A 1 18  ? -1.759  1.462   -11.783 0.47 22.03 ? 18  GLU A O   1 
ATOM   121  O  O   B GLU A 1 18  ? -2.223  1.687   -11.683 0.53 19.62 ? 18  GLU A O   1 
ATOM   122  C  CB  A GLU A 1 18  ? 0.604   3.277   -12.502 0.47 22.64 ? 18  GLU A CB  1 
ATOM   123  C  CB  B GLU A 1 18  ? 0.703   2.680   -12.181 0.53 17.92 ? 18  GLU A CB  1 
ATOM   124  C  CG  A GLU A 1 18  ? 1.215   4.598   -13.067 0.47 24.00 ? 18  GLU A CG  1 
ATOM   125  C  CG  B GLU A 1 18  ? 1.414   3.508   -13.231 0.53 20.24 ? 18  GLU A CG  1 
ATOM   126  C  CD  A GLU A 1 18  ? 2.349   4.400   -14.076 0.47 30.94 ? 18  GLU A CD  1 
ATOM   127  C  CD  B GLU A 1 18  ? 2.611   2.803   -13.819 0.53 33.45 ? 18  GLU A CD  1 
ATOM   128  O  OE1 A GLU A 1 18  ? 2.890   3.277   -14.166 0.47 29.59 ? 18  GLU A OE1 1 
ATOM   129  O  OE1 B GLU A 1 18  ? 3.385   3.480   -14.533 0.53 31.40 ? 18  GLU A OE1 1 
ATOM   130  O  OE2 A GLU A 1 18  ? 2.706   5.384   -14.779 0.47 22.81 ? 18  GLU A OE2 1 
ATOM   131  O  OE2 B GLU A 1 18  ? 2.775   1.582   -13.568 0.53 19.75 ? 18  GLU A OE2 1 
ATOM   132  N  N   . ASN A 1 19  ? -1.330  2.134   -9.671  1.00 19.32 ? 19  ASN A N   1 
ATOM   133  C  CA  . ASN A 1 19  ? -2.040  1.042   -9.019  1.00 17.54 ? 19  ASN A CA  1 
ATOM   134  C  C   . ASN A 1 19  ? -2.975  1.566   -7.939  1.00 23.27 ? 19  ASN A C   1 
ATOM   135  O  O   . ASN A 1 19  ? -2.522  2.235   -7.008  1.00 24.31 ? 19  ASN A O   1 
ATOM   136  C  CB  . ASN A 1 19  ? -1.025  0.096   -8.371  1.00 22.96 ? 19  ASN A CB  1 
ATOM   137  C  CG  . ASN A 1 19  ? 0.028   -0.367  -9.341  1.00 23.69 ? 19  ASN A CG  1 
ATOM   138  O  OD1 . ASN A 1 19  ? -0.218  -1.257  -10.163 1.00 22.40 ? 19  ASN A OD1 1 
ATOM   139  N  ND2 . ASN A 1 19  ? 1.227   0.218   -9.242  1.00 20.80 ? 19  ASN A ND2 1 
ATOM   140  N  N   . ILE A 1 20  ? -4.271  1.269   -8.044  1.00 18.70 ? 20  ILE A N   1 
ATOM   141  C  CA  . ILE A 1 20  ? -5.219  1.763   -7.053  1.00 17.32 ? 20  ILE A CA  1 
ATOM   142  C  C   . ILE A 1 20  ? -4.819  1.317   -5.651  1.00 17.89 ? 20  ILE A C   1 
ATOM   143  O  O   . ILE A 1 20  ? -4.852  2.115   -4.710  1.00 20.89 ? 20  ILE A O   1 
ATOM   144  C  CB  . ILE A 1 20  ? -6.665  1.311   -7.366  1.00 17.50 ? 20  ILE A CB  1 
ATOM   145  C  CG1 . ILE A 1 20  ? -7.097  1.881   -8.724  1.00 18.11 ? 20  ILE A CG1 1 
ATOM   146  C  CG2 . ILE A 1 20  ? -7.629  1.785   -6.278  1.00 20.89 ? 20  ILE A CG2 1 
ATOM   147  C  CD1 . ILE A 1 20  ? -8.492  1.419   -9.158  1.00 21.81 ? 20  ILE A CD1 1 
ATOM   148  N  N   . ILE A 1 21  ? -4.439  0.050   -5.513  1.00 18.61 ? 21  ILE A N   1 
ATOM   149  C  CA  . ILE A 1 21  ? -3.972  -0.446  -4.216  1.00 18.78 ? 21  ILE A CA  1 
ATOM   150  C  C   . ILE A 1 21  ? -2.462  -0.644  -4.302  1.00 22.20 ? 21  ILE A C   1 
ATOM   151  O  O   . ILE A 1 21  ? -1.987  -1.493  -5.059  1.00 19.03 ? 21  ILE A O   1 
ATOM   152  C  CB  . ILE A 1 21  ? -4.630  -1.787  -3.828  1.00 18.17 ? 21  ILE A CB  1 
ATOM   153  C  CG1 . ILE A 1 21  ? -6.158  -1.742  -4.034  1.00 21.83 ? 21  ILE A CG1 1 
ATOM   154  C  CG2 . ILE A 1 21  ? -4.244  -2.162  -2.388  1.00 24.04 ? 21  ILE A CG2 1 
ATOM   155  C  CD1 . ILE A 1 21  ? -6.872  -0.719  -3.178  1.00 24.88 ? 21  ILE A CD1 1 
ATOM   156  N  N   . ALA A 1 22  ? -1.707  0.139   -3.533  1.00 17.57 ? 22  ALA A N   1 
ATOM   157  C  CA  . ALA A 1 22  ? -0.249  0.075   -3.601  1.00 16.29 ? 22  ALA A CA  1 
ATOM   158  C  C   . ALA A 1 22  ? 0.297   -0.261  -2.223  1.00 16.39 ? 22  ALA A C   1 
ATOM   159  O  O   . ALA A 1 22  ? 0.011   0.447   -1.254  1.00 16.74 ? 22  ALA A O   1 
ATOM   160  C  CB  . ALA A 1 22  ? 0.329   1.406   -4.088  1.00 18.88 ? 22  ALA A CB  1 
ATOM   161  N  N   . VAL A 1 23  ? 1.070   -1.341  -2.143  1.00 14.77 ? 23  VAL A N   1 
ATOM   162  C  CA  . VAL A 1 23  ? 1.636   -1.787  -0.871  1.00 13.22 ? 23  VAL A CA  1 
ATOM   163  C  C   . VAL A 1 23  ? 3.140   -1.890  -0.988  1.00 13.74 ? 23  VAL A C   1 
ATOM   164  O  O   . VAL A 1 23  ? 3.655   -2.566  -1.875  1.00 17.12 ? 23  VAL A O   1 
ATOM   165  C  CB  . VAL A 1 23  ? 1.109   -3.176  -0.505  1.00 14.24 ? 23  VAL A CB  1 
ATOM   166  C  CG1 . VAL A 1 23  ? 1.719   -3.642  0.829   1.00 17.59 ? 23  VAL A CG1 1 
ATOM   167  C  CG2 . VAL A 1 23  ? -0.399  -3.124  -0.409  1.00 16.18 ? 23  VAL A CG2 1 
ATOM   168  N  N   . PHE A 1 24  ? 3.848   -1.202  -0.099  1.00 13.96 ? 24  PHE A N   1 
ATOM   169  C  CA  . PHE A 1 24  ? 5.295   -1.322  -0.029  1.00 13.48 ? 24  PHE A CA  1 
ATOM   170  C  C   . PHE A 1 24  ? 5.630   -2.234  1.122   1.00 15.09 ? 24  PHE A C   1 
ATOM   171  O  O   . PHE A 1 24  ? 5.121   -2.066  2.234   1.00 16.94 ? 24  PHE A O   1 
ATOM   172  C  CB  . PHE A 1 24  ? 5.917   0.059   0.166   1.00 14.51 ? 24  PHE A CB  1 
ATOM   173  C  CG  . PHE A 1 24  ? 5.670   0.981   -0.993  1.00 15.28 ? 24  PHE A CG  1 
ATOM   174  C  CD1 . PHE A 1 24  ? 4.513   1.745   -1.052  1.00 14.59 ? 24  PHE A CD1 1 
ATOM   175  C  CD2 . PHE A 1 24  ? 6.578   1.056   -2.042  1.00 15.66 ? 24  PHE A CD2 1 
ATOM   176  C  CE1 . PHE A 1 24  ? 4.270   2.581   -2.136  1.00 15.90 ? 24  PHE A CE1 1 
ATOM   177  C  CE2 . PHE A 1 24  ? 6.340   1.892   -3.142  1.00 16.89 ? 24  PHE A CE2 1 
ATOM   178  C  CZ  . PHE A 1 24  ? 5.195   2.649   -3.190  1.00 16.00 ? 24  PHE A CZ  1 
ATOM   179  N  N   . ALA A 1 25  ? 6.470   -3.225  0.843   1.00 15.31 ? 25  ALA A N   1 
ATOM   180  C  CA  . ALA A 1 25  ? 6.699   -4.316  1.783   1.00 15.01 ? 25  ALA A CA  1 
ATOM   181  C  C   . ALA A 1 25  ? 8.160   -4.690  1.798   1.00 19.54 ? 25  ALA A C   1 
ATOM   182  O  O   . ALA A 1 25  ? 8.982   -4.066  1.127   1.00 18.12 ? 25  ALA A O   1 
ATOM   183  C  CB  . ALA A 1 25  ? 5.832   -5.531  1.394   1.00 17.57 ? 25  ALA A CB  1 
ATOM   184  N  N   . LYS A 1 26  ? 8.496   -5.708  2.584   1.00 19.80 ? 26  LYS A N   1 
ATOM   185  C  CA  . LYS A 1 26  ? 9.835   -6.270  2.506   1.00 21.80 ? 26  LYS A CA  1 
ATOM   186  C  C   . LYS A 1 26  ? 9.784   -7.772  2.684   1.00 27.93 ? 26  LYS A C   1 
ATOM   187  O  O   . LYS A 1 26  ? 8.713   -8.348  2.887   1.00 23.80 ? 26  LYS A O   1 
ATOM   188  C  CB  . LYS A 1 26  ? 10.773  -5.626  3.526   1.00 22.14 ? 26  LYS A CB  1 
ATOM   189  C  CG  . LYS A 1 26  ? 10.490  -5.957  4.976   1.00 28.64 ? 26  LYS A CG  1 
ATOM   190  C  CD  . LYS A 1 26  ? 11.475  -5.185  5.842   1.00 35.88 ? 26  LYS A CD  1 
ATOM   191  C  CE  . LYS A 1 26  ? 11.244  -5.426  7.316   1.00 46.87 ? 26  LYS A CE  1 
ATOM   192  N  NZ  . LYS A 1 26  ? 12.224  -4.638  8.121   1.00 61.01 ? 26  LYS A NZ  1 
ATOM   193  N  N   . THR A 1 27  ? 10.959  -8.392  2.596   1.00 27.28 ? 27  THR A N   1 
ATOM   194  C  CA  . THR A 1 27  ? 11.102  -9.833  2.732   1.00 34.34 ? 27  THR A CA  1 
ATOM   195  C  C   . THR A 1 27  ? 10.740  -10.302 4.146   1.00 23.78 ? 27  THR A C   1 
ATOM   196  O  O   . THR A 1 27  ? 11.140  -9.676  5.137   1.00 30.96 ? 27  THR A O   1 
ATOM   197  C  CB  . THR A 1 27  ? 12.554  -10.236 2.414   1.00 34.06 ? 27  THR A CB  1 
ATOM   198  O  OG1 . THR A 1 27  ? 13.015  -9.490  1.271   1.00 30.04 ? 27  THR A OG1 1 
ATOM   199  C  CG2 . THR A 1 27  ? 12.649  -11.728 2.144   1.00 38.87 ? 27  THR A CG2 1 
ATOM   200  N  N   . GLU A 1 28  ? 9.972   -11.389 4.243   1.00 28.67 ? 28  GLU A N   1 
ATOM   201  C  CA  . GLU A 1 28  ? 9.701   -12.032 5.541   1.00 26.80 ? 28  GLU A CA  1 
ATOM   202  C  C   . GLU A 1 28  ? 9.161   -11.069 6.607   1.00 29.90 ? 28  GLU A C   1 
ATOM   203  O  O   . GLU A 1 28  ? 9.728   -10.918 7.693   1.00 32.30 ? 28  GLU A O   1 
ATOM   204  C  CB  . GLU A 1 28  ? 10.957  -12.745 6.052   1.00 37.34 ? 28  GLU A CB  1 
ATOM   205  C  CG  . GLU A 1 28  ? 11.486  -13.774 5.069   1.00 36.71 ? 28  GLU A CG  1 
ATOM   206  C  CD  . GLU A 1 28  ? 12.852  -14.291 5.452   1.00 55.36 ? 28  GLU A CD  1 
ATOM   207  O  OE1 . GLU A 1 28  ? 13.472  -13.715 6.376   1.00 48.87 ? 28  GLU A OE1 1 
ATOM   208  O  OE2 . GLU A 1 28  ? 13.309  -15.272 4.825   1.00 66.05 ? 28  GLU A OE2 1 
ATOM   209  N  N   . CYS A 1 29  ? 8.037   -10.447 6.277   1.00 22.63 ? 29  CYS A N   1 
ATOM   210  C  CA  . CYS A 1 29  ? 7.456   -9.371  7.056   1.00 18.60 ? 29  CYS A CA  1 
ATOM   211  C  C   . CYS A 1 29  ? 6.038   -9.801  7.389   1.00 17.71 ? 29  CYS A C   1 
ATOM   212  O  O   . CYS A 1 29  ? 5.149   -9.665  6.548   1.00 18.71 ? 29  CYS A O   1 
ATOM   213  C  CB  . CYS A 1 29  ? 7.418   -8.135  6.153   1.00 20.62 ? 29  CYS A CB  1 
ATOM   214  S  SG  . CYS A 1 29  ? 6.501   -6.709  6.776   1.00 21.03 ? 29  CYS A SG  1 
ATOM   215  N  N   . PRO A 1 30  ? 5.821   -10.359 8.597   1.00 17.14 ? 30  PRO A N   1 
ATOM   216  C  CA  . PRO A 1 30  ? 4.511   -10.937 8.916   1.00 19.21 ? 30  PRO A CA  1 
ATOM   217  C  C   . PRO A 1 30  ? 3.363   -9.953  8.749   1.00 19.04 ? 30  PRO A C   1 
ATOM   218  O  O   . PRO A 1 30  ? 2.290   -10.344 8.273   1.00 16.36 ? 30  PRO A O   1 
ATOM   219  C  CB  . PRO A 1 30  ? 4.648   -11.313 10.397  1.00 19.13 ? 30  PRO A CB  1 
ATOM   220  C  CG  . PRO A 1 30  ? 6.098   -11.592 10.563  1.00 22.98 ? 30  PRO A CG  1 
ATOM   221  C  CD  . PRO A 1 30  ? 6.812   -10.618 9.656   1.00 20.81 ? 30  PRO A CD  1 
ATOM   222  N  N   . TYR A 1 31  ? 3.563   -8.695  9.129   1.00 18.61 ? 31  TYR A N   1 
ATOM   223  C  CA  . TYR A 1 31  ? 2.460   -7.751  8.999   1.00 15.53 ? 31  TYR A CA  1 
ATOM   224  C  C   . TYR A 1 31  ? 2.233   -7.310  7.550   1.00 15.81 ? 31  TYR A C   1 
ATOM   225  O  O   . TYR A 1 31  ? 1.115   -6.928  7.182   1.00 16.05 ? 31  TYR A O   1 
ATOM   226  C  CB  . TYR A 1 31  ? 2.612   -6.567  9.967   1.00 17.18 ? 31  TYR A CB  1 
ATOM   227  C  CG  . TYR A 1 31  ? 2.348   -6.993  11.394  1.00 18.22 ? 31  TYR A CG  1 
ATOM   228  C  CD1 . TYR A 1 31  ? 1.044   -7.153  11.866  1.00 18.67 ? 31  TYR A CD1 1 
ATOM   229  C  CD2 . TYR A 1 31  ? 3.396   -7.252  12.260  1.00 17.03 ? 31  TYR A CD2 1 
ATOM   230  C  CE1 . TYR A 1 31  ? 0.800   -7.575  13.173  1.00 17.99 ? 31  TYR A CE1 1 
ATOM   231  C  CE2 . TYR A 1 31  ? 3.160   -7.659  13.571  1.00 17.53 ? 31  TYR A CE2 1 
ATOM   232  C  CZ  . TYR A 1 31  ? 1.869   -7.817  14.015  1.00 20.10 ? 31  TYR A CZ  1 
ATOM   233  O  OH  . TYR A 1 31  ? 1.654   -8.225  15.312  1.00 20.68 ? 31  TYR A OH  1 
ATOM   234  N  N   . CYS A 1 32  ? 3.276   -7.386  6.721   1.00 15.66 ? 32  CYS A N   1 
ATOM   235  C  CA  . CYS A 1 32  ? 3.102   -7.185  5.279   1.00 16.07 ? 32  CYS A CA  1 
ATOM   236  C  C   . CYS A 1 32  ? 2.217   -8.297  4.719   1.00 16.18 ? 32  CYS A C   1 
ATOM   237  O  O   . CYS A 1 32  ? 1.262   -8.051  3.977   1.00 17.60 ? 32  CYS A O   1 
ATOM   238  C  CB  . CYS A 1 32  ? 4.444   -7.251  4.540   1.00 17.92 ? 32  CYS A CB  1 
ATOM   239  S  SG  . CYS A 1 32  ? 5.696   -6.020  5.013   1.00 19.02 ? 32  CYS A SG  1 
ATOM   240  N  N   . ILE A 1 33  ? 2.574   -9.532  5.062   1.00 15.96 ? 33  ILE A N   1 
ATOM   241  C  CA  . ILE A 1 33  ? 1.846   -10.703 4.589   1.00 16.67 ? 33  ILE A CA  1 
ATOM   242  C  C   . ILE A 1 33  ? 0.386   -10.637 5.052   1.00 18.67 ? 33  ILE A C   1 
ATOM   243  O  O   . ILE A 1 33  ? -0.533  -10.875 4.264   1.00 18.78 ? 33  ILE A O   1 
ATOM   244  C  CB  . ILE A 1 33  ? 2.524   -12.012 5.080   1.00 18.94 ? 33  ILE A CB  1 
ATOM   245  C  CG1 . ILE A 1 33  ? 3.896   -12.164 4.404   1.00 21.67 ? 33  ILE A CG1 1 
ATOM   246  C  CG2 . ILE A 1 33  ? 1.641   -13.224 4.787   1.00 22.50 ? 33  ILE A CG2 1 
ATOM   247  C  CD1 . ILE A 1 33  ? 4.860   -13.097 5.141   1.00 30.53 ? 33  ILE A CD1 1 
ATOM   248  N  N   . LYS A 1 34  ? 0.171   -10.307 6.324   1.00 16.51 ? 34  LYS A N   1 
ATOM   249  C  CA  . LYS A 1 34  ? -1.187  -10.148 6.839   1.00 15.94 ? 34  LYS A CA  1 
ATOM   250  C  C   . LYS A 1 34  ? -1.972  -9.074  6.077   1.00 16.86 ? 34  LYS A C   1 
ATOM   251  O  O   . LYS A 1 34  ? -3.117  -9.324  5.663   1.00 17.70 ? 34  LYS A O   1 
ATOM   252  C  CB  . LYS A 1 34  ? -1.166  -9.846  8.344   1.00 15.86 ? 34  LYS A CB  1 
ATOM   253  C  CG  . LYS A 1 34  ? -2.555  -9.759  8.994   1.00 16.66 ? 34  LYS A CG  1 
ATOM   254  C  CD  . LYS A 1 34  ? -2.403  -9.317  10.451  1.00 19.22 ? 34  LYS A CD  1 
ATOM   255  C  CE  . LYS A 1 34  ? -3.738  -9.094  11.135  1.00 18.77 ? 34  LYS A CE  1 
ATOM   256  N  NZ  . LYS A 1 34  ? -4.253  -10.352 11.755  1.00 21.08 ? 34  LYS A NZ  1 
ATOM   257  N  N   . ALA A 1 35  ? -1.365  -7.894  5.886   1.00 15.91 ? 35  ALA A N   1 
ATOM   258  C  CA  . ALA A 1 35  ? -2.049  -6.804  5.176   1.00 15.93 ? 35  ALA A CA  1 
ATOM   259  C  C   . ALA A 1 35  ? -2.439  -7.197  3.742   1.00 17.94 ? 35  ALA A C   1 
ATOM   260  O  O   . ALA A 1 35  ? -3.572  -6.955  3.279   1.00 18.55 ? 35  ALA A O   1 
ATOM   261  C  CB  . ALA A 1 35  ? -1.165  -5.557  5.152   1.00 15.92 ? 35  ALA A CB  1 
ATOM   262  N  N   . ILE A 1 36  ? -1.481  -7.810  3.048   1.00 17.34 ? 36  ILE A N   1 
ATOM   263  C  CA  . ILE A 1 36  ? -1.685  -8.230  1.673   1.00 15.96 ? 36  ILE A CA  1 
ATOM   264  C  C   . ILE A 1 36  ? -2.773  -9.288  1.595   1.00 17.48 ? 36  ILE A C   1 
ATOM   265  O  O   . ILE A 1 36  ? -3.605  -9.252  0.699   1.00 18.62 ? 36  ILE A O   1 
ATOM   266  C  CB  . ILE A 1 36  ? -0.371  -8.741  1.055   1.00 17.74 ? 36  ILE A CB  1 
ATOM   267  C  CG1 . ILE A 1 36  ? 0.600   -7.562  0.916   1.00 20.28 ? 36  ILE A CG1 1 
ATOM   268  C  CG2 . ILE A 1 36  ? -0.638  -9.394  -0.294  1.00 21.49 ? 36  ILE A CG2 1 
ATOM   269  C  CD1 . ILE A 1 36  ? 2.060   -7.960  0.717   1.00 22.95 ? 36  ILE A CD1 1 
ATOM   270  N  N   . SER A 1 37  ? -2.780  -10.218 2.540   1.00 18.06 ? 37  SER A N   1 
ATOM   271  C  CA  A SER A 1 37  ? -3.792  -11.270 2.569   0.47 17.17 ? 37  SER A CA  1 
ATOM   272  C  CA  B SER A 1 37  ? -3.791  -11.261 2.540   0.53 17.14 ? 37  SER A CA  1 
ATOM   273  C  C   . SER A 1 37  ? -5.179  -10.677 2.787   1.00 20.06 ? 37  SER A C   1 
ATOM   274  O  O   . SER A 1 37  ? -6.159  -11.088 2.139   1.00 21.50 ? 37  SER A O   1 
ATOM   275  C  CB  A SER A 1 37  ? -3.477  -12.286 3.670   0.47 20.99 ? 37  SER A CB  1 
ATOM   276  C  CB  B SER A 1 37  ? -3.441  -12.328 3.572   0.53 21.04 ? 37  SER A CB  1 
ATOM   277  O  OG  A SER A 1 37  ? -4.437  -13.333 3.670   0.47 20.75 ? 37  SER A OG  1 
ATOM   278  O  OG  B SER A 1 37  ? -2.327  -13.070 3.114   0.53 21.96 ? 37  SER A OG  1 
ATOM   279  N  N   . ILE A 1 38  ? -5.267  -9.712  3.703   1.00 17.64 ? 38  ILE A N   1 
ATOM   280  C  CA  . ILE A 1 38  ? -6.548  -9.046  3.959   1.00 16.97 ? 38  ILE A CA  1 
ATOM   281  C  C   . ILE A 1 38  ? -7.046  -8.362  2.693   1.00 20.44 ? 38  ILE A C   1 
ATOM   282  O  O   . ILE A 1 38  ? -8.215  -8.511  2.316   1.00 20.66 ? 38  ILE A O   1 
ATOM   283  C  CB  . ILE A 1 38  ? -6.453  -8.037  5.119   1.00 16.99 ? 38  ILE A CB  1 
ATOM   284  C  CG1 . ILE A 1 38  ? -6.353  -8.810  6.439   1.00 19.93 ? 38  ILE A CG1 1 
ATOM   285  C  CG2 . ILE A 1 38  ? -7.663  -7.113  5.137   1.00 16.77 ? 38  ILE A CG2 1 
ATOM   286  C  CD1 . ILE A 1 38  ? -6.061  -7.951  7.642   1.00 20.93 ? 38  ILE A CD1 1 
ATOM   287  N  N   . LEU A 1 39  ? -6.154  -7.642  2.014   1.00 17.28 ? 39  LEU A N   1 
ATOM   288  C  CA  . LEU A 1 39  ? -6.549  -6.969  0.771   1.00 19.44 ? 39  LEU A CA  1 
ATOM   289  C  C   . LEU A 1 39  ? -6.958  -7.955  -0.329  1.00 17.44 ? 39  LEU A C   1 
ATOM   290  O  O   . LEU A 1 39  ? -7.948  -7.729  -1.043  1.00 20.07 ? 39  LEU A O   1 
ATOM   291  C  CB  . LEU A 1 39  ? -5.435  -6.030  0.291   1.00 18.37 ? 39  LEU A CB  1 
ATOM   292  C  CG  . LEU A 1 39  ? -5.265  -4.809  1.204   1.00 18.47 ? 39  LEU A CG  1 
ATOM   293  C  CD1 . LEU A 1 39  ? -3.860  -4.205  1.075   1.00 18.36 ? 39  LEU A CD1 1 
ATOM   294  C  CD2 . LEU A 1 39  ? -6.343  -3.775  0.902   1.00 21.20 ? 39  LEU A CD2 1 
ATOM   295  N  N   . LYS A 1 40  ? -6.221  -9.055  -0.451  1.00 19.03 ? 40  LYS A N   1 
ATOM   296  C  CA  . LYS A 1 40  ? -6.537  -10.052 -1.473  1.00 20.41 ? 40  LYS A CA  1 
ATOM   297  C  C   . LYS A 1 40  ? -7.864  -10.732 -1.186  1.00 23.48 ? 40  LYS A C   1 
ATOM   298  O  O   . LYS A 1 40  ? -8.538  -11.192 -2.117  1.00 25.27 ? 40  LYS A O   1 
ATOM   299  C  CB  . LYS A 1 40  ? -5.406  -11.066 -1.627  1.00 21.32 ? 40  LYS A CB  1 
ATOM   300  C  CG  . LYS A 1 40  ? -4.240  -10.475 -2.401  1.00 23.98 ? 40  LYS A CG  1 
ATOM   301  C  CD  . LYS A 1 40  ? -3.195  -11.500 -2.798  1.00 28.89 ? 40  LYS A CD  1 
ATOM   302  C  CE  . LYS A 1 40  ? -2.180  -10.843 -3.730  1.00 36.62 ? 40  LYS A CE  1 
ATOM   303  N  NZ  . LYS A 1 40  ? -1.099  -11.757 -4.189  1.00 41.55 ? 40  LYS A NZ  1 
ATOM   304  N  N   . GLY A 1 41  ? -8.244  -10.772 0.092   1.00 23.12 ? 41  GLY A N   1 
ATOM   305  C  CA  . GLY A 1 41  ? -9.546  -11.294 0.482   1.00 24.04 ? 41  GLY A CA  1 
ATOM   306  C  C   . GLY A 1 41  ? -10.726 -10.511 -0.085  1.00 28.74 ? 41  GLY A C   1 
ATOM   307  O  O   . GLY A 1 41  ? -11.843 -11.032 -0.191  1.00 27.23 ? 41  GLY A O   1 
ATOM   308  N  N   . TYR A 1 42  ? -10.483 -9.254  -0.447  1.00 20.65 ? 42  TYR A N   1 
ATOM   309  C  CA  . TYR A 1 42  ? -11.504 -8.423  -1.080  1.00 24.90 ? 42  TYR A CA  1 
ATOM   310  C  C   . TYR A 1 42  ? -11.431 -8.544  -2.602  1.00 21.42 ? 42  TYR A C   1 
ATOM   311  O  O   . TYR A 1 42  ? -12.051 -7.753  -3.320  1.00 25.70 ? 42  TYR A O   1 
ATOM   312  C  CB  . TYR A 1 42  ? -11.349 -6.951  -0.662  1.00 20.12 ? 42  TYR A CB  1 
ATOM   313  C  CG  . TYR A 1 42  ? -11.939 -6.638  0.697   1.00 20.77 ? 42  TYR A CG  1 
ATOM   314  C  CD1 . TYR A 1 42  ? -13.279 -6.292  0.823   1.00 24.81 ? 42  TYR A CD1 1 
ATOM   315  C  CD2 . TYR A 1 42  ? -11.165 -6.698  1.851   1.00 21.50 ? 42  TYR A CD2 1 
ATOM   316  C  CE1 . TYR A 1 42  ? -13.831 -6.005  2.056   1.00 33.99 ? 42  TYR A CE1 1 
ATOM   317  C  CE2 . TYR A 1 42  ? -11.713 -6.417  3.097   1.00 27.42 ? 42  TYR A CE2 1 
ATOM   318  C  CZ  . TYR A 1 42  ? -13.047 -6.075  3.188   1.00 35.29 ? 42  TYR A CZ  1 
ATOM   319  O  OH  . TYR A 1 42  ? -13.606 -5.795  4.414   1.00 32.08 ? 42  TYR A OH  1 
ATOM   320  N  N   . ASN A 1 43  ? -10.681 -9.542  -3.080  1.00 22.59 ? 43  ASN A N   1 
ATOM   321  C  CA  . ASN A 1 43  ? -10.512 -9.792  -4.516  1.00 24.87 ? 43  ASN A CA  1 
ATOM   322  C  C   . ASN A 1 43  ? -9.947  -8.576  -5.238  1.00 27.75 ? 43  ASN A C   1 
ATOM   323  O  O   . ASN A 1 43  ? -10.395 -8.219  -6.335  1.00 29.06 ? 43  ASN A O   1 
ATOM   324  C  CB  . ASN A 1 43  ? -11.835 -10.248 -5.151  1.00 30.95 ? 43  ASN A CB  1 
ATOM   325  C  CG  . ASN A 1 43  ? -12.372 -11.523 -4.519  1.00 50.31 ? 43  ASN A CG  1 
ATOM   326  O  OD1 . ASN A 1 43  ? -11.612 -12.446 -4.206  1.00 53.07 ? 43  ASN A OD1 1 
ATOM   327  N  ND2 . ASN A 1 43  ? -13.687 -11.578 -4.318  1.00 57.38 ? 43  ASN A ND2 1 
ATOM   328  N  N   . LEU A 1 44  ? -8.946  -7.957  -4.619  1.00 25.39 ? 44  LEU A N   1 
ATOM   329  C  CA  . LEU A 1 44  ? -8.391  -6.706  -5.119  1.00 22.82 ? 44  LEU A CA  1 
ATOM   330  C  C   . LEU A 1 44  ? -7.153  -6.941  -5.976  1.00 27.61 ? 44  LEU A C   1 
ATOM   331  O  O   . LEU A 1 44  ? -6.542  -5.987  -6.443  1.00 24.04 ? 44  LEU A O   1 
ATOM   332  C  CB  . LEU A 1 44  ? -8.040  -5.776  -3.946  1.00 22.11 ? 44  LEU A CB  1 
ATOM   333  C  CG  . LEU A 1 44  ? -9.214  -5.311  -3.087  1.00 21.72 ? 44  LEU A CG  1 
ATOM   334  C  CD1 . LEU A 1 44  ? -8.705  -4.457  -1.924  1.00 21.24 ? 44  LEU A CD1 1 
ATOM   335  C  CD2 . LEU A 1 44  ? -10.238 -4.536  -3.942  1.00 22.34 ? 44  LEU A CD2 1 
ATOM   336  N  N   A ASN A 1 45  ? -6.799  -8.211  -6.164  0.61 26.60 ? 45  ASN A N   1 
ATOM   337  N  N   B ASN A 1 45  ? -6.794  -8.203  -6.191  0.39 26.59 ? 45  ASN A N   1 
ATOM   338  C  CA  A ASN A 1 45  ? -5.601  -8.616  -6.899  0.61 26.24 ? 45  ASN A CA  1 
ATOM   339  C  CA  B ASN A 1 45  ? -5.539  -8.527  -6.866  0.39 26.13 ? 45  ASN A CA  1 
ATOM   340  C  C   A ASN A 1 45  ? -5.358  -7.836  -8.193  0.61 24.45 ? 45  ASN A C   1 
ATOM   341  C  C   B ASN A 1 45  ? -5.341  -7.831  -8.212  0.39 24.49 ? 45  ASN A C   1 
ATOM   342  O  O   A ASN A 1 45  ? -4.242  -7.369  -8.453  0.61 24.86 ? 45  ASN A O   1 
ATOM   343  O  O   B ASN A 1 45  ? -4.227  -7.413  -8.532  0.39 24.93 ? 45  ASN A O   1 
ATOM   344  C  CB  A ASN A 1 45  ? -5.681  -10.115 -7.209  0.61 27.58 ? 45  ASN A CB  1 
ATOM   345  C  CB  B ASN A 1 45  ? -5.383  -10.042 -7.018  0.39 28.84 ? 45  ASN A CB  1 
ATOM   346  C  CG  A ASN A 1 45  ? -5.877  -10.966 -5.958  0.61 29.45 ? 45  ASN A CG  1 
ATOM   347  C  CG  B ASN A 1 45  ? -3.933  -10.467 -7.151  0.39 32.96 ? 45  ASN A CG  1 
ATOM   348  O  OD1 A ASN A 1 45  ? -6.903  -10.865 -5.268  0.61 26.91 ? 45  ASN A OD1 1 
ATOM   349  O  OD1 B ASN A 1 45  ? -3.025  -9.633  -7.135  0.39 38.69 ? 45  ASN A OD1 1 
ATOM   350  N  ND2 A ASN A 1 45  ? -4.908  -11.831 -5.677  0.61 31.33 ? 45  ASN A ND2 1 
ATOM   351  N  ND2 B ASN A 1 45  ? -3.705  -11.772 -7.264  0.39 41.23 ? 45  ASN A ND2 1 
ATOM   352  N  N   . SER A 1 46  ? -6.417  -7.678  -8.983  1.00 24.61 ? 46  SER A N   1 
ATOM   353  C  CA  A SER A 1 46  ? -6.345  -7.030  -10.293 0.43 23.87 ? 46  SER A CA  1 
ATOM   354  C  CA  B SER A 1 46  ? -6.305  -7.049  -10.299 0.57 23.85 ? 46  SER A CA  1 
ATOM   355  C  C   . SER A 1 46  ? -5.855  -5.589  -10.223 1.00 23.82 ? 46  SER A C   1 
ATOM   356  O  O   . SER A 1 46  ? -5.334  -5.047  -11.206 1.00 23.39 ? 46  SER A O   1 
ATOM   357  C  CB  A SER A 1 46  ? -7.717  -7.049  -10.977 0.43 27.90 ? 46  SER A CB  1 
ATOM   358  C  CB  B SER A 1 46  ? -7.621  -7.152  -11.079 0.57 28.09 ? 46  SER A CB  1 
ATOM   359  O  OG  A SER A 1 46  ? -8.185  -8.375  -11.167 0.43 29.66 ? 46  SER A OG  1 
ATOM   360  O  OG  B SER A 1 46  ? -8.672  -6.471  -10.415 0.57 29.40 ? 46  SER A OG  1 
ATOM   361  N  N   . HIS A 1 47  ? -6.041  -4.959  -9.064  1.00 19.39 ? 47  HIS A N   1 
ATOM   362  C  CA  . HIS A 1 47  ? -5.715  -3.542  -8.912  1.00 18.16 ? 47  HIS A CA  1 
ATOM   363  C  C   . HIS A 1 47  ? -4.701  -3.315  -7.799  1.00 19.77 ? 47  HIS A C   1 
ATOM   364  O  O   . HIS A 1 47  ? -4.606  -2.207  -7.260  1.00 20.37 ? 47  HIS A O   1 
ATOM   365  C  CB  . HIS A 1 47  ? -6.979  -2.714  -8.649  1.00 23.39 ? 47  HIS A CB  1 
ATOM   366  C  CG  . HIS A 1 47  ? -7.878  -2.602  -9.844  1.00 22.21 ? 47  HIS A CG  1 
ATOM   367  N  ND1 . HIS A 1 47  ? -7.590  -1.777  -10.906 1.00 22.13 ? 47  HIS A ND1 1 
ATOM   368  C  CD2 . HIS A 1 47  ? -9.042  -3.225  -10.142 1.00 23.85 ? 47  HIS A CD2 1 
ATOM   369  C  CE1 . HIS A 1 47  ? -8.548  -1.893  -11.819 1.00 23.90 ? 47  HIS A CE1 1 
ATOM   370  N  NE2 . HIS A 1 47  ? -9.436  -2.766  -11.379 1.00 24.80 ? 47  HIS A NE2 1 
ATOM   371  N  N   A MET A 1 48  ? -3.936  -4.366  -7.520  0.47 18.33 ? 48  MET A N   1 
ATOM   372  N  N   B MET A 1 48  ? -3.955  -4.368  -7.467  0.53 18.32 ? 48  MET A N   1 
ATOM   373  C  CA  A MET A 1 48  ? -2.956  -4.334  -6.442  0.47 16.08 ? 48  MET A CA  1 
ATOM   374  C  CA  B MET A 1 48  ? -2.948  -4.326  -6.408  0.53 16.08 ? 48  MET A CA  1 
ATOM   375  C  C   A MET A 1 48  ? -1.536  -4.469  -6.983  0.47 19.83 ? 48  MET A C   1 
ATOM   376  C  C   B MET A 1 48  ? -1.549  -4.450  -6.980  0.53 19.87 ? 48  MET A C   1 
ATOM   377  O  O   A MET A 1 48  ? -1.263  -5.319  -7.829  0.47 21.70 ? 48  MET A O   1 
ATOM   378  O  O   B MET A 1 48  ? -1.304  -5.243  -7.891  0.53 21.15 ? 48  MET A O   1 
ATOM   379  C  CB  A MET A 1 48  ? -3.239  -5.445  -5.427  0.47 21.88 ? 48  MET A CB  1 
ATOM   380  C  CB  B MET A 1 48  ? -3.143  -5.491  -5.439  0.53 23.08 ? 48  MET A CB  1 
ATOM   381  C  CG  A MET A 1 48  ? -2.837  -5.101  -4.003  0.47 23.20 ? 48  MET A CG  1 
ATOM   382  C  CG  B MET A 1 48  ? -4.234  -5.315  -4.431  0.53 18.35 ? 48  MET A CG  1 
ATOM   383  S  SD  A MET A 1 48  ? -3.293  -6.384  -2.822  0.47 31.88 ? 48  MET A SD  1 
ATOM   384  S  SD  B MET A 1 48  ? -4.274  -6.768  -3.367  0.53 22.50 ? 48  MET A SD  1 
ATOM   385  C  CE  A MET A 1 48  ? -4.722  -7.098  -3.632  0.47 23.74 ? 48  MET A CE  1 
ATOM   386  C  CE  B MET A 1 48  ? -2.846  -6.468  -2.320  0.53 30.65 ? 48  MET A CE  1 
ATOM   387  N  N   . HIS A 1 49  ? -0.624  -3.670  -6.439  1.00 18.84 ? 49  HIS A N   1 
ATOM   388  C  CA  . HIS A 1 49  ? 0.785   -3.903  -6.700  1.00 18.59 ? 49  HIS A CA  1 
ATOM   389  C  C   . HIS A 1 49  ? 1.522   -3.930  -5.370  1.00 18.27 ? 49  HIS A C   1 
ATOM   390  O  O   . HIS A 1 49  ? 1.313   -3.052  -4.520  1.00 20.12 ? 49  HIS A O   1 
ATOM   391  C  CB  . HIS A 1 49  ? 1.387   -2.825  -7.590  1.00 21.94 ? 49  HIS A CB  1 
ATOM   392  C  CG  . HIS A 1 49  ? 2.863   -2.977  -7.781  1.00 26.21 ? 49  HIS A CG  1 
ATOM   393  N  ND1 . HIS A 1 49  ? 3.407   -3.916  -8.631  1.00 34.43 ? 49  HIS A ND1 1 
ATOM   394  C  CD2 . HIS A 1 49  ? 3.908   -2.340  -7.200  1.00 26.82 ? 49  HIS A CD2 1 
ATOM   395  C  CE1 . HIS A 1 49  ? 4.726   -3.835  -8.584  1.00 35.91 ? 49  HIS A CE1 1 
ATOM   396  N  NE2 . HIS A 1 49  ? 5.056   -2.887  -7.724  1.00 26.35 ? 49  HIS A NE2 1 
ATOM   397  N  N   . VAL A 1 50  ? 2.361   -4.944  -5.184  1.00 17.28 ? 50  VAL A N   1 
ATOM   398  C  CA  . VAL A 1 50  ? 3.208   -5.022  -3.998  1.00 15.76 ? 50  VAL A CA  1 
ATOM   399  C  C   . VAL A 1 50  ? 4.655   -4.860  -4.422  1.00 18.75 ? 50  VAL A C   1 
ATOM   400  O  O   . VAL A 1 50  ? 5.150   -5.590  -5.295  1.00 19.57 ? 50  VAL A O   1 
ATOM   401  C  CB  . VAL A 1 50  ? 3.044   -6.375  -3.286  1.00 16.49 ? 50  VAL A CB  1 
ATOM   402  C  CG1 . VAL A 1 50  ? 4.020   -6.487  -2.111  1.00 17.62 ? 50  VAL A CG1 1 
ATOM   403  C  CG2 . VAL A 1 50  ? 1.611   -6.559  -2.814  1.00 16.54 ? 50  VAL A CG2 1 
ATOM   404  N  N   . GLU A 1 51  ? 5.342   -3.908  -3.800  1.00 15.90 ? 51  GLU A N   1 
ATOM   405  C  CA  . GLU A 1 51  ? 6.744   -3.669  -4.114  1.00 16.52 ? 51  GLU A CA  1 
ATOM   406  C  C   . GLU A 1 51  ? 7.588   -4.048  -2.919  1.00 19.29 ? 51  GLU A C   1 
ATOM   407  O  O   . GLU A 1 51  ? 7.361   -3.539  -1.829  1.00 18.78 ? 51  GLU A O   1 
ATOM   408  C  CB  . GLU A 1 51  ? 6.957   -2.190  -4.451  1.00 18.42 ? 51  GLU A CB  1 
ATOM   409  C  CG  . GLU A 1 51  ? 8.357   -1.877  -5.002  1.00 21.96 ? 51  GLU A CG  1 
ATOM   410  C  CD  . GLU A 1 51  ? 8.595   -2.487  -6.370  1.00 26.47 ? 51  GLU A CD  1 
ATOM   411  O  OE1 . GLU A 1 51  ? 7.622   -2.617  -7.145  1.00 26.65 ? 51  GLU A OE1 1 
ATOM   412  O  OE2 . GLU A 1 51  ? 9.759   -2.847  -6.683  1.00 23.07 ? 51  GLU A OE2 1 
ATOM   413  N  N   . ASN A 1 52  ? 8.557   -4.941  -3.113  1.00 17.34 ? 52  ASN A N   1 
ATOM   414  C  CA  . ASN A 1 52  ? 9.486   -5.284  -2.033  1.00 15.92 ? 52  ASN A CA  1 
ATOM   415  C  C   . ASN A 1 52  ? 10.627  -4.277  -2.054  1.00 21.15 ? 52  ASN A C   1 
ATOM   416  O  O   . ASN A 1 52  ? 11.496  -4.340  -2.929  1.00 20.28 ? 52  ASN A O   1 
ATOM   417  C  CB  . ASN A 1 52  ? 10.018  -6.708  -2.227  1.00 20.76 ? 52  ASN A CB  1 
ATOM   418  C  CG  . ASN A 1 52  ? 11.007  -7.135  -1.147  1.00 25.38 ? 52  ASN A CG  1 
ATOM   419  O  OD1 . ASN A 1 52  ? 11.563  -6.314  -0.412  1.00 21.41 ? 52  ASN A OD1 1 
ATOM   420  N  ND2 . ASN A 1 52  ? 11.253  -8.442  -1.070  1.00 29.61 ? 52  ASN A ND2 1 
ATOM   421  N  N   . ILE A 1 53  ? 10.626  -3.343  -1.106  1.00 18.85 ? 53  ILE A N   1 
ATOM   422  C  CA  . ILE A 1 53  ? 11.599  -2.253  -1.154  1.00 16.91 ? 53  ILE A CA  1 
ATOM   423  C  C   . ILE A 1 53  ? 12.911  -2.625  -0.469  1.00 17.81 ? 53  ILE A C   1 
ATOM   424  O  O   . ILE A 1 53  ? 13.887  -1.858  -0.515  1.00 19.13 ? 53  ILE A O   1 
ATOM   425  C  CB  . ILE A 1 53  ? 11.050  -0.961  -0.527  1.00 16.48 ? 53  ILE A CB  1 
ATOM   426  C  CG1 . ILE A 1 53  ? 10.806  -1.150  0.977   1.00 16.38 ? 53  ILE A CG1 1 
ATOM   427  C  CG2 . ILE A 1 53  ? 9.769   -0.518  -1.246  1.00 18.74 ? 53  ILE A CG2 1 
ATOM   428  C  CD1 . ILE A 1 53  ? 10.607  0.177   1.721   1.00 21.94 ? 53  ILE A CD1 1 
ATOM   429  N  N   . GLU A 1 54  ? 12.942  -3.794  0.171   1.00 16.43 ? 54  GLU A N   1 
ATOM   430  C  CA  . GLU A 1 54  ? 14.183  -4.265  0.780   1.00 20.38 ? 54  GLU A CA  1 
ATOM   431  C  C   . GLU A 1 54  ? 15.126  -4.762  -0.301  1.00 24.73 ? 54  GLU A C   1 
ATOM   432  O  O   . GLU A 1 54  ? 16.350  -4.555  -0.231  1.00 22.61 ? 54  GLU A O   1 
ATOM   433  C  CB  . GLU A 1 54  ? 13.925  -5.370  1.807   1.00 23.07 ? 54  GLU A CB  1 
ATOM   434  C  CG  . GLU A 1 54  ? 15.210  -5.875  2.451   1.00 25.98 ? 54  GLU A CG  1 
ATOM   435  C  CD  . GLU A 1 54  ? 14.973  -6.806  3.612   1.00 44.92 ? 54  GLU A CD  1 
ATOM   436  O  OE1 . GLU A 1 54  ? 13.822  -7.265  3.783   1.00 35.33 ? 54  GLU A OE1 1 
ATOM   437  O  OE2 . GLU A 1 54  ? 15.946  -7.083  4.352   1.00 40.89 ? 54  GLU A OE2 1 
ATOM   438  N  N   . LYS A 1 55  ? 14.549  -5.413  -1.306  1.00 24.48 ? 55  LYS A N   1 
ATOM   439  C  CA  . LYS A 1 55  ? 15.313  -5.872  -2.459  1.00 23.16 ? 55  LYS A CA  1 
ATOM   440  C  C   . LYS A 1 55  ? 15.398  -4.725  -3.453  1.00 20.56 ? 55  LYS A C   1 
ATOM   441  O  O   . LYS A 1 55  ? 14.795  -4.746  -4.534  1.00 24.68 ? 55  LYS A O   1 
ATOM   442  C  CB  . LYS A 1 55  ? 14.664  -7.113  -3.080  1.00 27.80 ? 55  LYS A CB  1 
ATOM   443  C  CG  . LYS A 1 55  ? 14.730  -8.316  -2.156  1.00 35.25 ? 55  LYS A CG  1 
ATOM   444  C  CD  . LYS A 1 55  ? 14.541  -9.631  -2.906  1.00 56.80 ? 55  LYS A CD  1 
ATOM   445  C  CE  . LYS A 1 55  ? 14.848  -10.816 -1.990  1.00 61.00 ? 55  LYS A CE  1 
ATOM   446  N  NZ  . LYS A 1 55  ? 14.807  -12.127 -2.700  1.00 78.01 ? 55  LYS A NZ  1 
ATOM   447  N  N   . ASN A 1 56  ? 16.153  -3.704  -3.059  1.00 20.24 ? 56  ASN A N   1 
ATOM   448  C  CA  . ASN A 1 56  ? 16.270  -2.484  -3.837  1.00 18.09 ? 56  ASN A CA  1 
ATOM   449  C  C   . ASN A 1 56  ? 17.499  -1.776  -3.298  1.00 19.51 ? 56  ASN A C   1 
ATOM   450  O  O   . ASN A 1 56  ? 17.710  -1.757  -2.083  1.00 20.25 ? 56  ASN A O   1 
ATOM   451  C  CB  . ASN A 1 56  ? 15.028  -1.619  -3.611  1.00 19.03 ? 56  ASN A CB  1 
ATOM   452  C  CG  . ASN A 1 56  ? 14.933  -0.460  -4.580  1.00 20.20 ? 56  ASN A CG  1 
ATOM   453  O  OD1 . ASN A 1 56  ? 15.762  0.452   -4.560  1.00 23.64 ? 56  ASN A OD1 1 
ATOM   454  N  ND2 . ASN A 1 56  ? 13.893  -0.470  -5.414  1.00 20.54 ? 56  ASN A ND2 1 
ATOM   455  N  N   . PRO A 1 57  ? 18.324  -1.202  -4.187  1.00 17.91 ? 57  PRO A N   1 
ATOM   456  C  CA  . PRO A 1 57  ? 19.546  -0.562  -3.684  1.00 19.68 ? 57  PRO A CA  1 
ATOM   457  C  C   . PRO A 1 57  ? 19.247  0.742   -2.958  1.00 25.20 ? 57  PRO A C   1 
ATOM   458  O  O   . PRO A 1 57  ? 20.111  1.260   -2.233  1.00 22.32 ? 57  PRO A O   1 
ATOM   459  C  CB  . PRO A 1 57  ? 20.350  -0.282  -4.963  1.00 23.08 ? 57  PRO A CB  1 
ATOM   460  C  CG  . PRO A 1 57  ? 19.320  -0.173  -6.039  1.00 23.23 ? 57  PRO A CG  1 
ATOM   461  C  CD  . PRO A 1 57  ? 18.243  -1.176  -5.658  1.00 20.83 ? 57  PRO A CD  1 
ATOM   462  N  N   . ASP A 1 58  ? 18.039  1.265   -3.145  1.00 18.10 ? 58  ASP A N   1 
ATOM   463  C  CA  . ASP A 1 58  ? 17.687  2.556   -2.563  1.00 19.72 ? 58  ASP A CA  1 
ATOM   464  C  C   . ASP A 1 58  ? 16.637  2.435   -1.465  1.00 17.90 ? 58  ASP A C   1 
ATOM   465  O  O   . ASP A 1 58  ? 15.824  3.354   -1.287  1.00 19.12 ? 58  ASP A O   1 
ATOM   466  C  CB  . ASP A 1 58  ? 17.180  3.516   -3.640  1.00 20.99 ? 58  ASP A CB  1 
ATOM   467  C  CG  . ASP A 1 58  ? 18.185  3.732   -4.753  1.00 30.24 ? 58  ASP A CG  1 
ATOM   468  O  OD1 . ASP A 1 58  ? 19.390  3.874   -4.458  1.00 32.23 ? 58  ASP A OD1 1 
ATOM   469  O  OD2 . ASP A 1 58  ? 17.765  3.760   -5.926  1.00 34.18 ? 58  ASP A OD2 1 
ATOM   470  N  N   . MET A 1 59  ? 16.677  1.337   -0.711  1.00 17.26 ? 59  MET A N   1 
ATOM   471  C  CA  . MET A 1 59  ? 15.707  1.113   0.367   1.00 17.26 ? 59  MET A CA  1 
ATOM   472  C  C   . MET A 1 59  ? 15.563  2.296   1.326   1.00 15.90 ? 59  MET A C   1 
ATOM   473  O  O   . MET A 1 59  ? 14.448  2.726   1.621   1.00 17.36 ? 59  MET A O   1 
ATOM   474  C  CB  . MET A 1 59  ? 16.054  -0.137  1.174   1.00 20.17 ? 59  MET A CB  1 
ATOM   475  C  CG  . MET A 1 59  ? 14.966  -0.505  2.181   1.00 19.95 ? 59  MET A CG  1 
ATOM   476  S  SD  . MET A 1 59  ? 15.528  -1.820  3.268   1.00 22.78 ? 59  MET A SD  1 
ATOM   477  C  CE  . MET A 1 59  ? 14.061  -2.121  4.245   1.00 31.36 ? 59  MET A CE  1 
ATOM   478  N  N   . ALA A 1 60  ? 16.680  2.822   1.816   1.00 17.92 ? 60  ALA A N   1 
ATOM   479  C  CA  . ALA A 1 60  ? 16.619  3.953   2.742   1.00 16.89 ? 60  ALA A CA  1 
ATOM   480  C  C   . ALA A 1 60  ? 15.948  5.186   2.141   1.00 17.69 ? 60  ALA A C   1 
ATOM   481  O  O   . ALA A 1 60  ? 15.173  5.875   2.833   1.00 17.99 ? 60  ALA A O   1 
ATOM   482  C  CB  . ALA A 1 60  ? 18.023  4.305   3.237   1.00 19.09 ? 60  ALA A CB  1 
ATOM   483  N  N   . ASN A 1 61  ? 16.236  5.473   0.870   1.00 16.54 ? 61  ASN A N   1 
ATOM   484  C  CA  . ASN A 1 61  ? 15.636  6.633   0.222   1.00 15.27 ? 61  ASN A CA  1 
ATOM   485  C  C   . ASN A 1 61  ? 14.144  6.407   0.103   1.00 18.57 ? 61  ASN A C   1 
ATOM   486  O  O   . ASN A 1 61  ? 13.338  7.326   0.306   1.00 17.98 ? 61  ASN A O   1 
ATOM   487  C  CB  . ASN A 1 61  ? 16.212  6.877   -1.179  1.00 16.11 ? 61  ASN A CB  1 
ATOM   488  C  CG  . ASN A 1 61  ? 17.716  7.082   -1.171  1.00 32.28 ? 61  ASN A CG  1 
ATOM   489  O  OD1 . ASN A 1 61  ? 18.452  6.365   -1.855  1.00 37.41 ? 61  ASN A OD1 1 
ATOM   490  N  ND2 . ASN A 1 61  ? 18.184  8.062   -0.397  1.00 20.34 ? 61  ASN A ND2 1 
ATOM   491  N  N   . ILE A 1 62  ? 13.775  5.168   -0.208  1.00 16.59 ? 62  ILE A N   1 
ATOM   492  C  CA  . ILE A 1 62  ? 12.360  4.852   -0.366  1.00 14.79 ? 62  ILE A CA  1 
ATOM   493  C  C   . ILE A 1 62  ? 11.626  4.987   0.962   1.00 16.38 ? 62  ILE A C   1 
ATOM   494  O  O   . ILE A 1 62  ? 10.573  5.609   1.019   1.00 17.02 ? 62  ILE A O   1 
ATOM   495  C  CB  . ILE A 1 62  ? 12.143  3.433   -0.954  1.00 16.48 ? 62  ILE A CB  1 
ATOM   496  C  CG1 . ILE A 1 62  ? 12.732  3.355   -2.371  1.00 18.60 ? 62  ILE A CG1 1 
ATOM   497  C  CG2 . ILE A 1 62  ? 10.647  3.091   -0.969  1.00 15.70 ? 62  ILE A CG2 1 
ATOM   498  C  CD1 . ILE A 1 62  ? 12.946  1.919   -2.878  1.00 18.63 ? 62  ILE A CD1 1 
ATOM   499  N  N   . GLN A 1 63  ? 12.186  4.419   2.027   1.00 17.16 ? 63  GLN A N   1 
ATOM   500  C  CA  . GLN A 1 63  ? 11.581  4.500   3.358   1.00 15.01 ? 63  GLN A CA  1 
ATOM   501  C  C   . GLN A 1 63  ? 11.464  5.945   3.816   1.00 17.16 ? 63  GLN A C   1 
ATOM   502  O  O   . GLN A 1 63  ? 10.456  6.335   4.420   1.00 16.26 ? 63  GLN A O   1 
ATOM   503  C  CB  . GLN A 1 63  ? 12.420  3.718   4.373   1.00 18.22 ? 63  GLN A CB  1 
ATOM   504  C  CG  . GLN A 1 63  ? 12.312  2.214   4.213   1.00 19.89 ? 63  GLN A CG  1 
ATOM   505  C  CD  . GLN A 1 63  ? 13.101  1.474   5.278   1.00 19.65 ? 63  GLN A CD  1 
ATOM   506  O  OE1 . GLN A 1 63  ? 14.245  1.088   5.055   1.00 25.25 ? 63  GLN A OE1 1 
ATOM   507  N  NE2 . GLN A 1 63  ? 12.480  1.263   6.444   1.00 25.10 ? 63  GLN A NE2 1 
ATOM   508  N  N   . ALA A 1 64  ? 12.498  6.741   3.544   1.00 16.43 ? 64  ALA A N   1 
ATOM   509  C  CA  . ALA A 1 64  ? 12.443  8.152   3.928   1.00 14.44 ? 64  ALA A CA  1 
ATOM   510  C  C   . ALA A 1 64  ? 11.336  8.888   3.183   1.00 17.60 ? 64  ALA A C   1 
ATOM   511  O  O   . ALA A 1 64  ? 10.622  9.712   3.776   1.00 15.37 ? 64  ALA A O   1 
ATOM   512  C  CB  . ALA A 1 64  ? 13.800  8.848   3.689   1.00 16.97 ? 64  ALA A CB  1 
ATOM   513  N  N   . TYR A 1 65  ? 11.185  8.594   1.889   1.00 17.89 ? 65  TYR A N   1 
ATOM   514  C  CA  . TYR A 1 65  ? 10.113  9.234   1.136   1.00 16.07 ? 65  TYR A CA  1 
ATOM   515  C  C   . TYR A 1 65  ? 8.740   8.777   1.655   1.00 16.62 ? 65  TYR A C   1 
ATOM   516  O  O   . TYR A 1 65  ? 7.814   9.590   1.777   1.00 17.33 ? 65  TYR A O   1 
ATOM   517  C  CB  . TYR A 1 65  ? 10.274  8.989   -0.367  1.00 15.84 ? 65  TYR A CB  1 
ATOM   518  C  CG  . TYR A 1 65  ? 9.239   9.710   -1.203  1.00 17.02 ? 65  TYR A CG  1 
ATOM   519  C  CD1 . TYR A 1 65  ? 8.897   11.026  -0.931  1.00 20.04 ? 65  TYR A CD1 1 
ATOM   520  C  CD2 . TYR A 1 65  ? 8.623   9.073   -2.271  1.00 18.48 ? 65  TYR A CD2 1 
ATOM   521  C  CE1 . TYR A 1 65  ? 7.946   11.691  -1.698  1.00 19.53 ? 65  TYR A CE1 1 
ATOM   522  C  CE2 . TYR A 1 65  ? 7.671   9.727   -3.047  1.00 19.47 ? 65  TYR A CE2 1 
ATOM   523  C  CZ  . TYR A 1 65  ? 7.344   11.037  -2.750  1.00 22.20 ? 65  TYR A CZ  1 
ATOM   524  O  OH  . TYR A 1 65  ? 6.407   11.703  -3.513  1.00 24.54 ? 65  TYR A OH  1 
ATOM   525  N  N   . LEU A 1 66  ? 8.613   7.487   1.966   1.00 14.98 ? 66  LEU A N   1 
ATOM   526  C  CA  . LEU A 1 66  ? 7.356   6.973   2.523   1.00 14.89 ? 66  LEU A CA  1 
ATOM   527  C  C   . LEU A 1 66  ? 7.042   7.662   3.846   1.00 16.62 ? 66  LEU A C   1 
ATOM   528  O  O   . LEU A 1 66  ? 5.877   7.899   4.158   1.00 19.14 ? 66  LEU A O   1 
ATOM   529  C  CB  . LEU A 1 66  ? 7.386   5.444   2.694   1.00 15.20 ? 66  LEU A CB  1 
ATOM   530  C  CG  . LEU A 1 66  ? 7.428   4.627   1.388   1.00 17.05 ? 66  LEU A CG  1 
ATOM   531  C  CD1 . LEU A 1 66  ? 7.716   3.153   1.650   1.00 18.04 ? 66  LEU A CD1 1 
ATOM   532  C  CD2 . LEU A 1 66  ? 6.138   4.784   0.565   1.00 17.87 ? 66  LEU A CD2 1 
ATOM   533  N  N   . LYS A 1 67  ? 8.074   7.981   4.628   1.00 16.90 ? 67  LYS A N   1 
ATOM   534  C  CA  . LYS A 1 67  ? 7.852   8.713   5.876   1.00 19.12 ? 67  LYS A CA  1 
ATOM   535  C  C   . LYS A 1 67  ? 7.411   10.151  5.587   1.00 21.01 ? 67  LYS A C   1 
ATOM   536  O  O   . LYS A 1 67  ? 6.543   10.694  6.283   1.00 19.90 ? 67  LYS A O   1 
ATOM   537  C  CB  . LYS A 1 67  ? 9.095   8.680   6.780   1.00 18.11 ? 67  LYS A CB  1 
ATOM   538  C  CG  . LYS A 1 67  ? 8.828   9.223   8.177   1.00 19.67 ? 67  LYS A CG  1 
ATOM   539  C  CD  . LYS A 1 67  ? 10.039  9.051   9.094   1.00 20.01 ? 67  LYS A CD  1 
ATOM   540  C  CE  . LYS A 1 67  ? 9.684   9.506   10.510  1.00 25.32 ? 67  LYS A CE  1 
ATOM   541  N  NZ  . LYS A 1 67  ? 10.785  9.246   11.487  1.00 25.47 ? 67  LYS A NZ  1 
ATOM   542  N  N   . GLU A 1 68  ? 7.985   10.767  4.552   1.00 16.77 ? 68  GLU A N   1 
ATOM   543  C  CA  . GLU A 1 68  ? 7.535   12.105  4.172   1.00 17.50 ? 68  GLU A CA  1 
ATOM   544  C  C   . GLU A 1 68  ? 6.073   12.100  3.744   1.00 18.21 ? 68  GLU A C   1 
ATOM   545  O  O   . GLU A 1 68  ? 5.335   13.068  4.000   1.00 22.15 ? 68  GLU A O   1 
ATOM   546  C  CB  . GLU A 1 68  ? 8.406   12.695  3.064   1.00 20.83 ? 68  GLU A CB  1 
ATOM   547  C  CG  . GLU A 1 68  ? 9.826   12.990  3.524   1.00 17.99 ? 68  GLU A CG  1 
ATOM   548  C  CD  . GLU A 1 68  ? 10.730  13.456  2.396   1.00 22.89 ? 68  GLU A CD  1 
ATOM   549  O  OE1 . GLU A 1 68  ? 10.229  13.674  1.262   1.00 22.02 ? 68  GLU A OE1 1 
ATOM   550  O  OE2 . GLU A 1 68  ? 11.955  13.605  2.649   1.00 22.72 ? 68  GLU A OE2 1 
ATOM   551  N  N   . LEU A 1 69  ? 5.651   11.005  3.115   1.00 17.14 ? 69  LEU A N   1 
ATOM   552  C  CA  . LEU A 1 69  ? 4.267   10.887  2.624   1.00 15.86 ? 69  LEU A CA  1 
ATOM   553  C  C   . LEU A 1 69  ? 3.250   10.492  3.695   1.00 22.57 ? 69  LEU A C   1 
ATOM   554  O  O   . LEU A 1 69  ? 2.090   10.899  3.613   1.00 21.94 ? 69  LEU A O   1 
ATOM   555  C  CB  . LEU A 1 69  ? 4.195   9.863   1.481   1.00 19.28 ? 69  LEU A CB  1 
ATOM   556  C  CG  . LEU A 1 69  ? 4.879   10.241  0.168   1.00 19.80 ? 69  LEU A CG  1 
ATOM   557  C  CD1 . LEU A 1 69  ? 4.638   9.174   -0.887  1.00 20.03 ? 69  LEU A CD1 1 
ATOM   558  C  CD2 . LEU A 1 69  ? 4.380   11.590  -0.321  1.00 25.05 ? 69  LEU A CD2 1 
ATOM   559  N  N   . THR A 1 70  ? 3.676   9.699   4.681   1.00 17.70 ? 70  THR A N   1 
ATOM   560  C  CA  . THR A 1 70  ? 2.738   9.017   5.578   1.00 18.69 ? 70  THR A CA  1 
ATOM   561  C  C   . THR A 1 70  ? 3.009   9.188   7.067   1.00 21.51 ? 70  THR A C   1 
ATOM   562  O  O   . THR A 1 70  ? 2.160   8.836   7.891   1.00 20.56 ? 70  THR A O   1 
ATOM   563  C  CB  . THR A 1 70  ? 2.719   7.499   5.314   1.00 18.94 ? 70  THR A CB  1 
ATOM   564  O  OG1 . THR A 1 70  ? 3.914   6.904   5.844   1.00 18.62 ? 70  THR A OG1 1 
ATOM   565  C  CG2 . THR A 1 70  ? 2.622   7.208   3.829   1.00 19.86 ? 70  THR A CG2 1 
ATOM   566  N  N   . GLY A 1 71  ? 4.197   9.675   7.419   1.00 19.64 ? 71  GLY A N   1 
ATOM   567  C  CA  . GLY A 1 71  ? 4.542   9.848   8.817   1.00 20.93 ? 71  GLY A CA  1 
ATOM   568  C  C   . GLY A 1 71  ? 5.353   8.711   9.412   1.00 21.13 ? 71  GLY A C   1 
ATOM   569  O  O   . GLY A 1 71  ? 5.881   8.844   10.519  1.00 20.86 ? 71  GLY A O   1 
ATOM   570  N  N   . LYS A 1 72  ? 5.457   7.588   8.699   1.00 19.12 ? 72  LYS A N   1 
ATOM   571  C  CA  . LYS A 1 72  ? 6.238   6.451   9.185   1.00 15.77 ? 72  LYS A CA  1 
ATOM   572  C  C   . LYS A 1 72  ? 7.102   5.879   8.076   1.00 14.18 ? 72  LYS A C   1 
ATOM   573  O  O   . LYS A 1 72  ? 6.711   5.906   6.911   1.00 18.74 ? 72  LYS A O   1 
ATOM   574  C  CB  . LYS A 1 72  ? 5.332   5.344   9.720   1.00 18.53 ? 72  LYS A CB  1 
ATOM   575  C  CG  . LYS A 1 72  ? 4.570   5.725   10.974  1.00 21.29 ? 72  LYS A CG  1 
ATOM   576  C  CD  . LYS A 1 72  ? 4.000   4.470   11.632  1.00 28.73 ? 72  LYS A CD  1 
ATOM   577  C  CE  . LYS A 1 72  ? 3.030   4.811   12.755  1.00 35.73 ? 72  LYS A CE  1 
ATOM   578  N  NZ  . LYS A 1 72  ? 2.288   3.589   13.195  1.00 40.36 ? 72  LYS A NZ  1 
ATOM   579  N  N   . SER A 1 73  ? 8.263   5.349   8.455   1.00 16.46 ? 73  SER A N   1 
ATOM   580  C  CA  . SER A 1 73  ? 9.182   4.745   7.494   1.00 15.68 ? 73  SER A CA  1 
ATOM   581  C  C   . SER A 1 73  ? 9.071   3.221   7.435   1.00 22.19 ? 73  SER A C   1 
ATOM   582  O  O   . SER A 1 73  ? 9.761   2.581   6.636   1.00 21.49 ? 73  SER A O   1 
ATOM   583  C  CB  . SER A 1 73  ? 10.622  5.123   7.848   1.00 18.33 ? 73  SER A CB  1 
ATOM   584  O  OG  . SER A 1 73  ? 10.946  4.648   9.151   1.00 20.43 ? 73  SER A OG  1 
ATOM   585  N  N   . SER A 1 74  ? 8.229   2.640   8.289   1.00 17.13 ? 74  SER A N   1 
ATOM   586  C  CA  . SER A 1 74  ? 8.135   1.181   8.386   1.00 19.94 ? 74  SER A CA  1 
ATOM   587  C  C   . SER A 1 74  ? 7.281   0.580   7.289   1.00 19.79 ? 74  SER A C   1 
ATOM   588  O  O   . SER A 1 74  ? 6.408   1.250   6.725   1.00 18.89 ? 74  SER A O   1 
ATOM   589  C  CB  . SER A 1 74  ? 7.536   0.778   9.735   1.00 20.00 ? 74  SER A CB  1 
ATOM   590  O  OG  . SER A 1 74  ? 6.299   1.451   9.960   1.00 20.59 ? 74  SER A OG  1 
ATOM   591  N  N   . VAL A 1 75  ? 7.529   -0.694  7.000   1.00 20.21 ? 75  VAL A N   1 
ATOM   592  C  CA  . VAL A 1 75  ? 6.642   -1.447  6.113   1.00 16.46 ? 75  VAL A CA  1 
ATOM   593  C  C   . VAL A 1 75  ? 5.807   -2.432  6.930   1.00 15.65 ? 75  VAL A C   1 
ATOM   594  O  O   . VAL A 1 75  ? 6.235   -2.896  8.002   1.00 17.55 ? 75  VAL A O   1 
ATOM   595  C  CB  . VAL A 1 75  ? 7.411   -2.162  4.965   1.00 16.43 ? 75  VAL A CB  1 
ATOM   596  C  CG1 . VAL A 1 75  ? 7.983   -1.133  4.003   1.00 18.81 ? 75  VAL A CG1 1 
ATOM   597  C  CG2 . VAL A 1 75  ? 8.489   -3.074  5.526   1.00 20.55 ? 75  VAL A CG2 1 
ATOM   598  N  N   . PRO A 1 76  ? 4.594   -2.746  6.452   1.00 14.58 ? 76  PRO A N   1 
ATOM   599  C  CA  . PRO A 1 76  ? 3.998   -2.295  5.192   1.00 13.78 ? 76  PRO A CA  1 
ATOM   600  C  C   . PRO A 1 76  ? 3.525   -0.838  5.214   1.00 15.29 ? 76  PRO A C   1 
ATOM   601  O  O   . PRO A 1 76  ? 3.167   -0.297  6.277   1.00 16.22 ? 76  PRO A O   1 
ATOM   602  C  CB  . PRO A 1 76  ? 2.800   -3.242  5.019   1.00 16.17 ? 76  PRO A CB  1 
ATOM   603  C  CG  . PRO A 1 76  ? 2.416   -3.610  6.421   1.00 16.44 ? 76  PRO A CG  1 
ATOM   604  C  CD  . PRO A 1 76  ? 3.719   -3.682  7.187   1.00 18.01 ? 76  PRO A CD  1 
ATOM   605  N  N   A ARG A 1 77  ? 3.527   -0.250  4.036   0.49 14.38 ? 77  ARG A N   1 
ATOM   606  N  N   B ARG A 1 77  ? 3.548   -0.229  4.040   0.51 14.38 ? 77  ARG A N   1 
ATOM   607  C  CA  A ARG A 1 77  ? 2.963   1.052   3.850   0.49 14.61 ? 77  ARG A CA  1 
ATOM   608  C  CA  B ARG A 1 77  ? 2.945   1.065   3.846   0.51 14.65 ? 77  ARG A CA  1 
ATOM   609  C  C   A ARG A 1 77  ? 1.957   0.970   2.721   0.49 14.53 ? 77  ARG A C   1 
ATOM   610  C  C   B ARG A 1 77  ? 1.946   0.945   2.729   0.51 14.58 ? 77  ARG A C   1 
ATOM   611  O  O   A ARG A 1 77  ? 2.290   0.506   1.700   0.49 17.19 ? 77  ARG A O   1 
ATOM   612  O  O   B ARG A 1 77  ? 2.290   0.509   1.699   0.51 17.14 ? 77  ARG A O   1 
ATOM   613  C  CB  A ARG A 1 77  ? 4.074   2.029   3.463   0.49 17.76 ? 77  ARG A CB  1 
ATOM   614  C  CB  B ARG A 1 77  ? 3.968   2.119   3.404   0.51 17.84 ? 77  ARG A CB  1 
ATOM   615  C  CG  A ARG A 1 77  ? 4.001   3.390   4.091   0.49 18.54 ? 77  ARG A CG  1 
ATOM   616  C  CG  B ARG A 1 77  ? 5.047   2.473   4.387   0.51 16.20 ? 77  ARG A CG  1 
ATOM   617  C  CD  A ARG A 1 77  ? 4.716   3.555   5.415   0.49 17.20 ? 77  ARG A CD  1 
ATOM   618  C  CD  B ARG A 1 77  ? 4.635   3.532   5.391   0.51 17.78 ? 77  ARG A CD  1 
ATOM   619  N  NE  A ARG A 1 77  ? 4.113   2.879   6.528   0.49 17.75 ? 77  ARG A NE  1 
ATOM   620  N  NE  B ARG A 1 77  ? 4.090   2.884   6.545   0.51 17.83 ? 77  ARG A NE  1 
ATOM   621  C  CZ  A ARG A 1 77  ? 3.207   3.395   7.333   0.49 15.75 ? 77  ARG A CZ  1 
ATOM   622  C  CZ  B ARG A 1 77  ? 3.189   3.400   7.349   0.51 15.73 ? 77  ARG A CZ  1 
ATOM   623  N  NH1 A ARG A 1 77  ? 2.751   4.585   7.144   0.49 17.60 ? 77  ARG A NH1 1 
ATOM   624  N  NH1 B ARG A 1 77  ? 2.729   4.585   7.147   0.51 17.60 ? 77  ARG A NH1 1 
ATOM   625  N  NH2 A ARG A 1 77  ? 2.769   2.689   8.333   0.49 17.41 ? 77  ARG A NH2 1 
ATOM   626  N  NH2 B ARG A 1 77  ? 2.780   2.701   8.364   0.51 16.93 ? 77  ARG A NH2 1 
ATOM   627  N  N   . ILE A 1 78  ? 0.713   1.344   3.003   1.00 15.06 ? 78  ILE A N   1 
ATOM   628  C  CA  . ILE A 1 78  ? -0.431  1.055   2.143   1.00 13.86 ? 78  ILE A CA  1 
ATOM   629  C  C   . ILE A 1 78  ? -1.140  2.337   1.711   1.00 14.53 ? 78  ILE A C   1 
ATOM   630  O  O   . ILE A 1 78  ? -1.501  3.189   2.546   1.00 15.75 ? 78  ILE A O   1 
ATOM   631  C  CB  . ILE A 1 78  ? -1.457  0.194   2.918   1.00 14.33 ? 78  ILE A CB  1 
ATOM   632  C  CG1 . ILE A 1 78  ? -0.770  -1.061  3.484   1.00 16.16 ? 78  ILE A CG1 1 
ATOM   633  C  CG2 . ILE A 1 78  ? -2.642  -0.169  2.013   1.00 16.10 ? 78  ILE A CG2 1 
ATOM   634  C  CD1 . ILE A 1 78  ? -1.590  -1.783  4.548   1.00 17.19 ? 78  ILE A CD1 1 
ATOM   635  N  N   . PHE A 1 79  ? -1.345  2.439   0.396   1.00 14.79 ? 79  PHE A N   1 
ATOM   636  C  CA  . PHE A 1 79  ? -2.074  3.531   -0.242  1.00 17.12 ? 79  PHE A CA  1 
ATOM   637  C  C   . PHE A 1 79  ? -3.238  2.936   -1.014  1.00 15.95 ? 79  PHE A C   1 
ATOM   638  O  O   . PHE A 1 79  ? -3.095  1.892   -1.655  1.00 17.09 ? 79  PHE A O   1 
ATOM   639  C  CB  . PHE A 1 79  ? -1.174  4.266   -1.241  1.00 15.55 ? 79  PHE A CB  1 
ATOM   640  C  CG  . PHE A 1 79  ? 0.063   4.860   -0.623  1.00 17.72 ? 79  PHE A CG  1 
ATOM   641  C  CD1 . PHE A 1 79  ? 1.183   4.069   -0.367  1.00 15.67 ? 79  PHE A CD1 1 
ATOM   642  C  CD2 . PHE A 1 79  ? 0.107   6.214   -0.305  1.00 18.80 ? 79  PHE A CD2 1 
ATOM   643  C  CE1 . PHE A 1 79  ? 2.331   4.624   0.222   1.00 17.53 ? 79  PHE A CE1 1 
ATOM   644  C  CE2 . PHE A 1 79  ? 1.251   6.777   0.262   1.00 19.19 ? 79  PHE A CE2 1 
ATOM   645  C  CZ  . PHE A 1 79  ? 2.364   5.974   0.527   1.00 17.73 ? 79  PHE A CZ  1 
ATOM   646  N  N   . ILE A 1 80  ? -4.385  3.606   -0.944  1.00 18.26 ? 80  ILE A N   1 
ATOM   647  C  CA  . ILE A 1 80  ? -5.559  3.215   -1.731  1.00 17.34 ? 80  ILE A CA  1 
ATOM   648  C  C   . ILE A 1 80  ? -6.044  4.457   -2.503  1.00 18.37 ? 80  ILE A C   1 
ATOM   649  O  O   . ILE A 1 80  ? -6.462  5.457   -1.894  1.00 19.36 ? 80  ILE A O   1 
ATOM   650  C  CB  . ILE A 1 80  ? -6.670  2.610   -0.838  1.00 17.64 ? 80  ILE A CB  1 
ATOM   651  C  CG1 . ILE A 1 80  ? -6.195  1.288   -0.230  1.00 18.41 ? 80  ILE A CG1 1 
ATOM   652  C  CG2 . ILE A 1 80  ? -7.938  2.369   -1.647  1.00 18.21 ? 80  ILE A CG2 1 
ATOM   653  C  CD1 . ILE A 1 80  ? -7.247  0.576   0.616   1.00 20.40 ? 80  ILE A CD1 1 
ATOM   654  N  N   A ASN A 1 81  ? -5.976  4.382   -3.832  0.56 19.15 ? 81  ASN A N   1 
ATOM   655  N  N   B ASN A 1 81  ? -5.976  4.384   -3.832  0.44 19.17 ? 81  ASN A N   1 
ATOM   656  C  CA  A ASN A 1 81  ? -6.253  5.533   -4.703  0.56 22.20 ? 81  ASN A CA  1 
ATOM   657  C  CA  B ASN A 1 81  ? -6.254  5.534   -4.701  0.44 22.20 ? 81  ASN A CA  1 
ATOM   658  C  C   A ASN A 1 81  ? -5.472  6.770   -4.262  0.56 22.08 ? 81  ASN A C   1 
ATOM   659  C  C   B ASN A 1 81  ? -5.471  6.770   -4.261  0.44 22.08 ? 81  ASN A C   1 
ATOM   660  O  O   A ASN A 1 81  ? -6.032  7.863   -4.141  0.56 20.87 ? 81  ASN A O   1 
ATOM   661  O  O   B ASN A 1 81  ? -6.032  7.863   -4.138  0.44 20.89 ? 81  ASN A O   1 
ATOM   662  C  CB  A ASN A 1 81  ? -7.758  5.840   -4.769  0.56 24.35 ? 81  ASN A CB  1 
ATOM   663  C  CB  B ASN A 1 81  ? -7.758  5.840   -4.763  0.44 24.33 ? 81  ASN A CB  1 
ATOM   664  C  CG  A ASN A 1 81  ? -8.117  6.791   -5.916  0.56 23.49 ? 81  ASN A CG  1 
ATOM   665  C  CG  B ASN A 1 81  ? -8.120  6.788   -5.909  0.44 23.53 ? 81  ASN A CG  1 
ATOM   666  O  OD1 A ASN A 1 81  ? -7.454  6.812   -6.956  0.56 28.72 ? 81  ASN A OD1 1 
ATOM   667  O  OD1 B ASN A 1 81  ? -7.464  6.803   -6.954  0.44 28.67 ? 81  ASN A OD1 1 
ATOM   668  N  ND2 A ASN A 1 81  ? -9.166  7.583   -5.718  0.56 31.33 ? 81  ASN A ND2 1 
ATOM   669  N  ND2 B ASN A 1 81  ? -9.165  7.584   -5.709  0.44 31.29 ? 81  ASN A ND2 1 
ATOM   670  N  N   . LYS A 1 82  ? -4.177  6.574   -4.010  1.00 19.99 ? 82  LYS A N   1 
ATOM   671  C  CA  . LYS A 1 82  ? -3.271  7.641   -3.553  1.00 18.77 ? 82  LYS A CA  1 
ATOM   672  C  C   . LYS A 1 82  ? -3.502  8.155   -2.126  1.00 21.76 ? 82  LYS A C   1 
ATOM   673  O  O   . LYS A 1 82  ? -2.693  8.929   -1.613  1.00 23.41 ? 82  LYS A O   1 
ATOM   674  C  CB  . LYS A 1 82  ? -3.184  8.796   -4.570  1.00 21.55 ? 82  LYS A CB  1 
ATOM   675  C  CG  . LYS A 1 82  ? -2.758  8.326   -5.960  1.00 24.48 ? 82  LYS A CG  1 
ATOM   676  C  CD  . LYS A 1 82  ? -2.928  9.413   -7.018  1.00 28.76 ? 82  LYS A CD  1 
ATOM   677  C  CE  . LYS A 1 82  ? -4.398  9.595   -7.361  1.00 28.90 ? 82  LYS A CE  1 
ATOM   678  N  NZ  . LYS A 1 82  ? -4.632  10.643  -8.400  1.00 35.63 ? 82  LYS A NZ  1 
ATOM   679  N  N   . ASP A 1 83  ? -4.575  7.714   -1.469  1.00 17.08 ? 83  ASP A N   1 
ATOM   680  C  CA  A ASP A 1 83  ? -4.824  8.097   -0.084  0.54 16.66 ? 83  ASP A CA  1 
ATOM   681  C  CA  B ASP A 1 83  ? -4.818  8.109   -0.089  0.46 16.66 ? 83  ASP A CA  1 
ATOM   682  C  C   . ASP A 1 83  ? -4.000  7.211   0.840   1.00 18.62 ? 83  ASP A C   1 
ATOM   683  O  O   . ASP A 1 83  ? -3.885  6.005   0.607   1.00 19.69 ? 83  ASP A O   1 
ATOM   684  C  CB  A ASP A 1 83  ? -6.312  7.947   0.266   0.54 18.74 ? 83  ASP A CB  1 
ATOM   685  C  CB  B ASP A 1 83  ? -6.309  7.993   0.237   0.46 18.76 ? 83  ASP A CB  1 
ATOM   686  C  CG  A ASP A 1 83  ? -7.187  8.950   -0.455  0.54 28.07 ? 83  ASP A CG  1 
ATOM   687  C  CG  B ASP A 1 83  ? -6.690  8.722   1.507   0.46 22.99 ? 83  ASP A CG  1 
ATOM   688  O  OD1 A ASP A 1 83  ? -6.786  10.130  -0.540  0.54 30.17 ? 83  ASP A OD1 1 
ATOM   689  O  OD1 B ASP A 1 83  ? -6.147  9.822   1.758   0.46 32.27 ? 83  ASP A OD1 1 
ATOM   690  O  OD2 A ASP A 1 83  ? -8.277  8.560   -0.929  0.54 32.10 ? 83  ASP A OD2 1 
ATOM   691  O  OD2 B ASP A 1 83  ? -7.545  8.198   2.251   0.46 26.56 ? 83  ASP A OD2 1 
ATOM   692  N  N   . VAL A 1 84  ? -3.428  7.799   1.890   1.00 18.63 ? 84  VAL A N   1 
ATOM   693  C  CA  . VAL A 1 84  ? -2.685  6.999   2.875   1.00 15.96 ? 84  VAL A CA  1 
ATOM   694  C  C   . VAL A 1 84  ? -3.608  6.188   3.796   1.00 16.84 ? 84  VAL A C   1 
ATOM   695  O  O   . VAL A 1 84  ? -4.417  6.760   4.547   1.00 19.50 ? 84  VAL A O   1 
ATOM   696  C  CB  . VAL A 1 84  ? -1.786  7.890   3.760   1.00 20.07 ? 84  VAL A CB  1 
ATOM   697  C  CG1 . VAL A 1 84  ? -1.004  7.034   4.756   1.00 21.79 ? 84  VAL A CG1 1 
ATOM   698  C  CG2 . VAL A 1 84  ? -0.843  8.713   2.895   1.00 20.34 ? 84  VAL A CG2 1 
ATOM   699  N  N   . VAL A 1 85  ? -3.484  4.861   3.750   1.00 17.63 ? 85  VAL A N   1 
ATOM   700  C  CA  . VAL A 1 85  ? -4.150  4.015   4.730   1.00 17.26 ? 85  VAL A CA  1 
ATOM   701  C  C   . VAL A 1 85  ? -3.190  3.882   5.899   1.00 20.88 ? 85  VAL A C   1 
ATOM   702  O  O   . VAL A 1 85  ? -3.577  4.095   7.061   1.00 19.79 ? 85  VAL A O   1 
ATOM   703  C  CB  . VAL A 1 85  ? -4.505  2.625   4.167   1.00 19.97 ? 85  VAL A CB  1 
ATOM   704  C  CG1 . VAL A 1 85  ? -5.004  1.706   5.280   1.00 19.78 ? 85  VAL A CG1 1 
ATOM   705  C  CG2 . VAL A 1 85  ? -5.568  2.751   3.085   1.00 21.18 ? 85  VAL A CG2 1 
ATOM   706  N  N   . GLY A 1 86  ? -1.933  3.555   5.586   1.00 15.94 ? 86  GLY A N   1 
ATOM   707  C  CA  . GLY A 1 86  ? -0.923  3.459   6.629   1.00 16.11 ? 86  GLY A CA  1 
ATOM   708  C  C   . GLY A 1 86  ? -0.303  2.078   6.717   1.00 18.22 ? 86  GLY A C   1 
ATOM   709  O  O   . GLY A 1 86  ? 0.152   1.543   5.724   1.00 17.89 ? 86  GLY A O   1 
ATOM   710  N  N   . GLY A 1 87  ? -0.279  1.491   7.907   1.00 16.66 ? 87  GLY A N   1 
ATOM   711  C  CA  . GLY A 1 87  ? 0.296   0.164   8.057   1.00 14.24 ? 87  GLY A CA  1 
ATOM   712  C  C   . GLY A 1 87  ? -0.778  -0.890  8.235   1.00 16.36 ? 87  GLY A C   1 
ATOM   713  O  O   . GLY A 1 87  ? -1.972  -0.622  8.048   1.00 16.87 ? 87  GLY A O   1 
ATOM   714  N  N   . CYS A 1 88  ? -0.358  -2.100  8.591   1.00 15.48 ? 88  CYS A N   1 
ATOM   715  C  CA  . CYS A 1 88  ? -1.312  -3.185  8.780   1.00 13.62 ? 88  CYS A CA  1 
ATOM   716  C  C   . CYS A 1 88  ? -2.295  -2.884  9.919   1.00 16.33 ? 88  CYS A C   1 
ATOM   717  O  O   . CYS A 1 88  ? -3.470  -3.210  9.800   1.00 17.00 ? 88  CYS A O   1 
ATOM   718  C  CB  . CYS A 1 88  ? -0.574  -4.482  9.074   1.00 12.96 ? 88  CYS A CB  1 
ATOM   719  S  SG  . CYS A 1 88  ? -1.659  -5.941  9.026   1.00 18.23 ? 88  CYS A SG  1 
ATOM   720  N  N   . ASP A 1 89  ? -1.822  -2.287  11.015  1.00 16.81 ? 89  ASP A N   1 
ATOM   721  C  CA  . ASP A 1 89  ? -2.727  -1.990  12.135  1.00 15.17 ? 89  ASP A CA  1 
ATOM   722  C  C   . ASP A 1 89  ? -3.822  -1.010  11.705  1.00 15.76 ? 89  ASP A C   1 
ATOM   723  O  O   . ASP A 1 89  ? -4.997  -1.144  12.096  1.00 17.48 ? 89  ASP A O   1 
ATOM   724  C  CB  . ASP A 1 89  ? -1.971  -1.429  13.345  1.00 14.10 ? 89  ASP A CB  1 
ATOM   725  C  CG  . ASP A 1 89  ? -1.029  -2.437  13.968  1.00 18.38 ? 89  ASP A CG  1 
ATOM   726  O  OD1 . ASP A 1 89  ? -0.999  -3.613  13.523  1.00 18.63 ? 89  ASP A OD1 1 
ATOM   727  O  OD2 . ASP A 1 89  ? -0.319  -2.057  14.926  1.00 19.28 ? 89  ASP A OD2 1 
ATOM   728  N  N   . ASP A 1 90  ? -3.430  -0.022  10.898  1.00 16.97 ? 90  ASP A N   1 
ATOM   729  C  CA  . ASP A 1 90  ? -4.388  0.932   10.345  1.00 16.85 ? 90  ASP A CA  1 
ATOM   730  C  C   . ASP A 1 90  ? -5.414  0.218   9.465   1.00 19.02 ? 90  ASP A C   1 
ATOM   731  O  O   . ASP A 1 90  ? -6.620  0.504   9.519   1.00 19.03 ? 90  ASP A O   1 
ATOM   732  C  CB  . ASP A 1 90  ? -3.666  1.995   9.510   1.00 15.92 ? 90  ASP A CB  1 
ATOM   733  C  CG  . ASP A 1 90  ? -2.753  2.887   10.339  1.00 26.99 ? 90  ASP A CG  1 
ATOM   734  O  OD1 . ASP A 1 90  ? -3.201  3.425   11.383  1.00 21.04 ? 90  ASP A OD1 1 
ATOM   735  O  OD2 . ASP A 1 90  ? -1.582  3.083   9.927   1.00 26.08 ? 90  ASP A OD2 1 
ATOM   736  N  N   . LEU A 1 91  ? -4.924  -0.712  8.647   1.00 19.21 ? 91  LEU A N   1 
ATOM   737  C  CA  . LEU A 1 91  ? -5.796  -1.486  7.773   1.00 17.79 ? 91  LEU A CA  1 
ATOM   738  C  C   . LEU A 1 91  ? -6.790  -2.319  8.576   1.00 19.76 ? 91  LEU A C   1 
ATOM   739  O  O   . LEU A 1 91  ? -7.969  -2.386  8.238   1.00 19.42 ? 91  LEU A O   1 
ATOM   740  C  CB  . LEU A 1 91  ? -4.972  -2.406  6.867   1.00 17.32 ? 91  LEU A CB  1 
ATOM   741  C  CG  . LEU A 1 91  ? -5.781  -3.157  5.800   1.00 17.85 ? 91  LEU A CG  1 
ATOM   742  C  CD1 . LEU A 1 91  ? -6.330  -2.187  4.754   1.00 19.26 ? 91  LEU A CD1 1 
ATOM   743  C  CD2 . LEU A 1 91  ? -4.941  -4.249  5.147   1.00 17.80 ? 91  LEU A CD2 1 
ATOM   744  N  N   . VAL A 1 92  ? -6.313  -2.944  9.644   1.00 16.48 ? 92  VAL A N   1 
ATOM   745  C  CA  . VAL A 1 92  ? -7.156  -3.769  10.504  1.00 18.59 ? 92  VAL A CA  1 
ATOM   746  C  C   . VAL A 1 92  ? -8.223  -2.913  11.173  1.00 20.09 ? 92  VAL A C   1 
ATOM   747  O  O   . VAL A 1 92  ? -9.380  -3.319  11.234  1.00 19.48 ? 92  VAL A O   1 
ATOM   748  C  CB  . VAL A 1 92  ? -6.325  -4.531  11.569  1.00 18.68 ? 92  VAL A CB  1 
ATOM   749  C  CG1 . VAL A 1 92  ? -7.239  -5.128  12.646  1.00 21.55 ? 92  VAL A CG1 1 
ATOM   750  C  CG2 . VAL A 1 92  ? -5.475  -5.634  10.903  1.00 18.34 ? 92  VAL A CG2 1 
ATOM   751  N  N   . LYS A 1 93  ? -7.844  -1.728  11.658  1.00 17.08 ? 93  LYS A N   1 
ATOM   752  C  CA  . LYS A 1 93  ? -8.836  -0.802  12.214  1.00 17.88 ? 93  LYS A CA  1 
ATOM   753  C  C   . LYS A 1 93  ? -9.906  -0.442  11.173  1.00 19.75 ? 93  LYS A C   1 
ATOM   754  O  O   . LYS A 1 93  ? -11.118 -0.526  11.455  1.00 21.81 ? 93  LYS A O   1 
ATOM   755  C  CB  . LYS A 1 93  ? -8.164  0.479   12.744  1.00 21.06 ? 93  LYS A CB  1 
ATOM   756  C  CG  . LYS A 1 93  ? -9.150  1.540   13.259  1.00 22.49 ? 93  LYS A CG  1 
ATOM   757  C  CD  . LYS A 1 93  ? -8.421  2.732   13.871  1.00 22.90 ? 93  LYS A CD  1 
ATOM   758  C  CE  . LYS A 1 93  ? -9.391  3.836   14.305  1.00 24.93 ? 93  LYS A CE  1 
ATOM   759  N  NZ  . LYS A 1 93  ? -10.380 3.386   15.324  1.00 27.25 ? 93  LYS A NZ  1 
ATOM   760  N  N   . GLU A 1 94  ? -9.471  -0.060  9.969   1.00 17.96 ? 94  GLU A N   1 
ATOM   761  C  CA  . GLU A 1 94  ? -10.431 0.336   8.933   1.00 22.16 ? 94  GLU A CA  1 
ATOM   762  C  C   . GLU A 1 94  ? -11.356 -0.816  8.548   1.00 20.27 ? 94  GLU A C   1 
ATOM   763  O  O   . GLU A 1 94  ? -12.554 -0.628  8.312   1.00 21.95 ? 94  GLU A O   1 
ATOM   764  C  CB  . GLU A 1 94  ? -9.720  0.874   7.679   1.00 18.71 ? 94  GLU A CB  1 
ATOM   765  C  CG  . GLU A 1 94  ? -9.055  2.240   7.876   1.00 23.08 ? 94  GLU A CG  1 
ATOM   766  C  CD  . GLU A 1 94  ? -8.759  2.912   6.553   1.00 22.82 ? 94  GLU A CD  1 
ATOM   767  O  OE1 . GLU A 1 94  ? -9.224  2.394   5.515   1.00 26.81 ? 94  GLU A OE1 1 
ATOM   768  O  OE2 . GLU A 1 94  ? -8.073  3.958   6.549   1.00 31.81 ? 94  GLU A OE2 1 
ATOM   769  N  N   . ASN A 1 95  ? -10.781 -2.007  8.481   1.00 19.38 ? 95  ASN A N   1 
ATOM   770  C  CA  . ASN A 1 95  ? -11.506 -3.194  8.070   1.00 18.50 ? 95  ASN A CA  1 
ATOM   771  C  C   . ASN A 1 95  ? -12.560 -3.517  9.111   1.00 20.35 ? 95  ASN A C   1 
ATOM   772  O  O   . ASN A 1 95  ? -13.738 -3.736  8.782   1.00 20.93 ? 95  ASN A O   1 
ATOM   773  C  CB  . ASN A 1 95  ? -10.533 -4.364  7.922   1.00 16.12 ? 95  ASN A CB  1 
ATOM   774  C  CG  . ASN A 1 95  ? -11.155 -5.548  7.214   1.00 20.62 ? 95  ASN A CG  1 
ATOM   775  O  OD1 . ASN A 1 95  ? -12.020 -5.381  6.345   1.00 24.99 ? 95  ASN A OD1 1 
ATOM   776  N  ND2 . ASN A 1 95  ? -10.740 -6.754  7.596   1.00 23.63 ? 95  ASN A ND2 1 
ATOM   777  N  N   . ASP A 1 96  ? -12.141 -3.530  10.374  1.00 19.07 ? 96  ASP A N   1 
ATOM   778  C  CA  . ASP A 1 96  ? -13.055 -3.869  11.462  1.00 20.11 ? 96  ASP A CA  1 
ATOM   779  C  C   . ASP A 1 96  ? -14.164 -2.846  11.610  1.00 21.89 ? 96  ASP A C   1 
ATOM   780  O  O   . ASP A 1 96  ? -15.287 -3.201  11.995  1.00 25.34 ? 96  ASP A O   1 
ATOM   781  C  CB  . ASP A 1 96  ? -12.300 -4.001  12.791  1.00 21.85 ? 96  ASP A CB  1 
ATOM   782  C  CG  . ASP A 1 96  ? -11.516 -5.289  12.886  1.00 22.42 ? 96  ASP A CG  1 
ATOM   783  O  OD1 . ASP A 1 96  ? -11.420 -6.024  11.870  1.00 23.60 ? 96  ASP A OD1 1 
ATOM   784  O  OD2 . ASP A 1 96  ? -10.987 -5.577  13.981  1.00 27.52 ? 96  ASP A OD2 1 
ATOM   785  N  N   . GLU A 1 97  ? -13.868 -1.584  11.301  1.00 19.31 ? 97  GLU A N   1 
ATOM   786  C  CA  . GLU A 1 97  ? -14.842 -0.526  11.564  1.00 18.39 ? 97  GLU A CA  1 
ATOM   787  C  C   . GLU A 1 97  ? -15.657 -0.138  10.336  1.00 26.83 ? 97  GLU A C   1 
ATOM   788  O  O   . GLU A 1 97  ? -16.503 0.758   10.400  1.00 30.33 ? 97  GLU A O   1 
ATOM   789  C  CB  . GLU A 1 97  ? -14.146 0.670   12.227  1.00 22.82 ? 97  GLU A CB  1 
ATOM   790  C  CG  . GLU A 1 97  ? -13.533 0.249   13.573  1.00 23.18 ? 97  GLU A CG  1 
ATOM   791  C  CD  . GLU A 1 97  ? -12.777 1.352   14.290  1.00 28.48 ? 97  GLU A CD  1 
ATOM   792  O  OE1 . GLU A 1 97  ? -12.514 2.412   13.683  1.00 28.18 ? 97  GLU A OE1 1 
ATOM   793  O  OE2 . GLU A 1 97  ? -12.448 1.148   15.484  1.00 30.67 ? 97  GLU A OE2 1 
ATOM   794  N  N   . GLY A 1 98  ? -15.410 -0.838  9.230   1.00 25.52 ? 98  GLY A N   1 
ATOM   795  C  CA  . GLY A 1 98  ? -16.220 -0.698  8.032   1.00 29.66 ? 98  GLY A CA  1 
ATOM   796  C  C   . GLY A 1 98  ? -15.690 0.319   7.036   1.00 30.82 ? 98  GLY A C   1 
ATOM   797  O  O   . GLY A 1 98  ? -16.236 0.465   5.937   1.00 34.30 ? 98  GLY A O   1 
ATOM   798  N  N   . LYS A 1 99  ? -14.628 1.022   7.418   1.00 24.18 ? 99  LYS A N   1 
ATOM   799  C  CA  . LYS A 1 99  ? -14.053 2.080   6.586   1.00 23.93 ? 99  LYS A CA  1 
ATOM   800  C  C   . LYS A 1 99  ? -13.418 1.540   5.298   1.00 29.25 ? 99  LYS A C   1 
ATOM   801  O  O   . LYS A 1 99  ? -13.525 2.161   4.228   1.00 26.52 ? 99  LYS A O   1 
ATOM   802  C  CB  . LYS A 1 99  ? -13.032 2.890   7.396   1.00 31.58 ? 99  LYS A CB  1 
ATOM   803  C  CG  . LYS A 1 99  ? -12.197 3.897   6.595   1.00 38.90 ? 99  LYS A CG  1 
ATOM   804  C  CD  . LYS A 1 99  ? -13.058 4.996   5.971   1.00 48.73 ? 99  LYS A CD  1 
ATOM   805  C  CE  . LYS A 1 99  ? -12.228 5.950   5.100   1.00 54.44 ? 99  LYS A CE  1 
ATOM   806  N  NZ  . LYS A 1 99  ? -11.181 6.688   5.870   1.00 55.12 ? 99  LYS A NZ  1 
ATOM   807  N  N   . LEU A 1 100 ? -12.755 0.389   5.396   1.00 26.27 ? 100 LEU A N   1 
ATOM   808  C  CA  . LEU A 1 100 ? -12.104 -0.192  4.227   1.00 21.14 ? 100 LEU A CA  1 
ATOM   809  C  C   . LEU A 1 100 ? -13.147 -0.522  3.165   1.00 21.69 ? 100 LEU A C   1 
ATOM   810  O  O   . LEU A 1 100 ? -12.992 -0.178  1.980   1.00 25.98 ? 100 LEU A O   1 
ATOM   811  C  CB  . LEU A 1 100 ? -11.326 -1.455  4.606   1.00 18.16 ? 100 LEU A CB  1 
ATOM   812  C  CG  . LEU A 1 100 ? -10.609 -2.206  3.479   1.00 17.71 ? 100 LEU A CG  1 
ATOM   813  C  CD1 . LEU A 1 100 ? -9.656  -1.285  2.728   1.00 21.51 ? 100 LEU A CD1 1 
ATOM   814  C  CD2 . LEU A 1 100 ? -9.845  -3.396  4.078   1.00 19.09 ? 100 LEU A CD2 1 
ATOM   815  N  N   . LYS A 1 101 ? -14.223 -1.176  3.594   1.00 23.05 ? 101 LYS A N   1 
ATOM   816  C  CA  . LYS A 1 101 ? -15.263 -1.542  2.641   1.00 24.67 ? 101 LYS A CA  1 
ATOM   817  C  C   . LYS A 1 101 ? -15.854 -0.289  2.006   1.00 22.02 ? 101 LYS A C   1 
ATOM   818  O  O   . LYS A 1 101 ? -16.145 -0.280  0.819   1.00 31.29 ? 101 LYS A O   1 
ATOM   819  C  CB  . LYS A 1 101 ? -16.351 -2.404  3.284   1.00 29.42 ? 101 LYS A CB  1 
ATOM   820  C  CG  . LYS A 1 101 ? -17.286 -3.039  2.250   1.00 37.85 ? 101 LYS A CG  1 
ATOM   821  C  CD  . LYS A 1 101 ? -18.406 -3.850  2.894   1.00 55.65 ? 101 LYS A CD  1 
ATOM   822  C  CE  . LYS A 1 101 ? -19.334 -4.441  1.835   1.00 64.38 ? 101 LYS A CE  1 
ATOM   823  N  NZ  . LYS A 1 101 ? -20.505 -5.137  2.440   1.00 76.88 ? 101 LYS A NZ  1 
ATOM   824  N  N   . GLU A 1 102 ? -16.013 0.769   2.797   1.00 26.16 ? 102 GLU A N   1 
ATOM   825  C  CA  . GLU A 1 102 ? -16.455 2.070   2.287   1.00 34.15 ? 102 GLU A CA  1 
ATOM   826  C  C   . GLU A 1 102 ? -15.550 2.598   1.156   1.00 32.33 ? 102 GLU A C   1 
ATOM   827  O  O   . GLU A 1 102 ? -16.040 2.961   0.057   1.00 31.95 ? 102 GLU A O   1 
ATOM   828  C  CB  . GLU A 1 102 ? -16.521 3.069   3.452   1.00 40.43 ? 102 GLU A CB  1 
ATOM   829  C  CG  . GLU A 1 102 ? -16.778 4.520   3.071   1.00 61.01 ? 102 GLU A CG  1 
ATOM   830  C  CD  . GLU A 1 102 ? -16.663 5.459   4.265   1.00 75.70 ? 102 GLU A CD  1 
ATOM   831  O  OE1 . GLU A 1 102 ? -16.899 5.005   5.409   1.00 78.59 ? 102 GLU A OE1 1 
ATOM   832  O  OE2 . GLU A 1 102 ? -16.326 6.647   4.058   1.00 76.59 ? 102 GLU A OE2 1 
ATOM   833  N  N   . ARG A 1 103 ? -14.239 2.642   1.420   1.00 27.36 ? 103 ARG A N   1 
ATOM   834  C  CA  . ARG A 1 103 ? -13.280 3.049   0.381   1.00 23.82 ? 103 ARG A CA  1 
ATOM   835  C  C   . ARG A 1 103 ? -13.486 2.243   -0.893  1.00 25.11 ? 103 ARG A C   1 
ATOM   836  O  O   . ARG A 1 103 ? -13.630 2.792   -2.019  1.00 30.66 ? 103 ARG A O   1 
ATOM   837  C  CB  . ARG A 1 103 ? -11.836 2.797   0.820   1.00 30.11 ? 103 ARG A CB  1 
ATOM   838  C  CG  . ARG A 1 103 ? -11.288 3.663   1.918   1.00 33.24 ? 103 ARG A CG  1 
ATOM   839  C  CD  . ARG A 1 103 ? -9.783  3.413   2.034   1.00 22.30 ? 103 ARG A CD  1 
ATOM   840  N  NE  . ARG A 1 103 ? -9.239  4.019   3.236   1.00 23.93 ? 103 ARG A NE  1 
ATOM   841  C  CZ  . ARG A 1 103 ? -8.756  5.254   3.288   1.00 27.41 ? 103 ARG A CZ  1 
ATOM   842  N  NH1 . ARG A 1 103 ? -8.753  6.010   2.193   1.00 33.86 ? 103 ARG A NH1 1 
ATOM   843  N  NH2 . ARG A 1 103 ? -8.282  5.737   4.428   1.00 28.30 ? 103 ARG A NH2 1 
ATOM   844  N  N   . LEU A 1 104 ? -13.481 0.922   -0.710  1.00 21.58 ? 104 LEU A N   1 
ATOM   845  C  CA  . LEU A 1 104 ? -13.500 0.029   -1.863  1.00 20.99 ? 104 LEU A CA  1 
ATOM   846  C  C   . LEU A 1 104 ? -14.800 0.179   -2.650  1.00 27.48 ? 104 LEU A C   1 
ATOM   847  O  O   . LEU A 1 104 ? -14.797 0.122   -3.875  1.00 25.59 ? 104 LEU A O   1 
ATOM   848  C  CB  . LEU A 1 104 ? -13.260 -1.421  -1.443  1.00 24.57 ? 104 LEU A CB  1 
ATOM   849  C  CG  . LEU A 1 104 ? -11.930 -1.652  -0.716  1.00 22.98 ? 104 LEU A CG  1 
ATOM   850  C  CD1 . LEU A 1 104 ? -11.835 -3.086  -0.241  1.00 23.16 ? 104 LEU A CD1 1 
ATOM   851  C  CD2 . LEU A 1 104 ? -10.741 -1.321  -1.606  1.00 22.02 ? 104 LEU A CD2 1 
ATOM   852  N  N   . GLN A 1 105 ? -15.905 0.405   -1.943  1.00 26.53 ? 105 GLN A N   1 
ATOM   853  C  CA  . GLN A 1 105 ? -17.190 0.611   -2.600  1.00 23.81 ? 105 GLN A CA  1 
ATOM   854  C  C   . GLN A 1 105 ? -17.149 1.888   -3.423  1.00 27.74 ? 105 GLN A C   1 
ATOM   855  O  O   . GLN A 1 105 ? -17.572 1.886   -4.588  1.00 31.52 ? 105 GLN A O   1 
ATOM   856  C  CB  . GLN A 1 105 ? -18.341 0.639   -1.587  1.00 29.46 ? 105 GLN A CB  1 
ATOM   857  C  CG  . GLN A 1 105 ? -18.638 -0.732  -0.983  1.00 46.88 ? 105 GLN A CG  1 
ATOM   858  C  CD  . GLN A 1 105 ? -19.874 -0.758  -0.093  1.00 59.38 ? 105 GLN A CD  1 
ATOM   859  O  OE1 . GLN A 1 105 ? -20.638 -1.726  -0.110  1.00 64.46 ? 105 GLN A OE1 1 
ATOM   860  N  NE2 . GLN A 1 105 ? -20.062 0.291   0.703   1.00 53.00 ? 105 GLN A NE2 1 
ATOM   861  N  N   . LYS A 1 106 ? -16.622 2.965   -2.845  1.00 27.95 ? 106 LYS A N   1 
ATOM   862  C  CA  . LYS A 1 106 ? -16.530 4.216   -3.599  1.00 31.27 ? 106 LYS A CA  1 
ATOM   863  C  C   . LYS A 1 106 ? -15.645 4.079   -4.834  1.00 36.05 ? 106 LYS A C   1 
ATOM   864  O  O   . LYS A 1 106 ? -15.795 4.841   -5.800  1.00 33.55 ? 106 LYS A O   1 
ATOM   865  C  CB  . LYS A 1 106 ? -16.036 5.360   -2.710  1.00 35.07 ? 106 LYS A CB  1 
ATOM   866  C  CG  . LYS A 1 106 ? -16.992 5.688   -1.570  1.00 55.64 ? 106 LYS A CG  1 
ATOM   867  C  CD  . LYS A 1 106 ? -16.517 6.887   -0.765  1.00 65.35 ? 106 LYS A CD  1 
ATOM   868  C  CE  . LYS A 1 106 ? -17.288 7.016   0.546   1.00 67.06 ? 106 LYS A CE  1 
ATOM   869  N  NZ  . LYS A 1 106 ? -16.706 8.069   1.430   1.00 78.00 ? 106 LYS A NZ  1 
ATOM   870  N  N   . LEU A 1 107 ? -14.731 3.111   -4.817  1.00 23.94 ? 107 LEU A N   1 
ATOM   871  C  CA  . LEU A 1 107 ? -13.889 2.910   -6.002  1.00 23.94 ? 107 LEU A CA  1 
ATOM   872  C  C   . LEU A 1 107 ? -14.450 1.897   -7.015  1.00 27.08 ? 107 LEU A C   1 
ATOM   873  O  O   . LEU A 1 107 ? -13.830 1.627   -8.054  1.00 25.07 ? 107 LEU A O   1 
ATOM   874  C  CB  . LEU A 1 107 ? -12.474 2.517   -5.581  1.00 23.39 ? 107 LEU A CB  1 
ATOM   875  C  CG  . LEU A 1 107 ? -11.792 3.559   -4.689  1.00 26.68 ? 107 LEU A CG  1 
ATOM   876  C  CD1 . LEU A 1 107 ? -10.605 2.936   -3.974  1.00 29.12 ? 107 LEU A CD1 1 
ATOM   877  C  CD2 . LEU A 1 107 ? -11.352 4.777   -5.488  1.00 25.60 ? 107 LEU A CD2 1 
ATOM   878  N  N   . GLY A 1 108 ? -15.622 1.338   -6.720  1.00 24.35 ? 108 GLY A N   1 
ATOM   879  C  CA  . GLY A 1 108 ? -16.224 0.345   -7.596  1.00 24.61 ? 108 GLY A CA  1 
ATOM   880  C  C   . GLY A 1 108 ? -15.508 -0.990  -7.542  1.00 30.43 ? 108 GLY A C   1 
ATOM   881  O  O   . GLY A 1 108 ? -15.640 -1.817  -8.448  1.00 27.22 ? 108 GLY A O   1 
ATOM   882  N  N   . LEU A 1 109 ? -14.749 -1.207  -6.472  1.00 27.73 ? 109 LEU A N   1 
ATOM   883  C  CA  . LEU A 1 109 ? -13.935 -2.411  -6.348  1.00 28.60 ? 109 LEU A CA  1 
ATOM   884  C  C   . LEU A 1 109 ? -14.700 -3.540  -5.681  1.00 36.16 ? 109 LEU A C   1 
ATOM   885  O  O   . LEU A 1 109 ? -14.401 -4.720  -5.895  1.00 46.69 ? 109 LEU A O   1 
ATOM   886  C  CB  . LEU A 1 109 ? -12.651 -2.104  -5.579  1.00 23.98 ? 109 LEU A CB  1 
ATOM   887  C  CG  . LEU A 1 109 ? -11.672 -1.271  -6.407  1.00 27.46 ? 109 LEU A CG  1 
ATOM   888  C  CD1 . LEU A 1 109 ? -10.524 -0.771  -5.546  1.00 25.45 ? 109 LEU A CD1 1 
ATOM   889  C  CD2 . LEU A 1 109 ? -11.160 -2.125  -7.544  1.00 27.40 ? 109 LEU A CD2 1 
ATOM   890  N  N   . VAL A 1 110 ? -15.694 -3.178  -4.875  1.00 29.82 ? 110 VAL A N   1 
ATOM   891  C  CA  . VAL A 1 110 ? -16.592 -4.171  -4.293  1.00 44.45 ? 110 VAL A CA  1 
ATOM   892  C  C   . VAL A 1 110 ? -18.040 -3.682  -4.410  1.00 55.69 ? 110 VAL A C   1 
ATOM   893  O  O   . VAL A 1 110 ? -18.319 -2.495  -4.223  1.00 55.63 ? 110 VAL A O   1 
ATOM   894  C  CB  . VAL A 1 110 ? -16.222 -4.502  -2.820  1.00 46.40 ? 110 VAL A CB  1 
ATOM   895  C  CG1 . VAL A 1 110 ? -14.807 -5.089  -2.726  1.00 43.98 ? 110 VAL A CG1 1 
ATOM   896  C  CG2 . VAL A 1 110 ? -16.346 -3.273  -1.940  1.00 41.52 ? 110 VAL A CG2 1 
ATOM   897  N  N   . ASN A 1 111 ? -18.952 -4.596  -4.740  1.00 65.15 ? 111 ASN A N   1 
ATOM   898  C  CA  . ASN A 1 111 ? -20.361 -4.248  -4.943  1.00 76.79 ? 111 ASN A CA  1 
ATOM   899  C  C   . ASN A 1 111 ? -21.085 -3.886  -3.644  1.00 82.09 ? 111 ASN A C   1 
ATOM   900  O  O   . ASN A 1 111 ? -22.303 -3.697  -3.629  1.00 89.73 ? 111 ASN A O   1 
ATOM   901  C  CB  . ASN A 1 111 ? -21.098 -5.385  -5.658  1.00 70.19 ? 111 ASN A CB  1 
ATOM   902  O  OXT . ASN A 1 111 ? -20.470 -3.774  -2.580  1.00 75.09 ? 111 ASN A OXT 1 
HETATM 903  S  S1  . MPO B 2 .   ? 2.223   -1.964  11.112  0.91 16.72 ? 201 MPO A S1  1 
HETATM 904  O  O1  . MPO B 2 .   ? 0.953   -1.388  11.454  0.91 15.98 ? 201 MPO A O1  1 
HETATM 905  O  O2  . MPO B 2 .   ? 2.174   -2.348  9.716   0.91 17.92 ? 201 MPO A O2  1 
HETATM 906  O  O4  . MPO B 2 .   ? 0.922   -4.200  18.327  0.91 18.41 ? 201 MPO A O4  1 
HETATM 907  N  N1  . MPO B 2 .   ? 1.454   -3.979  15.542  0.91 17.13 ? 201 MPO A N1  1 
HETATM 908  C  C1  . MPO B 2 .   ? 2.563   -3.404  12.088  0.91 17.23 ? 201 MPO A C1  1 
HETATM 909  O  O3  . MPO B 2 .   ? 3.321   -0.984  11.330  0.91 22.22 ? 201 MPO A O3  1 
HETATM 910  C  C2  . MPO B 2 .   ? 2.515   -3.013  13.547  0.91 18.65 ? 201 MPO A C2  1 
HETATM 911  C  C3  . MPO B 2 .   ? 2.167   -4.278  14.293  0.91 15.81 ? 201 MPO A C3  1 
HETATM 912  C  C4  . MPO B 2 .   ? 2.235   -3.323  16.591  0.91 16.04 ? 201 MPO A C4  1 
HETATM 913  C  C5  . MPO B 2 .   ? 1.360   -3.000  17.777  0.91 18.39 ? 201 MPO A C5  1 
HETATM 914  C  C6  . MPO B 2 .   ? 0.050   -4.753  17.406  0.91 17.68 ? 201 MPO A C6  1 
HETATM 915  C  C7  . MPO B 2 .   ? 0.823   -5.141  16.170  0.91 15.85 ? 201 MPO A C7  1 
HETATM 916  C  C1  . MPD C 3 .   ? 0.101   11.034  -5.347  0.90 40.59 ? 202 MPD A C1  1 
HETATM 917  C  C2  . MPD C 3 .   ? 1.341   11.182  -4.475  0.90 34.07 ? 202 MPD A C2  1 
HETATM 918  O  O2  . MPD C 3 .   ? 2.056   9.923   -4.444  0.90 49.12 ? 202 MPD A O2  1 
HETATM 919  C  CM  . MPD C 3 .   ? 2.259   12.234  -5.077  0.90 42.56 ? 202 MPD A CM  1 
HETATM 920  C  C3  . MPD C 3 .   ? 0.972   11.595  -3.055  0.90 33.37 ? 202 MPD A C3  1 
HETATM 921  C  C4  . MPD C 3 .   ? -0.153  10.763  -2.450  0.90 51.45 ? 202 MPD A C4  1 
HETATM 922  O  O4  . MPD C 3 .   ? 0.308   10.040  -1.325  0.90 41.06 ? 202 MPD A O4  1 
HETATM 923  C  C5  . MPD C 3 .   ? -1.283  11.679  -1.999  0.90 48.31 ? 202 MPD A C5  1 
HETATM 924  PT PT1 . CPT D 4 .   ? 1.836   -5.799  -9.610  0.26 43.80 ? 203 CPT A PT1 1 
HETATM 925  N  N1  . CPT D 4 .   ? 0.656   -7.222  -10.414 0.26 32.72 ? 203 CPT A N1  1 
HETATM 926  CL CL1 . CPT D 4 .   ? 1.729   -4.141  -11.141 0.26 31.57 ? 203 CPT A CL1 1 
HETATM 927  O  O   . HOH E 5 .   ? 4.108   0.100   8.863   1.00 18.93 ? 301 HOH A O   1 
HETATM 928  O  O   . HOH E 5 .   ? -4.917  -0.389  -10.330 1.00 19.71 ? 302 HOH A O   1 
HETATM 929  O  O   . HOH E 5 .   ? -6.056  -13.531 0.780   1.00 22.47 ? 303 HOH A O   1 
HETATM 930  O  O   . HOH E 5 .   ? 6.115   -7.411  10.115  1.00 21.20 ? 304 HOH A O   1 
HETATM 931  O  O   . HOH E 5 .   ? -2.917  -2.239  -10.552 1.00 22.30 ? 305 HOH A O   1 
HETATM 932  O  O   . HOH E 5 .   ? -2.363  -5.670  12.355  1.00 22.54 ? 306 HOH A O   1 
HETATM 933  O  O   . HOH E 5 .   ? -2.685  4.222   -4.680  1.00 21.36 ? 307 HOH A O   1 
HETATM 934  O  O   . HOH E 5 .   ? -10.186 -9.988  3.798   1.00 23.87 ? 308 HOH A O   1 
HETATM 935  O  O   . HOH E 5 .   ? 11.926  -2.464  -5.102  1.00 24.54 ? 309 HOH A O   1 
HETATM 936  O  O   . HOH E 5 .   ? 0.913   4.132   10.204  1.00 27.23 ? 310 HOH A O   1 
HETATM 937  O  O   . HOH E 5 .   ? -0.457  0.725   11.070  1.00 25.63 ? 311 HOH A O   1 
HETATM 938  O  O   . HOH E 5 .   ? -5.453  4.562   11.664  1.00 27.16 ? 312 HOH A O   1 
HETATM 939  O  O   . HOH E 5 .   ? 11.653  11.051  6.152   1.00 25.89 ? 313 HOH A O   1 
HETATM 940  O  O   . HOH E 5 .   ? -2.613  -4.840  -11.211 1.00 27.48 ? 314 HOH A O   1 
HETATM 941  O  O   . HOH E 5 .   ? -9.246  -6.780  10.158  1.00 23.16 ? 315 HOH A O   1 
HETATM 942  O  O   . HOH E 5 .   ? -14.529 -2.662  6.154   1.00 26.43 ? 316 HOH A O   1 
HETATM 943  O  O   . HOH E 5 .   ? 5.696   -4.641  10.108  1.00 26.44 ? 317 HOH A O   1 
HETATM 944  O  O   . HOH E 5 .   ? -6.054  4.658   8.111   1.00 26.25 ? 318 HOH A O   1 
HETATM 945  O  O   . HOH E 5 .   ? -5.133  -2.903  -12.856 1.00 25.63 ? 319 HOH A O   1 
HETATM 946  O  O   . HOH E 5 .   ? 8.797   5.838   11.267  1.00 27.33 ? 320 HOH A O   1 
HETATM 947  O  O   . HOH E 5 .   ? 13.005  12.823  4.916   1.00 26.64 ? 321 HOH A O   1 
HETATM 948  O  O   . HOH E 5 .   ? -9.299  5.642   -0.674  1.00 29.41 ? 322 HOH A O   1 
HETATM 949  O  O   . HOH E 5 .   ? 8.830   -4.308  9.349   1.00 32.89 ? 323 HOH A O   1 
HETATM 950  O  O   . HOH E 5 .   ? 9.813   -1.775  8.553   1.00 29.73 ? 324 HOH A O   1 
HETATM 951  O  O   . HOH E 5 .   ? 18.871  4.528   -0.161  1.00 33.50 ? 325 HOH A O   1 
HETATM 952  O  O   . HOH E 5 .   ? -11.919 -4.044  -11.890 1.00 30.52 ? 326 HOH A O   1 
HETATM 953  O  O   . HOH E 5 .   ? -3.287  -15.414 5.803   1.00 26.76 ? 327 HOH A O   1 
HETATM 954  O  O   . HOH E 5 .   ? 0.739   6.424   8.215   1.00 31.46 ? 328 HOH A O   1 
HETATM 955  O  O   . HOH E 5 .   ? 18.202  -3.429  1.333   1.00 32.29 ? 329 HOH A O   1 
HETATM 956  O  O   . HOH E 5 .   ? 0.694   0.165   -14.946 1.00 30.47 ? 330 HOH A O   1 
HETATM 957  O  O   . HOH E 5 .   ? 6.818   -10.393 3.463   1.00 29.42 ? 331 HOH A O   1 
HETATM 958  O  O   . HOH E 5 .   ? -3.825  10.651  2.230   1.00 29.94 ? 332 HOH A O   1 
HETATM 959  O  O   . HOH E 5 .   ? 3.435   0.140   -11.177 1.00 32.78 ? 333 HOH A O   1 
HETATM 960  O  O   . HOH E 5 .   ? -6.435  -9.811  -12.663 1.00 30.54 ? 334 HOH A O   1 
HETATM 961  O  O   . HOH E 5 .   ? 7.861   2.933   -10.699 1.00 31.54 ? 335 HOH A O   1 
HETATM 962  O  O   . HOH E 5 .   ? 13.213  -8.640  5.807   1.00 43.13 ? 336 HOH A O   1 
HETATM 963  O  O   . HOH E 5 .   ? 6.687   -8.293  12.747  1.00 33.70 ? 337 HOH A O   1 
HETATM 964  O  O   . HOH E 5 .   ? 19.250  -1.101  -0.010  1.00 31.65 ? 338 HOH A O   1 
HETATM 965  O  O   . HOH E 5 .   ? 20.759  4.648   -2.225  1.00 35.56 ? 339 HOH A O   1 
HETATM 966  O  O   . HOH E 5 .   ? 12.392  -6.134  -5.292  1.00 31.25 ? 340 HOH A O   1 
HETATM 967  O  O   . HOH E 5 .   ? 11.136  2.087   10.105  1.00 33.48 ? 341 HOH A O   1 
HETATM 968  O  O   . HOH E 5 .   ? 6.234   12.104  -9.920  1.00 36.71 ? 342 HOH A O   1 
HETATM 969  O  O   . HOH E 5 .   ? -9.610  4.577   10.756  1.00 36.26 ? 343 HOH A O   1 
HETATM 970  O  O   . HOH E 5 .   ? 8.664   -7.238  9.308   1.00 39.27 ? 344 HOH A O   1 
HETATM 971  O  O   . HOH E 5 .   ? -6.797  10.813  -9.844  1.00 36.09 ? 345 HOH A O   1 
HETATM 972  O  O   . HOH E 5 .   ? 2.771   1.091   13.017  1.00 28.94 ? 346 HOH A O   1 
HETATM 973  O  O   . HOH E 5 .   ? -0.089  -12.514 1.942   1.00 34.79 ? 347 HOH A O   1 
HETATM 974  O  O   . HOH E 5 .   ? -11.524 5.973   15.914  1.00 36.60 ? 348 HOH A O   1 
HETATM 975  O  O   . HOH E 5 .   ? 3.635   12.327  -10.423 1.00 34.04 ? 349 HOH A O   1 
HETATM 976  O  O   . HOH E 5 .   ? 7.458   -1.667  -10.127 1.00 39.17 ? 350 HOH A O   1 
HETATM 977  O  O   . HOH E 5 .   ? 6.350   2.131   12.527  1.00 40.30 ? 351 HOH A O   1 
HETATM 978  O  O   . HOH E 5 .   ? -8.762  -9.085  -8.751  1.00 33.09 ? 352 HOH A O   1 
HETATM 979  O  O   . HOH E 5 .   ? 10.115  -2.419  -9.466  1.00 45.63 ? 353 HOH A O   1 
HETATM 980  O  O   . HOH E 5 .   ? -1.040  -4.037  -13.362 1.00 33.01 ? 354 HOH A O   1 
HETATM 981  O  O   . HOH E 5 .   ? 5.462   14.021  -3.400  1.00 40.46 ? 355 HOH A O   1 
HETATM 982  O  O   . HOH E 5 .   ? 9.410   -5.694  -5.742  1.00 36.92 ? 356 HOH A O   1 
HETATM 983  O  O   . HOH E 5 .   ? -13.045 -7.503  10.258  1.00 41.38 ? 357 HOH A O   1 
HETATM 984  O  O   . HOH E 5 .   ? 12.818  7.170   -11.417 1.00 36.00 ? 358 HOH A O   1 
HETATM 985  O  O   . HOH E 5 .   ? -11.010 8.928   -7.360  1.00 43.65 ? 359 HOH A O   1 
HETATM 986  O  O   . HOH E 5 .   ? 6.560   9.709   -11.154 1.00 39.44 ? 360 HOH A O   1 
HETATM 987  O  O   . HOH E 5 .   ? 15.567  -9.451  1.006   1.00 41.52 ? 361 HOH A O   1 
HETATM 988  O  O   . HOH E 5 .   ? -2.106  6.443   8.609   1.00 34.72 ? 362 HOH A O   1 
HETATM 989  O  O   . HOH E 5 .   ? 15.576  2.698   -7.045  1.00 48.96 ? 363 HOH A O   1 
HETATM 990  O  O   . HOH E 5 .   ? -17.428 -1.754  -10.463 0.53 32.61 ? 364 HOH A O   1 
HETATM 991  O  O   . HOH E 5 .   ? -9.650  5.984   8.339   1.00 39.23 ? 365 HOH A O   1 
HETATM 992  O  O   . HOH E 5 .   ? -11.903 5.417   -1.789  1.00 39.29 ? 366 HOH A O   1 
HETATM 993  O  O   . HOH E 5 .   ? 0.049   -12.786 -2.119  0.92 48.95 ? 367 HOH A O   1 
HETATM 994  O  O   . HOH E 5 .   ? 1.733   -12.319 0.420   0.85 45.30 ? 368 HOH A O   1 
HETATM 995  O  O   . HOH E 5 .   ? -11.782 3.197   10.918  1.00 36.58 ? 369 HOH A O   1 
HETATM 996  O  O   . HOH E 5 .   ? 22.779  1.008   -2.086  0.57 31.43 ? 370 HOH A O   1 
HETATM 997  O  O   . HOH E 5 .   ? -10.520 -6.347  -12.551 1.00 37.98 ? 371 HOH A O   1 
HETATM 998  O  O   . HOH E 5 .   ? 19.310  7.107   -4.168  0.89 45.32 ? 372 HOH A O   1 
HETATM 999  O  O   . HOH E 5 .   ? -14.426 -10.688 -1.528  0.67 35.82 ? 373 HOH A O   1 
HETATM 1000 O  O   . HOH E 5 .   ? -1.733  4.873   13.321  0.53 32.68 ? 374 HOH A O   1 
HETATM 1001 O  O   . HOH E 5 .   ? 19.402  1.866   1.028   1.00 29.74 ? 375 HOH A O   1 
HETATM 1002 O  O   . HOH E 5 .   ? -7.154  3.249   10.370  1.00 34.99 ? 376 HOH A O   1 
HETATM 1003 O  O   . HOH E 5 .   ? -0.634  2.860   12.729  1.00 42.22 ? 377 HOH A O   1 
HETATM 1004 O  O   . HOH E 5 .   ? 14.351  15.188  -2.484  1.00 37.40 ? 378 HOH A O   1 
HETATM 1005 O  O   . HOH E 5 .   ? -13.926 -0.221  16.852  1.00 47.03 ? 379 HOH A O   1 
HETATM 1006 O  O   . HOH E 5 .   ? 2.432   -10.336 -2.560  1.00 43.03 ? 380 HOH A O   1 
HETATM 1007 O  O   . HOH E 5 .   ? -1.971  -7.040  -10.048 1.00 38.34 ? 381 HOH A O   1 
HETATM 1008 O  O   . HOH E 5 .   ? 8.197   0.529   -11.102 1.00 42.25 ? 382 HOH A O   1 
HETATM 1009 O  O   A HOH E 5 .   ? 7.324   -8.505  -0.513  0.85 34.90 ? 383 HOH A O   1 
HETATM 1010 O  O   . HOH E 5 .   ? -6.351  -9.667  13.101  1.00 42.05 ? 384 HOH A O   1 
HETATM 1011 O  O   . HOH E 5 .   ? 10.343  6.344   -12.540 0.82 38.49 ? 385 HOH A O   1 
HETATM 1012 O  O   . HOH E 5 .   ? 10.098  9.654   14.096  0.86 41.05 ? 386 HOH A O   1 
HETATM 1013 O  O   . HOH E 5 .   ? 9.890   3.704   -12.778 0.90 45.40 ? 387 HOH A O   1 
HETATM 1014 O  O   . HOH E 5 .   ? 10.193  -10.308 -3.130  1.00 44.86 ? 388 HOH A O   1 
HETATM 1015 O  O   A HOH E 5 .   ? 5.413   -9.347  1.366   0.51 39.26 ? 389 HOH A O   1 
HETATM 1016 O  O   B HOH E 5 .   ? 5.452   -9.339  1.306   0.49 39.32 ? 389 HOH A O   1 
HETATM 1017 O  O   . HOH E 5 .   ? 18.165  -3.741  4.752   1.00 51.40 ? 390 HOH A O   1 
HETATM 1018 O  O   . HOH E 5 .   ? -9.000  -10.730 -12.484 1.00 45.00 ? 391 HOH A O   1 
HETATM 1019 O  O   . HOH E 5 .   ? -16.627 -4.524  6.302   1.00 45.71 ? 392 HOH A O   1 
HETATM 1020 O  O   . HOH E 5 .   ? 5.175   14.880  1.904   1.00 35.57 ? 393 HOH A O   1 
HETATM 1021 O  O   . HOH E 5 .   ? 1.002   12.520  1.962   0.79 38.57 ? 394 HOH A O   1 
HETATM 1022 O  O   . HOH E 5 .   ? -3.890  7.846   7.541   1.00 49.45 ? 395 HOH A O   1 
HETATM 1023 O  O   . HOH E 5 .   ? -6.821  10.340  -3.358  1.00 40.81 ? 396 HOH A O   1 
HETATM 1024 O  O   . HOH E 5 .   ? 1.005   -10.170 -4.466  1.00 48.54 ? 397 HOH A O   1 
HETATM 1025 O  O   . HOH E 5 .   ? -9.926  6.627   11.850  1.00 52.14 ? 398 HOH A O   1 
HETATM 1026 O  O   . HOH E 5 .   ? -12.713 -4.888  -9.653  1.00 48.17 ? 399 HOH A O   1 
HETATM 1027 O  O   . HOH E 5 .   ? 1.249   -11.780 -7.227  0.91 58.55 ? 400 HOH A O   1 
HETATM 1028 O  O   . HOH E 5 .   ? 14.161  9.211   -13.086 0.61 41.28 ? 401 HOH A O   1 
HETATM 1029 O  O   . HOH E 5 .   ? 7.458   7.453   13.155  1.00 44.86 ? 402 HOH A O   1 
HETATM 1030 O  O   . HOH E 5 .   ? 12.545  -2.058  7.527   1.00 41.24 ? 403 HOH A O   1 
HETATM 1031 O  O   A HOH E 5 .   ? 4.277   9.698   -11.538 0.69 35.86 ? 404 HOH A O   1 
HETATM 1032 O  O   . HOH E 5 .   ? -2.430  11.746  4.917   1.00 46.17 ? 405 HOH A O   1 
HETATM 1033 O  O   . HOH E 5 .   ? 2.194   -7.156  -7.087  1.00 31.02 ? 406 HOH A O   1 
HETATM 1034 O  O   . HOH E 5 .   ? 5.662   10.984  12.061  1.00 46.18 ? 407 HOH A O   1 
# 
